data_1X4B
#
_entry.id   1X4B
#
_entity_poly.entity_id   1
_entity_poly.type   'polypeptide(L)'
_entity_poly.pdbx_seq_one_letter_code
;GSSGSSGMEKTLETVPLERKKREKEQFRKLFIGGLSFETTEESLRNYYEQWGKLTDCVVMRDPASKRSRGFGFVTFSSMA
EVDAAMAARPHSIDGRVVEPKRAVAREESGSGPSSG
;
_entity_poly.pdbx_strand_id   A
#
# COMPACT_ATOMS: atom_id res chain seq x y z
N GLY A 1 12.97 -33.66 5.63
CA GLY A 1 13.73 -32.88 4.66
C GLY A 1 12.79 -32.18 3.67
N SER A 2 12.39 -30.97 4.04
CA SER A 2 11.50 -30.19 3.21
C SER A 2 12.23 -28.92 2.72
N SER A 3 11.70 -28.37 1.63
CA SER A 3 12.29 -27.17 1.06
C SER A 3 11.52 -26.78 -0.21
N GLY A 4 11.70 -25.52 -0.60
CA GLY A 4 11.04 -25.01 -1.79
C GLY A 4 10.83 -23.50 -1.70
N SER A 5 10.95 -22.84 -2.84
CA SER A 5 10.79 -21.40 -2.89
C SER A 5 10.90 -20.91 -4.35
N SER A 6 10.65 -19.64 -4.53
CA SER A 6 10.72 -19.04 -5.85
C SER A 6 10.30 -17.57 -5.79
N GLY A 7 10.69 -16.83 -6.81
CA GLY A 7 10.36 -15.41 -6.89
C GLY A 7 10.88 -14.79 -8.19
N MET A 8 10.59 -13.51 -8.35
CA MET A 8 11.02 -12.79 -9.54
C MET A 8 10.70 -11.30 -9.42
N GLU A 9 11.72 -10.55 -9.03
CA GLU A 9 11.56 -9.11 -8.87
C GLU A 9 12.48 -8.36 -9.84
N LYS A 10 11.86 -7.54 -10.68
CA LYS A 10 12.61 -6.78 -11.65
C LYS A 10 13.54 -5.80 -10.93
N THR A 11 14.35 -5.11 -11.72
CA THR A 11 15.28 -4.14 -11.16
C THR A 11 15.06 -2.76 -11.79
N LEU A 12 14.87 -2.77 -13.10
CA LEU A 12 14.65 -1.53 -13.83
C LEU A 12 15.91 -0.68 -13.77
N GLU A 13 15.90 0.39 -14.54
CA GLU A 13 17.03 1.30 -14.59
C GLU A 13 16.60 2.67 -15.11
N THR A 14 17.26 3.70 -14.59
CA THR A 14 16.95 5.07 -15.00
C THR A 14 15.48 5.37 -14.75
N VAL A 15 15.22 6.13 -13.69
CA VAL A 15 13.86 6.49 -13.33
C VAL A 15 13.64 7.97 -13.66
N PRO A 16 12.46 8.26 -14.24
CA PRO A 16 12.10 9.62 -14.62
C PRO A 16 11.73 10.44 -13.38
N LEU A 17 12.16 11.70 -13.39
CA LEU A 17 11.88 12.59 -12.28
C LEU A 17 10.74 13.54 -12.68
N GLU A 18 9.87 13.80 -11.72
CA GLU A 18 8.74 14.68 -11.95
C GLU A 18 8.52 15.59 -10.74
N ARG A 19 7.79 16.67 -10.98
CA ARG A 19 7.50 17.63 -9.93
C ARG A 19 7.00 16.90 -8.67
N LYS A 20 6.38 15.76 -8.90
CA LYS A 20 5.86 14.96 -7.81
C LYS A 20 4.69 15.69 -7.16
N LYS A 21 5.01 16.53 -6.18
CA LYS A 21 4.00 17.30 -5.48
C LYS A 21 3.42 16.46 -4.34
N ARG A 22 2.86 17.15 -3.36
CA ARG A 22 2.27 16.47 -2.22
C ARG A 22 3.26 15.45 -1.64
N GLU A 23 4.18 15.94 -0.84
CA GLU A 23 5.18 15.09 -0.22
C GLU A 23 4.64 14.50 1.09
N LYS A 24 3.97 15.36 1.85
CA LYS A 24 3.40 14.95 3.12
C LYS A 24 2.48 13.75 2.90
N GLU A 25 1.90 13.71 1.72
CA GLU A 25 0.99 12.62 1.37
C GLU A 25 1.77 11.30 1.24
N GLN A 26 2.65 11.26 0.25
CA GLN A 26 3.45 10.08 0.02
C GLN A 26 4.27 9.73 1.27
N PHE A 27 4.60 10.77 2.03
CA PHE A 27 5.37 10.59 3.25
C PHE A 27 4.61 9.71 4.24
N ARG A 28 3.35 10.05 4.45
CA ARG A 28 2.52 9.31 5.37
C ARG A 28 1.43 8.54 4.61
N LYS A 29 1.84 7.93 3.52
CA LYS A 29 0.92 7.17 2.69
C LYS A 29 1.55 5.81 2.34
N LEU A 30 0.93 4.76 2.88
CA LEU A 30 1.43 3.42 2.64
C LEU A 30 0.48 2.70 1.67
N PHE A 31 1.08 1.97 0.75
CA PHE A 31 0.31 1.23 -0.25
C PHE A 31 0.10 -0.22 0.18
N ILE A 32 -1.14 -0.55 0.49
CA ILE A 32 -1.48 -1.90 0.91
C ILE A 32 -1.69 -2.79 -0.32
N GLY A 33 -1.00 -3.91 -0.33
CA GLY A 33 -1.10 -4.84 -1.44
C GLY A 33 -1.65 -6.19 -0.97
N GLY A 34 -2.60 -6.71 -1.75
CA GLY A 34 -3.22 -7.98 -1.42
C GLY A 34 -4.28 -7.82 -0.34
N LEU A 35 -5.42 -7.25 -0.75
CA LEU A 35 -6.51 -7.03 0.18
C LEU A 35 -7.50 -8.19 0.06
N SER A 36 -7.23 -9.07 -0.88
CA SER A 36 -8.09 -10.22 -1.11
C SER A 36 -9.30 -9.82 -1.94
N PHE A 37 -9.43 -8.52 -2.16
CA PHE A 37 -10.53 -7.99 -2.94
C PHE A 37 -11.83 -8.01 -2.14
N GLU A 38 -11.73 -8.53 -0.92
CA GLU A 38 -12.88 -8.61 -0.04
C GLU A 38 -12.71 -7.66 1.14
N THR A 39 -11.64 -6.90 1.10
CA THR A 39 -11.35 -5.94 2.16
C THR A 39 -11.62 -4.52 1.68
N THR A 40 -12.67 -3.93 2.22
CA THR A 40 -13.04 -2.57 1.86
C THR A 40 -12.21 -1.56 2.64
N GLU A 41 -12.45 -0.29 2.35
CA GLU A 41 -11.72 0.78 3.02
C GLU A 41 -11.83 0.62 4.53
N GLU A 42 -13.07 0.51 5.00
CA GLU A 42 -13.31 0.35 6.42
C GLU A 42 -12.67 -0.94 6.95
N SER A 43 -13.17 -2.06 6.42
CA SER A 43 -12.67 -3.36 6.82
C SER A 43 -11.15 -3.31 6.97
N LEU A 44 -10.53 -2.55 6.07
CA LEU A 44 -9.07 -2.41 6.08
C LEU A 44 -8.67 -1.53 7.27
N ARG A 45 -9.21 -0.32 7.28
CA ARG A 45 -8.91 0.62 8.35
C ARG A 45 -9.07 -0.05 9.72
N ASN A 46 -10.15 -0.81 9.84
CA ASN A 46 -10.43 -1.51 11.08
C ASN A 46 -9.17 -2.24 11.55
N TYR A 47 -8.30 -2.54 10.59
CA TYR A 47 -7.06 -3.23 10.89
C TYR A 47 -5.93 -2.23 11.14
N TYR A 48 -5.82 -1.27 10.23
CA TYR A 48 -4.79 -0.25 10.34
C TYR A 48 -5.28 0.95 11.16
N GLU A 49 -6.25 0.67 12.02
CA GLU A 49 -6.81 1.71 12.87
C GLU A 49 -6.19 1.64 14.27
N GLN A 50 -5.60 0.49 14.56
CA GLN A 50 -4.97 0.28 15.85
C GLN A 50 -3.67 1.08 15.94
N TRP A 51 -2.74 0.74 15.05
CA TRP A 51 -1.46 1.41 15.02
C TRP A 51 -1.71 2.92 15.01
N GLY A 52 -2.70 3.32 14.24
CA GLY A 52 -3.06 4.72 14.15
C GLY A 52 -4.31 4.91 13.29
N LYS A 53 -4.93 6.08 13.45
CA LYS A 53 -6.14 6.40 12.70
C LYS A 53 -5.75 6.91 11.32
N LEU A 54 -6.30 6.26 10.30
CA LEU A 54 -6.01 6.65 8.93
C LEU A 54 -6.87 7.86 8.57
N THR A 55 -6.18 8.95 8.25
CA THR A 55 -6.86 10.19 7.89
C THR A 55 -7.48 10.06 6.49
N ASP A 56 -7.00 9.07 5.76
CA ASP A 56 -7.49 8.82 4.41
C ASP A 56 -7.14 7.40 3.99
N CYS A 57 -8.17 6.66 3.64
CA CYS A 57 -7.99 5.27 3.22
C CYS A 57 -8.70 5.09 1.87
N VAL A 58 -7.91 4.73 0.87
CA VAL A 58 -8.44 4.51 -0.46
C VAL A 58 -8.14 3.07 -0.90
N VAL A 59 -9.14 2.47 -1.53
CA VAL A 59 -9.00 1.10 -2.01
C VAL A 59 -9.29 1.06 -3.51
N MET A 60 -8.24 0.75 -4.27
CA MET A 60 -8.36 0.67 -5.72
C MET A 60 -9.25 -0.52 -6.12
N ARG A 61 -10.04 -0.28 -7.16
CA ARG A 61 -10.94 -1.32 -7.65
C ARG A 61 -10.62 -1.64 -9.12
N ASP A 62 -10.76 -2.92 -9.45
CA ASP A 62 -10.48 -3.37 -10.80
C ASP A 62 -11.06 -2.36 -11.80
N PRO A 63 -10.18 -1.88 -12.72
CA PRO A 63 -10.60 -0.92 -13.72
C PRO A 63 -11.43 -1.61 -14.82
N ALA A 64 -11.43 -2.92 -14.78
CA ALA A 64 -12.17 -3.71 -15.76
C ALA A 64 -13.36 -4.39 -15.06
N SER A 65 -13.10 -4.90 -13.88
CA SER A 65 -14.13 -5.58 -13.12
C SER A 65 -14.99 -4.54 -12.37
N LYS A 66 -14.33 -3.49 -11.93
CA LYS A 66 -15.01 -2.43 -11.21
C LYS A 66 -15.53 -2.97 -9.88
N ARG A 67 -14.68 -3.76 -9.23
CA ARG A 67 -15.03 -4.36 -7.95
C ARG A 67 -13.96 -4.04 -6.91
N SER A 68 -12.85 -4.77 -6.99
CA SER A 68 -11.75 -4.58 -6.07
C SER A 68 -10.45 -5.05 -6.71
N ARG A 69 -9.43 -4.21 -6.58
CA ARG A 69 -8.12 -4.53 -7.14
C ARG A 69 -7.33 -5.41 -6.16
N GLY A 70 -7.51 -5.13 -4.88
CA GLY A 70 -6.82 -5.88 -3.85
C GLY A 70 -5.66 -5.07 -3.27
N PHE A 71 -5.72 -3.76 -3.49
CA PHE A 71 -4.68 -2.87 -3.00
C PHE A 71 -5.19 -1.43 -2.93
N GLY A 72 -4.66 -0.69 -1.96
CA GLY A 72 -5.04 0.69 -1.78
C GLY A 72 -3.95 1.47 -1.03
N PHE A 73 -4.37 2.56 -0.42
CA PHE A 73 -3.45 3.40 0.32
C PHE A 73 -4.01 3.75 1.71
N VAL A 74 -3.12 3.81 2.67
CA VAL A 74 -3.52 4.13 4.04
C VAL A 74 -2.70 5.33 4.54
N THR A 75 -3.41 6.42 4.79
CA THR A 75 -2.76 7.63 5.27
C THR A 75 -2.97 7.78 6.78
N PHE A 76 -1.90 7.51 7.52
CA PHE A 76 -1.96 7.61 8.97
C PHE A 76 -2.05 9.08 9.41
N SER A 77 -2.29 9.26 10.70
CA SER A 77 -2.40 10.61 11.26
C SER A 77 -1.01 11.14 11.60
N SER A 78 -0.18 10.25 12.13
CA SER A 78 1.17 10.62 12.51
C SER A 78 2.18 9.72 11.80
N MET A 79 3.43 10.15 11.80
CA MET A 79 4.49 9.38 11.18
C MET A 79 4.97 8.26 12.09
N ALA A 80 4.57 8.35 13.35
CA ALA A 80 4.96 7.33 14.33
C ALA A 80 4.11 6.07 14.10
N GLU A 81 2.80 6.26 14.19
CA GLU A 81 1.88 5.16 14.00
C GLU A 81 2.23 4.37 12.75
N VAL A 82 2.25 5.08 11.63
CA VAL A 82 2.58 4.46 10.35
C VAL A 82 3.88 3.66 10.50
N ASP A 83 4.86 4.29 11.13
CA ASP A 83 6.14 3.65 11.34
C ASP A 83 5.94 2.31 12.07
N ALA A 84 5.00 2.32 13.00
CA ALA A 84 4.69 1.13 13.76
C ALA A 84 4.07 0.08 12.84
N ALA A 85 3.21 0.56 11.95
CA ALA A 85 2.55 -0.32 11.01
C ALA A 85 3.59 -0.99 10.11
N MET A 86 4.64 -0.23 9.81
CA MET A 86 5.71 -0.73 8.97
C MET A 86 6.41 -1.92 9.62
N ALA A 87 6.62 -1.80 10.92
CA ALA A 87 7.28 -2.87 11.67
C ALA A 87 6.23 -3.71 12.39
N ALA A 88 5.23 -4.12 11.62
CA ALA A 88 4.15 -4.93 12.16
C ALA A 88 3.74 -5.98 11.13
N ARG A 89 4.74 -6.72 10.65
CA ARG A 89 4.50 -7.76 9.68
C ARG A 89 4.70 -9.14 10.30
N PRO A 90 4.08 -10.16 9.65
CA PRO A 90 3.29 -9.92 8.46
C PRO A 90 1.95 -9.28 8.80
N HIS A 91 1.10 -9.17 7.79
CA HIS A 91 -0.21 -8.57 7.96
C HIS A 91 -1.29 -9.55 7.46
N SER A 92 -2.22 -9.86 8.35
CA SER A 92 -3.30 -10.76 8.01
C SER A 92 -4.65 -10.05 8.12
N ILE A 93 -5.32 -9.95 6.99
CA ILE A 93 -6.62 -9.29 6.94
C ILE A 93 -7.58 -10.12 6.08
N ASP A 94 -8.84 -10.11 6.49
CA ASP A 94 -9.86 -10.84 5.77
C ASP A 94 -9.54 -12.34 5.83
N GLY A 95 -8.62 -12.68 6.71
CA GLY A 95 -8.21 -14.07 6.89
C GLY A 95 -7.18 -14.47 5.83
N ARG A 96 -6.58 -13.46 5.21
CA ARG A 96 -5.58 -13.68 4.19
C ARG A 96 -4.28 -12.96 4.54
N VAL A 97 -3.20 -13.39 3.90
CA VAL A 97 -1.90 -12.79 4.13
C VAL A 97 -1.68 -11.66 3.13
N VAL A 98 -1.66 -10.44 3.65
CA VAL A 98 -1.45 -9.28 2.81
C VAL A 98 0.01 -8.84 2.89
N GLU A 99 0.28 -7.69 2.29
CA GLU A 99 1.64 -7.15 2.29
C GLU A 99 1.61 -5.65 2.02
N PRO A 100 1.93 -4.88 3.10
CA PRO A 100 1.94 -3.42 2.99
C PRO A 100 3.18 -2.94 2.23
N LYS A 101 3.10 -1.71 1.75
CA LYS A 101 4.19 -1.12 1.01
C LYS A 101 4.32 0.36 1.38
N ARG A 102 5.53 0.88 1.20
CA ARG A 102 5.79 2.28 1.50
C ARG A 102 4.95 3.19 0.62
N ALA A 103 4.66 2.70 -0.58
CA ALA A 103 3.85 3.46 -1.52
C ALA A 103 4.76 4.41 -2.30
N VAL A 104 5.57 5.15 -1.56
CA VAL A 104 6.49 6.10 -2.15
C VAL A 104 7.14 5.46 -3.38
N ALA A 105 7.38 6.29 -4.39
CA ALA A 105 8.00 5.82 -5.62
C ALA A 105 7.39 4.48 -6.00
N ARG A 106 6.33 4.55 -6.80
CA ARG A 106 5.65 3.34 -7.25
C ARG A 106 5.62 3.29 -8.78
N GLU A 107 5.62 2.07 -9.30
CA GLU A 107 5.59 1.88 -10.74
C GLU A 107 4.50 2.75 -11.37
N GLU A 108 4.93 3.58 -12.30
CA GLU A 108 4.00 4.47 -12.99
C GLU A 108 4.32 4.51 -14.49
N SER A 109 3.67 3.63 -15.22
CA SER A 109 3.87 3.56 -16.66
C SER A 109 3.72 4.95 -17.28
N GLY A 110 4.51 5.18 -18.32
CA GLY A 110 4.47 6.46 -19.00
C GLY A 110 4.85 6.30 -20.48
N SER A 111 5.22 7.42 -21.08
CA SER A 111 5.61 7.41 -22.48
C SER A 111 6.13 8.80 -22.89
N GLY A 112 7.04 8.80 -23.85
CA GLY A 112 7.62 10.04 -24.34
C GLY A 112 8.59 10.63 -23.30
N PRO A 113 9.89 10.69 -23.70
CA PRO A 113 10.92 11.21 -22.84
C PRO A 113 10.84 12.74 -22.77
N SER A 114 10.90 13.25 -21.55
CA SER A 114 10.83 14.69 -21.33
C SER A 114 12.11 15.17 -20.63
N SER A 115 12.92 15.89 -21.38
CA SER A 115 14.18 16.40 -20.85
C SER A 115 14.93 17.18 -21.93
N GLY A 116 15.58 18.25 -21.51
CA GLY A 116 16.34 19.08 -22.43
C GLY A 116 15.59 19.24 -23.76
N GLY A 1 0.54 -32.93 -6.03
CA GLY A 1 1.41 -32.01 -6.76
C GLY A 1 0.79 -30.60 -6.81
N SER A 2 1.65 -29.63 -7.08
CA SER A 2 1.21 -28.25 -7.16
C SER A 2 2.23 -27.42 -7.95
N SER A 3 1.83 -26.19 -8.25
CA SER A 3 2.70 -25.29 -8.99
C SER A 3 2.17 -23.86 -8.90
N GLY A 4 2.99 -22.93 -9.38
CA GLY A 4 2.61 -21.52 -9.36
C GLY A 4 3.82 -20.63 -9.54
N SER A 5 3.61 -19.52 -10.24
CA SER A 5 4.68 -18.57 -10.49
C SER A 5 4.12 -17.30 -11.13
N SER A 6 4.85 -16.21 -10.95
CA SER A 6 4.44 -14.94 -11.51
C SER A 6 5.44 -13.85 -11.10
N GLY A 7 5.44 -12.78 -11.89
CA GLY A 7 6.34 -11.66 -11.64
C GLY A 7 7.16 -11.32 -12.88
N MET A 8 7.01 -10.09 -13.33
CA MET A 8 7.73 -9.62 -14.50
C MET A 8 7.48 -8.13 -14.74
N GLU A 9 8.32 -7.32 -14.13
CA GLU A 9 8.21 -5.88 -14.27
C GLU A 9 9.60 -5.24 -14.39
N LYS A 10 9.60 -3.96 -14.72
CA LYS A 10 10.85 -3.22 -14.87
C LYS A 10 10.86 -2.03 -13.90
N THR A 11 11.96 -1.31 -13.92
CA THR A 11 12.11 -0.14 -13.06
C THR A 11 12.96 0.92 -13.74
N LEU A 12 12.71 2.17 -13.37
CA LEU A 12 13.46 3.28 -13.94
C LEU A 12 14.39 3.86 -12.87
N GLU A 13 15.18 4.84 -13.29
CA GLU A 13 16.11 5.48 -12.39
C GLU A 13 15.67 6.91 -12.08
N THR A 14 15.94 7.33 -10.85
CA THR A 14 15.56 8.67 -10.43
C THR A 14 16.13 8.96 -9.03
N VAL A 15 16.24 10.24 -8.72
CA VAL A 15 16.76 10.66 -7.43
C VAL A 15 15.64 10.63 -6.40
N PRO A 16 16.02 10.33 -5.13
CA PRO A 16 15.06 10.27 -4.04
C PRO A 16 14.63 11.67 -3.63
N LEU A 17 13.87 12.32 -4.50
CA LEU A 17 13.39 13.66 -4.24
C LEU A 17 12.46 14.10 -5.36
N GLU A 18 11.18 14.16 -5.04
CA GLU A 18 10.18 14.57 -6.01
C GLU A 18 8.79 14.60 -5.36
N ARG A 19 8.14 15.75 -5.48
CA ARG A 19 6.82 15.93 -4.91
C ARG A 19 5.81 16.26 -6.02
N LYS A 20 4.55 16.01 -5.71
CA LYS A 20 3.48 16.26 -6.66
C LYS A 20 2.27 16.85 -5.93
N LYS A 21 1.67 16.02 -5.08
CA LYS A 21 0.51 16.45 -4.31
C LYS A 21 0.98 17.01 -2.97
N ARG A 22 1.99 16.36 -2.41
CA ARG A 22 2.53 16.78 -1.13
C ARG A 22 3.59 15.78 -0.64
N GLU A 23 4.65 16.33 -0.07
CA GLU A 23 5.74 15.49 0.43
C GLU A 23 5.43 15.04 1.86
N LYS A 24 4.37 15.60 2.42
CA LYS A 24 3.95 15.27 3.76
C LYS A 24 2.97 14.09 3.71
N GLU A 25 2.38 13.91 2.55
CA GLU A 25 1.41 12.84 2.35
C GLU A 25 2.14 11.52 2.11
N GLN A 26 2.92 11.49 1.03
CA GLN A 26 3.67 10.30 0.68
C GLN A 26 4.42 9.77 1.90
N PHE A 27 4.87 10.70 2.74
CA PHE A 27 5.60 10.33 3.93
C PHE A 27 4.77 9.43 4.83
N ARG A 28 3.52 9.83 5.04
CA ARG A 28 2.61 9.07 5.87
C ARG A 28 1.57 8.36 5.01
N LYS A 29 2.04 7.77 3.93
CA LYS A 29 1.16 7.06 3.02
C LYS A 29 1.86 5.80 2.52
N LEU A 30 1.25 4.65 2.83
CA LEU A 30 1.80 3.37 2.42
C LEU A 30 0.83 2.69 1.45
N PHE A 31 1.40 1.92 0.53
CA PHE A 31 0.61 1.22 -0.46
C PHE A 31 0.35 -0.23 -0.01
N ILE A 32 -0.87 -0.48 0.42
CA ILE A 32 -1.25 -1.81 0.87
C ILE A 32 -1.55 -2.69 -0.34
N GLY A 33 -0.96 -3.87 -0.34
CA GLY A 33 -1.14 -4.81 -1.43
C GLY A 33 -1.63 -6.17 -0.91
N GLY A 34 -2.60 -6.73 -1.61
CA GLY A 34 -3.16 -8.01 -1.24
C GLY A 34 -4.24 -7.84 -0.17
N LEU A 35 -5.35 -7.24 -0.58
CA LEU A 35 -6.46 -7.02 0.33
C LEU A 35 -7.48 -8.15 0.17
N SER A 36 -7.17 -9.06 -0.74
CA SER A 36 -8.04 -10.19 -1.00
C SER A 36 -9.21 -9.77 -1.89
N PHE A 37 -9.22 -8.48 -2.22
CA PHE A 37 -10.27 -7.94 -3.07
C PHE A 37 -11.57 -7.76 -2.28
N GLU A 38 -11.52 -8.18 -1.02
CA GLU A 38 -12.68 -8.07 -0.15
C GLU A 38 -12.50 -6.92 0.84
N THR A 39 -11.48 -7.07 1.68
CA THR A 39 -11.18 -6.05 2.68
C THR A 39 -11.41 -4.65 2.10
N THR A 40 -12.58 -4.11 2.38
CA THR A 40 -12.93 -2.78 1.90
C THR A 40 -12.17 -1.72 2.69
N GLU A 41 -12.52 -0.47 2.42
CA GLU A 41 -11.88 0.65 3.08
C GLU A 41 -11.97 0.48 4.61
N GLU A 42 -13.19 0.29 5.08
CA GLU A 42 -13.42 0.11 6.50
C GLU A 42 -12.70 -1.14 7.00
N SER A 43 -13.12 -2.29 6.48
CA SER A 43 -12.53 -3.56 6.85
C SER A 43 -11.00 -3.42 6.92
N LEU A 44 -10.48 -2.55 6.07
CA LEU A 44 -9.05 -2.32 6.02
C LEU A 44 -8.65 -1.38 7.15
N ARG A 45 -9.45 -0.35 7.34
CA ARG A 45 -9.18 0.63 8.39
C ARG A 45 -9.28 -0.05 9.77
N ASN A 46 -10.35 -0.79 9.95
CA ASN A 46 -10.56 -1.49 11.21
C ASN A 46 -9.28 -2.22 11.61
N TYR A 47 -8.47 -2.52 10.61
CA TYR A 47 -7.21 -3.22 10.83
C TYR A 47 -6.08 -2.23 11.12
N TYR A 48 -5.94 -1.27 10.23
CA TYR A 48 -4.91 -0.26 10.37
C TYR A 48 -5.42 0.94 11.18
N GLU A 49 -6.37 0.65 12.05
CA GLU A 49 -6.95 1.69 12.90
C GLU A 49 -6.32 1.66 14.29
N GLN A 50 -5.72 0.53 14.60
CA GLN A 50 -5.08 0.36 15.90
C GLN A 50 -3.79 1.18 15.96
N TRP A 51 -2.86 0.85 15.07
CA TRP A 51 -1.60 1.54 15.02
C TRP A 51 -1.88 3.05 14.98
N GLY A 52 -2.86 3.42 14.18
CA GLY A 52 -3.25 4.82 14.06
C GLY A 52 -4.49 4.97 13.17
N LYS A 53 -5.17 6.09 13.36
CA LYS A 53 -6.37 6.37 12.59
C LYS A 53 -5.98 6.86 11.20
N LEU A 54 -6.45 6.14 10.19
CA LEU A 54 -6.17 6.49 8.81
C LEU A 54 -6.98 7.72 8.42
N THR A 55 -6.26 8.83 8.26
CA THR A 55 -6.91 10.08 7.89
C THR A 55 -7.37 10.04 6.43
N ASP A 56 -6.84 9.05 5.71
CA ASP A 56 -7.18 8.89 4.31
C ASP A 56 -6.88 7.46 3.88
N CYS A 57 -7.94 6.71 3.62
CA CYS A 57 -7.79 5.33 3.20
C CYS A 57 -8.61 5.13 1.92
N VAL A 58 -7.92 4.63 0.89
CA VAL A 58 -8.57 4.38 -0.39
C VAL A 58 -8.24 2.97 -0.86
N VAL A 59 -9.23 2.33 -1.46
CA VAL A 59 -9.06 0.97 -1.95
C VAL A 59 -9.31 0.96 -3.47
N MET A 60 -8.24 0.66 -4.20
CA MET A 60 -8.33 0.61 -5.66
C MET A 60 -9.18 -0.58 -6.11
N ARG A 61 -9.88 -0.38 -7.21
CA ARG A 61 -10.71 -1.44 -7.76
C ARG A 61 -10.40 -1.64 -9.25
N ASP A 62 -10.28 -2.91 -9.62
CA ASP A 62 -9.99 -3.27 -10.99
C ASP A 62 -10.78 -2.36 -11.93
N PRO A 63 -10.05 -1.77 -12.92
CA PRO A 63 -10.68 -0.88 -13.89
C PRO A 63 -11.50 -1.67 -14.91
N ALA A 64 -11.37 -2.99 -14.84
CA ALA A 64 -12.09 -3.86 -15.75
C ALA A 64 -13.11 -4.68 -14.96
N SER A 65 -12.68 -5.13 -13.78
CA SER A 65 -13.54 -5.92 -12.92
C SER A 65 -14.40 -5.00 -12.06
N LYS A 66 -13.80 -3.89 -11.64
CA LYS A 66 -14.50 -2.93 -10.81
C LYS A 66 -14.97 -3.61 -9.52
N ARG A 67 -14.24 -4.66 -9.15
CA ARG A 67 -14.57 -5.40 -7.94
C ARG A 67 -13.34 -5.53 -7.03
N SER A 68 -12.85 -4.37 -6.60
CA SER A 68 -11.68 -4.35 -5.74
C SER A 68 -10.48 -4.96 -6.46
N ARG A 69 -9.37 -4.22 -6.44
CA ARG A 69 -8.16 -4.68 -7.08
C ARG A 69 -7.36 -5.58 -6.13
N GLY A 70 -7.40 -5.22 -4.86
CA GLY A 70 -6.68 -5.97 -3.84
C GLY A 70 -5.55 -5.13 -3.24
N PHE A 71 -5.64 -3.83 -3.46
CA PHE A 71 -4.63 -2.92 -2.94
C PHE A 71 -5.17 -1.49 -2.86
N GLY A 72 -4.67 -0.76 -1.88
CA GLY A 72 -5.10 0.62 -1.68
C GLY A 72 -4.03 1.42 -0.94
N PHE A 73 -4.44 2.56 -0.42
CA PHE A 73 -3.53 3.44 0.31
C PHE A 73 -4.08 3.74 1.72
N VAL A 74 -3.15 3.87 2.65
CA VAL A 74 -3.52 4.17 4.03
C VAL A 74 -2.66 5.32 4.55
N THR A 75 -3.34 6.39 4.94
CA THR A 75 -2.66 7.56 5.45
C THR A 75 -2.96 7.75 6.95
N PHE A 76 -1.93 7.54 7.76
CA PHE A 76 -2.08 7.69 9.20
C PHE A 76 -2.07 9.16 9.60
N SER A 77 -2.33 9.39 10.88
CA SER A 77 -2.35 10.74 11.41
C SER A 77 -0.94 11.18 11.79
N SER A 78 -0.24 10.29 12.47
CA SER A 78 1.12 10.57 12.90
C SER A 78 2.09 9.68 12.14
N MET A 79 3.33 10.14 12.05
CA MET A 79 4.37 9.40 11.35
C MET A 79 4.92 8.28 12.24
N ALA A 80 4.55 8.34 13.51
CA ALA A 80 5.01 7.34 14.46
C ALA A 80 4.22 6.05 14.25
N GLU A 81 2.90 6.19 14.25
CA GLU A 81 2.02 5.05 14.05
C GLU A 81 2.37 4.32 12.75
N VAL A 82 2.32 5.09 11.67
CA VAL A 82 2.63 4.54 10.35
C VAL A 82 3.93 3.74 10.42
N ASP A 83 4.93 4.35 11.03
CA ASP A 83 6.23 3.71 11.18
C ASP A 83 6.05 2.38 11.91
N ALA A 84 5.01 2.32 12.73
CA ALA A 84 4.73 1.13 13.49
C ALA A 84 4.08 0.08 12.57
N ALA A 85 2.97 0.47 11.98
CA ALA A 85 2.24 -0.42 11.09
C ALA A 85 3.21 -0.95 10.03
N MET A 86 4.05 -0.06 9.53
CA MET A 86 5.03 -0.43 8.51
C MET A 86 5.87 -1.62 8.98
N ALA A 87 6.38 -1.51 10.20
CA ALA A 87 7.21 -2.56 10.77
C ALA A 87 6.36 -3.40 11.74
N ALA A 88 5.19 -3.79 11.26
CA ALA A 88 4.28 -4.59 12.06
C ALA A 88 3.82 -5.81 11.25
N ARG A 89 4.76 -6.39 10.52
CA ARG A 89 4.47 -7.55 9.70
C ARG A 89 4.70 -8.84 10.49
N PRO A 90 4.10 -9.94 9.99
CA PRO A 90 3.29 -9.86 8.78
C PRO A 90 1.93 -9.21 9.07
N HIS A 91 1.14 -9.07 8.02
CA HIS A 91 -0.17 -8.47 8.15
C HIS A 91 -1.23 -9.39 7.54
N SER A 92 -2.18 -9.80 8.37
CA SER A 92 -3.23 -10.69 7.92
C SER A 92 -4.58 -9.96 8.02
N ILE A 93 -5.23 -9.83 6.87
CA ILE A 93 -6.52 -9.17 6.81
C ILE A 93 -7.47 -9.99 5.92
N ASP A 94 -8.74 -9.94 6.28
CA ASP A 94 -9.76 -10.67 5.54
C ASP A 94 -9.47 -12.17 5.64
N GLY A 95 -8.60 -12.51 6.58
CA GLY A 95 -8.24 -13.89 6.79
C GLY A 95 -7.06 -14.30 5.90
N ARG A 96 -6.66 -13.36 5.04
CA ARG A 96 -5.56 -13.61 4.13
C ARG A 96 -4.31 -12.86 4.60
N VAL A 97 -3.19 -13.20 3.98
CA VAL A 97 -1.93 -12.57 4.32
C VAL A 97 -1.63 -11.45 3.33
N VAL A 98 -1.83 -10.22 3.79
CA VAL A 98 -1.59 -9.06 2.95
C VAL A 98 -0.12 -8.67 3.03
N GLU A 99 0.21 -7.56 2.39
CA GLU A 99 1.57 -7.08 2.37
C GLU A 99 1.60 -5.58 2.05
N PRO A 100 1.95 -4.77 3.08
CA PRO A 100 2.02 -3.33 2.92
C PRO A 100 3.27 -2.92 2.13
N LYS A 101 3.21 -1.73 1.55
CA LYS A 101 4.33 -1.21 0.79
C LYS A 101 4.44 0.29 1.01
N ARG A 102 5.56 0.84 0.54
CA ARG A 102 5.80 2.26 0.69
C ARG A 102 5.31 3.02 -0.55
N ALA A 103 4.49 4.03 -0.29
CA ALA A 103 3.93 4.84 -1.36
C ALA A 103 4.81 6.06 -1.58
N VAL A 104 6.09 5.80 -1.82
CA VAL A 104 7.04 6.87 -2.05
C VAL A 104 7.84 6.58 -3.32
N ALA A 105 8.32 7.65 -3.94
CA ALA A 105 9.09 7.53 -5.16
C ALA A 105 8.15 7.17 -6.32
N ARG A 106 7.72 5.92 -6.32
CA ARG A 106 6.83 5.44 -7.36
C ARG A 106 5.80 6.52 -7.72
N GLU A 107 5.36 6.48 -8.96
CA GLU A 107 4.38 7.43 -9.43
C GLU A 107 4.97 8.85 -9.44
N GLU A 108 5.75 9.13 -10.48
CA GLU A 108 6.38 10.43 -10.61
C GLU A 108 5.51 11.36 -11.44
N SER A 109 5.24 10.93 -12.67
CA SER A 109 4.42 11.72 -13.57
C SER A 109 5.03 13.11 -13.76
N GLY A 110 5.63 13.31 -14.92
CA GLY A 110 6.26 14.58 -15.25
C GLY A 110 5.32 15.45 -16.10
N SER A 111 5.37 15.20 -17.40
CA SER A 111 4.54 15.95 -18.33
C SER A 111 4.55 17.44 -17.95
N GLY A 112 5.51 18.15 -18.52
CA GLY A 112 5.65 19.56 -18.26
C GLY A 112 5.79 20.35 -19.56
N PRO A 113 4.72 21.10 -19.91
CA PRO A 113 4.72 21.90 -21.13
C PRO A 113 5.58 23.15 -20.96
N SER A 114 6.87 22.99 -21.22
CA SER A 114 7.80 24.10 -21.11
C SER A 114 9.20 23.65 -21.53
N SER A 115 9.95 24.60 -22.07
CA SER A 115 11.30 24.31 -22.52
C SER A 115 11.92 25.58 -23.14
N GLY A 116 12.67 26.28 -22.33
CA GLY A 116 13.33 27.50 -22.79
C GLY A 116 14.35 28.00 -21.76
N GLY A 1 36.22 -26.15 -8.30
CA GLY A 1 35.09 -25.58 -7.59
C GLY A 1 34.07 -24.98 -8.57
N SER A 2 34.47 -23.87 -9.17
CA SER A 2 33.62 -23.19 -10.13
C SER A 2 32.30 -22.80 -9.46
N SER A 3 32.11 -21.49 -9.31
CA SER A 3 30.90 -20.97 -8.69
C SER A 3 30.65 -19.54 -9.15
N GLY A 4 29.39 -19.13 -9.03
CA GLY A 4 29.01 -17.78 -9.43
C GLY A 4 28.55 -16.96 -8.22
N SER A 5 28.64 -15.66 -8.37
CA SER A 5 28.23 -14.75 -7.30
C SER A 5 28.05 -13.34 -7.85
N SER A 6 27.10 -12.62 -7.25
CA SER A 6 26.82 -11.26 -7.67
C SER A 6 27.02 -10.30 -6.50
N GLY A 7 27.68 -9.18 -6.79
CA GLY A 7 27.95 -8.18 -5.78
C GLY A 7 27.76 -6.77 -6.34
N MET A 8 26.60 -6.20 -6.04
CA MET A 8 26.29 -4.86 -6.51
C MET A 8 26.34 -3.85 -5.36
N GLU A 9 27.40 -3.06 -5.35
CA GLU A 9 27.58 -2.06 -4.31
C GLU A 9 28.84 -1.23 -4.59
N LYS A 10 28.66 0.08 -4.59
CA LYS A 10 29.75 0.99 -4.84
C LYS A 10 29.26 2.43 -4.68
N THR A 11 28.17 2.73 -5.36
CA THR A 11 27.58 4.06 -5.31
C THR A 11 26.45 4.11 -4.28
N LEU A 12 26.23 5.29 -3.74
CA LEU A 12 25.19 5.48 -2.75
C LEU A 12 25.04 6.98 -2.46
N GLU A 13 24.33 7.67 -3.34
CA GLU A 13 24.11 9.09 -3.20
C GLU A 13 22.73 9.47 -3.73
N THR A 14 21.91 10.02 -2.84
CA THR A 14 20.57 10.43 -3.21
C THR A 14 20.31 11.86 -2.74
N VAL A 15 19.53 12.58 -3.55
CA VAL A 15 19.20 13.95 -3.22
C VAL A 15 17.78 14.26 -3.71
N PRO A 16 17.13 15.22 -3.01
CA PRO A 16 15.77 15.62 -3.37
C PRO A 16 15.76 16.46 -4.64
N LEU A 17 14.55 16.81 -5.06
CA LEU A 17 14.39 17.62 -6.27
C LEU A 17 14.10 19.07 -5.87
N GLU A 18 12.96 19.25 -5.22
CA GLU A 18 12.56 20.58 -4.77
C GLU A 18 11.23 20.50 -4.02
N ARG A 19 10.17 20.21 -4.77
CA ARG A 19 8.85 20.11 -4.19
C ARG A 19 7.90 19.40 -5.16
N LYS A 20 7.32 18.30 -4.67
CA LYS A 20 6.40 17.52 -5.48
C LYS A 20 4.98 17.65 -4.90
N LYS A 21 4.01 17.55 -5.79
CA LYS A 21 2.62 17.66 -5.38
C LYS A 21 2.32 16.62 -4.31
N ARG A 22 1.54 17.03 -3.33
CA ARG A 22 1.18 16.15 -2.23
C ARG A 22 2.41 15.39 -1.72
N GLU A 23 3.26 16.13 -1.02
CA GLU A 23 4.48 15.55 -0.47
C GLU A 23 4.23 15.04 0.95
N LYS A 24 3.17 15.57 1.56
CA LYS A 24 2.82 15.18 2.92
C LYS A 24 1.96 13.91 2.87
N GLU A 25 1.65 13.49 1.66
CA GLU A 25 0.84 12.30 1.46
C GLU A 25 1.74 11.08 1.23
N GLN A 26 2.46 11.11 0.12
CA GLN A 26 3.35 10.02 -0.23
C GLN A 26 4.31 9.75 0.92
N PHE A 27 4.45 10.73 1.81
CA PHE A 27 5.33 10.60 2.96
C PHE A 27 4.68 9.75 4.04
N ARG A 28 3.40 10.00 4.26
CA ARG A 28 2.65 9.26 5.27
C ARG A 28 1.58 8.38 4.60
N LYS A 29 1.84 8.03 3.35
CA LYS A 29 0.91 7.20 2.61
C LYS A 29 1.54 5.83 2.37
N LEU A 30 0.88 4.81 2.91
CA LEU A 30 1.37 3.45 2.77
C LEU A 30 0.46 2.69 1.79
N PHE A 31 1.07 2.14 0.76
CA PHE A 31 0.34 1.40 -0.25
C PHE A 31 0.19 -0.07 0.17
N ILE A 32 -1.04 -0.44 0.51
CA ILE A 32 -1.33 -1.79 0.91
C ILE A 32 -1.56 -2.66 -0.32
N GLY A 33 -0.93 -3.83 -0.32
CA GLY A 33 -1.07 -4.75 -1.44
C GLY A 33 -1.61 -6.10 -0.97
N GLY A 34 -2.58 -6.61 -1.73
CA GLY A 34 -3.19 -7.88 -1.41
C GLY A 34 -4.24 -7.72 -0.30
N LEU A 35 -5.38 -7.18 -0.68
CA LEU A 35 -6.47 -6.97 0.27
C LEU A 35 -7.48 -8.11 0.14
N SER A 36 -7.15 -9.06 -0.73
CA SER A 36 -8.01 -10.21 -0.94
C SER A 36 -9.20 -9.81 -1.83
N PHE A 37 -9.20 -8.55 -2.23
CA PHE A 37 -10.26 -8.03 -3.07
C PHE A 37 -11.55 -7.81 -2.27
N GLU A 38 -11.48 -8.17 -1.00
CA GLU A 38 -12.62 -8.01 -0.12
C GLU A 38 -12.40 -6.83 0.83
N THR A 39 -11.40 -6.98 1.70
CA THR A 39 -11.08 -5.93 2.66
C THR A 39 -11.26 -4.55 2.03
N THR A 40 -12.40 -3.95 2.33
CA THR A 40 -12.71 -2.63 1.80
C THR A 40 -11.93 -1.55 2.58
N GLU A 41 -12.36 -0.31 2.39
CA GLU A 41 -11.73 0.80 3.07
C GLU A 41 -11.84 0.65 4.58
N GLU A 42 -13.06 0.47 5.04
CA GLU A 42 -13.32 0.30 6.47
C GLU A 42 -12.57 -0.92 6.99
N SER A 43 -12.99 -2.08 6.53
CA SER A 43 -12.38 -3.33 6.95
C SER A 43 -10.86 -3.15 7.04
N LEU A 44 -10.34 -2.32 6.16
CA LEU A 44 -8.90 -2.05 6.14
C LEU A 44 -8.52 -1.23 7.36
N ARG A 45 -9.26 -0.14 7.56
CA ARG A 45 -9.00 0.74 8.69
C ARG A 45 -9.13 -0.03 10.00
N ASN A 46 -10.26 -0.71 10.15
CA ASN A 46 -10.52 -1.49 11.34
C ASN A 46 -9.25 -2.26 11.72
N TYR A 47 -8.45 -2.57 10.71
CA TYR A 47 -7.21 -3.29 10.92
C TYR A 47 -6.04 -2.34 11.13
N TYR A 48 -5.97 -1.34 10.27
CA TYR A 48 -4.90 -0.36 10.34
C TYR A 48 -5.29 0.80 11.26
N GLU A 49 -6.22 0.51 12.17
CA GLU A 49 -6.68 1.52 13.11
C GLU A 49 -5.98 1.34 14.46
N GLN A 50 -5.60 0.11 14.73
CA GLN A 50 -4.92 -0.20 15.98
C GLN A 50 -3.51 0.38 15.98
N TRP A 51 -3.06 0.76 14.79
CA TRP A 51 -1.73 1.33 14.64
C TRP A 51 -1.87 2.85 14.61
N GLY A 52 -2.96 3.32 14.02
CA GLY A 52 -3.23 4.74 13.92
C GLY A 52 -4.47 5.01 13.09
N LYS A 53 -5.00 6.22 13.24
CA LYS A 53 -6.19 6.62 12.50
C LYS A 53 -5.80 7.03 11.09
N LEU A 54 -6.43 6.39 10.12
CA LEU A 54 -6.16 6.68 8.72
C LEU A 54 -6.97 7.90 8.30
N THR A 55 -6.26 9.00 8.07
CA THR A 55 -6.89 10.24 7.65
C THR A 55 -7.31 10.15 6.19
N ASP A 56 -6.87 9.10 5.53
CA ASP A 56 -7.19 8.89 4.13
C ASP A 56 -6.97 7.42 3.78
N CYS A 57 -8.07 6.74 3.48
CA CYS A 57 -8.02 5.34 3.13
C CYS A 57 -8.74 5.15 1.79
N VAL A 58 -7.99 4.68 0.81
CA VAL A 58 -8.54 4.45 -0.51
C VAL A 58 -8.21 3.03 -0.97
N VAL A 59 -9.19 2.40 -1.60
CA VAL A 59 -9.01 1.04 -2.08
C VAL A 59 -9.31 1.00 -3.58
N MET A 60 -8.27 0.69 -4.35
CA MET A 60 -8.41 0.61 -5.79
C MET A 60 -9.30 -0.57 -6.20
N ARG A 61 -10.01 -0.38 -7.30
CA ARG A 61 -10.89 -1.41 -7.80
C ARG A 61 -10.59 -1.70 -9.27
N ASP A 62 -10.69 -2.98 -9.61
CA ASP A 62 -10.42 -3.41 -10.97
C ASP A 62 -11.21 -2.52 -11.95
N PRO A 63 -10.47 -1.98 -12.95
CA PRO A 63 -11.08 -1.11 -13.94
C PRO A 63 -11.91 -1.92 -14.94
N ALA A 64 -11.69 -3.23 -14.92
CA ALA A 64 -12.41 -4.13 -15.80
C ALA A 64 -13.49 -4.88 -15.01
N SER A 65 -13.13 -5.28 -13.80
CA SER A 65 -14.04 -6.00 -12.95
C SER A 65 -14.96 -5.02 -12.22
N LYS A 66 -14.40 -3.86 -11.88
CA LYS A 66 -15.14 -2.83 -11.19
C LYS A 66 -15.61 -3.37 -9.84
N ARG A 67 -14.73 -4.12 -9.20
CA ARG A 67 -15.04 -4.70 -7.90
C ARG A 67 -13.98 -4.30 -6.88
N SER A 68 -12.82 -4.93 -7.00
CA SER A 68 -11.71 -4.66 -6.09
C SER A 68 -10.41 -5.21 -6.66
N ARG A 69 -9.38 -4.38 -6.63
CA ARG A 69 -8.08 -4.76 -7.15
C ARG A 69 -7.34 -5.63 -6.12
N GLY A 70 -7.41 -5.20 -4.87
CA GLY A 70 -6.77 -5.92 -3.79
C GLY A 70 -5.62 -5.10 -3.19
N PHE A 71 -5.68 -3.80 -3.45
CA PHE A 71 -4.66 -2.89 -2.93
C PHE A 71 -5.18 -1.46 -2.87
N GLY A 72 -4.68 -0.72 -1.89
CA GLY A 72 -5.09 0.66 -1.70
C GLY A 72 -4.02 1.46 -0.96
N PHE A 73 -4.44 2.56 -0.37
CA PHE A 73 -3.54 3.41 0.38
C PHE A 73 -4.10 3.77 1.75
N VAL A 74 -3.21 3.88 2.71
CA VAL A 74 -3.61 4.20 4.07
C VAL A 74 -2.72 5.34 4.60
N THR A 75 -3.34 6.49 4.79
CA THR A 75 -2.62 7.64 5.29
C THR A 75 -2.88 7.84 6.78
N PHE A 76 -1.85 7.62 7.57
CA PHE A 76 -1.95 7.77 9.02
C PHE A 76 -1.93 9.24 9.41
N SER A 77 -2.22 9.48 10.68
CA SER A 77 -2.24 10.83 11.21
C SER A 77 -0.82 11.28 11.55
N SER A 78 -0.10 10.40 12.22
CA SER A 78 1.27 10.69 12.61
C SER A 78 2.23 9.73 11.91
N MET A 79 3.47 10.17 11.80
CA MET A 79 4.50 9.35 11.15
C MET A 79 4.92 8.19 12.05
N ALA A 80 4.58 8.32 13.33
CA ALA A 80 4.92 7.28 14.29
C ALA A 80 4.04 6.05 14.05
N GLU A 81 2.74 6.27 14.12
CA GLU A 81 1.79 5.19 13.91
C GLU A 81 2.15 4.39 12.66
N VAL A 82 2.18 5.10 11.54
CA VAL A 82 2.51 4.47 10.27
C VAL A 82 3.78 3.62 10.45
N ASP A 83 4.78 4.23 11.05
CA ASP A 83 6.05 3.55 11.28
C ASP A 83 5.78 2.23 12.01
N ALA A 84 4.77 2.26 12.87
CA ALA A 84 4.40 1.08 13.63
C ALA A 84 3.95 -0.03 12.67
N ALA A 85 2.89 0.27 11.94
CA ALA A 85 2.35 -0.68 10.98
C ALA A 85 3.50 -1.31 10.19
N MET A 86 4.45 -0.47 9.81
CA MET A 86 5.60 -0.93 9.05
C MET A 86 6.36 -2.02 9.82
N ALA A 87 6.47 -1.83 11.12
CA ALA A 87 7.16 -2.79 11.97
C ALA A 87 6.13 -3.62 12.72
N ALA A 88 5.13 -4.09 11.98
CA ALA A 88 4.07 -4.89 12.58
C ALA A 88 3.67 -5.98 11.58
N ARG A 89 4.67 -6.56 10.94
CA ARG A 89 4.42 -7.62 9.96
C ARG A 89 4.59 -8.99 10.60
N PRO A 90 4.00 -10.02 9.94
CA PRO A 90 3.29 -9.78 8.70
C PRO A 90 1.93 -9.14 8.96
N HIS A 91 1.14 -9.03 7.90
CA HIS A 91 -0.18 -8.44 8.00
C HIS A 91 -1.23 -9.42 7.48
N SER A 92 -2.19 -9.72 8.34
CA SER A 92 -3.25 -10.65 7.98
C SER A 92 -4.61 -9.95 8.06
N ILE A 93 -5.26 -9.85 6.91
CA ILE A 93 -6.56 -9.21 6.84
C ILE A 93 -7.49 -10.04 5.96
N ASP A 94 -8.76 -10.03 6.32
CA ASP A 94 -9.76 -10.78 5.56
C ASP A 94 -9.45 -12.28 5.67
N GLY A 95 -8.55 -12.61 6.59
CA GLY A 95 -8.16 -13.99 6.79
C GLY A 95 -7.11 -14.42 5.76
N ARG A 96 -6.46 -13.43 5.18
CA ARG A 96 -5.44 -13.69 4.18
C ARG A 96 -4.17 -12.91 4.51
N VAL A 97 -3.06 -13.39 3.98
CA VAL A 97 -1.77 -12.75 4.21
C VAL A 97 -1.57 -11.64 3.18
N VAL A 98 -1.55 -10.42 3.67
CA VAL A 98 -1.38 -9.26 2.81
C VAL A 98 0.09 -8.84 2.83
N GLU A 99 0.35 -7.70 2.20
CA GLU A 99 1.71 -7.17 2.14
C GLU A 99 1.68 -5.66 1.92
N PRO A 100 2.05 -4.91 3.00
CA PRO A 100 2.08 -3.46 2.92
C PRO A 100 3.28 -2.96 2.12
N LYS A 101 3.17 -1.74 1.65
CA LYS A 101 4.23 -1.13 0.86
C LYS A 101 4.42 0.32 1.28
N ARG A 102 5.67 0.72 1.40
CA ARG A 102 5.99 2.08 1.80
C ARG A 102 5.34 3.08 0.83
N ALA A 103 4.95 2.56 -0.32
CA ALA A 103 4.32 3.39 -1.34
C ALA A 103 5.41 4.11 -2.15
N VAL A 104 6.29 4.79 -1.42
CA VAL A 104 7.38 5.51 -2.06
C VAL A 104 8.72 4.90 -1.63
N ALA A 105 9.73 5.11 -2.47
CA ALA A 105 11.04 4.58 -2.19
C ALA A 105 11.10 3.10 -2.56
N ARG A 106 11.93 2.79 -3.55
CA ARG A 106 12.08 1.42 -4.00
C ARG A 106 10.78 0.93 -4.63
N GLU A 107 10.36 1.62 -5.67
CA GLU A 107 9.13 1.27 -6.37
C GLU A 107 9.17 1.79 -7.81
N GLU A 108 8.13 1.44 -8.55
CA GLU A 108 8.03 1.87 -9.95
C GLU A 108 6.58 1.84 -10.41
N SER A 109 6.13 2.99 -10.89
CA SER A 109 4.76 3.11 -11.37
C SER A 109 4.50 4.54 -11.85
N GLY A 110 3.74 4.63 -12.93
CA GLY A 110 3.42 5.93 -13.50
C GLY A 110 4.44 6.34 -14.56
N SER A 111 4.08 7.35 -15.33
CA SER A 111 4.97 7.84 -16.38
C SER A 111 4.39 9.14 -16.97
N GLY A 112 5.28 10.11 -17.16
CA GLY A 112 4.87 11.39 -17.72
C GLY A 112 5.70 11.72 -18.97
N PRO A 113 6.36 12.90 -18.93
CA PRO A 113 7.18 13.35 -20.04
C PRO A 113 8.49 12.57 -20.10
N SER A 114 9.03 12.47 -21.31
CA SER A 114 10.28 11.76 -21.51
C SER A 114 11.40 12.75 -21.88
N SER A 115 11.17 13.47 -22.96
CA SER A 115 12.14 14.45 -23.43
C SER A 115 11.79 15.83 -22.86
N GLY A 116 12.18 16.03 -21.61
CA GLY A 116 11.93 17.30 -20.95
C GLY A 116 12.91 17.51 -19.79
N GLY A 1 32.87 -19.85 -8.36
CA GLY A 1 32.42 -18.49 -8.09
C GLY A 1 33.27 -17.47 -8.84
N SER A 2 32.72 -16.29 -8.99
CA SER A 2 33.43 -15.21 -9.68
C SER A 2 32.67 -13.89 -9.53
N SER A 3 33.41 -12.81 -9.56
CA SER A 3 32.82 -11.49 -9.43
C SER A 3 32.21 -11.32 -8.03
N GLY A 4 32.16 -10.08 -7.59
CA GLY A 4 31.62 -9.78 -6.27
C GLY A 4 31.31 -8.28 -6.14
N SER A 5 30.47 -7.96 -5.17
CA SER A 5 30.08 -6.59 -4.93
C SER A 5 29.25 -6.48 -3.65
N SER A 6 29.10 -5.26 -3.17
CA SER A 6 28.33 -5.01 -1.97
C SER A 6 27.29 -3.92 -2.22
N GLY A 7 27.79 -2.75 -2.58
CA GLY A 7 26.92 -1.61 -2.85
C GLY A 7 26.15 -1.21 -1.60
N MET A 8 26.46 -0.01 -1.11
CA MET A 8 25.80 0.51 0.07
C MET A 8 24.65 1.45 -0.30
N GLU A 9 23.86 1.80 0.70
CA GLU A 9 22.73 2.69 0.50
C GLU A 9 22.73 3.80 1.55
N LYS A 10 23.35 4.92 1.18
CA LYS A 10 23.42 6.06 2.09
C LYS A 10 24.05 7.24 1.35
N THR A 11 23.22 7.92 0.58
CA THR A 11 23.69 9.08 -0.18
C THR A 11 22.80 10.30 0.11
N LEU A 12 22.76 10.68 1.37
CA LEU A 12 21.96 11.82 1.79
C LEU A 12 20.51 11.59 1.39
N GLU A 13 19.65 12.49 1.85
CA GLU A 13 18.23 12.39 1.54
C GLU A 13 17.82 13.50 0.56
N THR A 14 16.57 13.43 0.14
CA THR A 14 16.05 14.41 -0.80
C THR A 14 15.23 15.46 -0.06
N VAL A 15 15.84 16.04 0.96
CA VAL A 15 15.18 17.06 1.75
C VAL A 15 13.87 16.51 2.30
N PRO A 16 13.36 17.16 3.37
CA PRO A 16 12.12 16.74 4.00
C PRO A 16 10.91 17.15 3.15
N LEU A 17 10.93 18.40 2.72
CA LEU A 17 9.85 18.92 1.89
C LEU A 17 10.28 20.23 1.25
N GLU A 18 9.74 20.48 0.07
CA GLU A 18 10.07 21.69 -0.66
C GLU A 18 9.33 21.72 -2.00
N ARG A 19 8.86 22.90 -2.35
CA ARG A 19 8.14 23.09 -3.60
C ARG A 19 6.84 22.28 -3.58
N LYS A 20 5.81 22.90 -3.02
CA LYS A 20 4.51 22.26 -2.93
C LYS A 20 4.63 20.98 -2.11
N LYS A 21 3.49 20.43 -1.75
CA LYS A 21 3.45 19.21 -0.97
C LYS A 21 3.31 18.00 -1.91
N ARG A 22 4.04 16.94 -1.57
CA ARG A 22 3.99 15.73 -2.38
C ARG A 22 4.78 14.61 -1.70
N GLU A 23 5.93 14.99 -1.15
CA GLU A 23 6.78 14.03 -0.46
C GLU A 23 6.13 13.59 0.85
N LYS A 24 5.66 14.57 1.60
CA LYS A 24 5.01 14.30 2.87
C LYS A 24 3.78 13.42 2.64
N GLU A 25 3.29 13.45 1.40
CA GLU A 25 2.13 12.66 1.04
C GLU A 25 2.51 11.20 0.85
N GLN A 26 3.45 10.97 -0.06
CA GLN A 26 3.92 9.63 -0.34
C GLN A 26 4.74 9.09 0.84
N PHE A 27 5.02 9.99 1.77
CA PHE A 27 5.80 9.63 2.94
C PHE A 27 4.92 8.95 3.99
N ARG A 28 3.75 9.53 4.21
CA ARG A 28 2.81 9.00 5.19
C ARG A 28 1.78 8.10 4.49
N LYS A 29 1.80 8.15 3.16
CA LYS A 29 0.88 7.36 2.38
C LYS A 29 1.48 5.97 2.16
N LEU A 30 0.82 4.97 2.74
CA LEU A 30 1.29 3.60 2.61
C LEU A 30 0.35 2.84 1.67
N PHE A 31 0.95 2.10 0.76
CA PHE A 31 0.19 1.32 -0.21
C PHE A 31 0.03 -0.13 0.25
N ILE A 32 -1.19 -0.46 0.64
CA ILE A 32 -1.49 -1.80 1.11
C ILE A 32 -1.73 -2.72 -0.09
N GLY A 33 -0.95 -3.79 -0.15
CA GLY A 33 -1.07 -4.74 -1.24
C GLY A 33 -1.63 -6.07 -0.74
N GLY A 34 -2.58 -6.60 -1.51
CA GLY A 34 -3.20 -7.86 -1.16
C GLY A 34 -4.31 -7.66 -0.12
N LEU A 35 -5.47 -7.25 -0.61
CA LEU A 35 -6.61 -7.01 0.26
C LEU A 35 -7.64 -8.12 0.06
N SER A 36 -7.27 -9.09 -0.77
CA SER A 36 -8.15 -10.21 -1.06
C SER A 36 -9.28 -9.77 -1.98
N PHE A 37 -9.24 -8.50 -2.35
CA PHE A 37 -10.26 -7.94 -3.22
C PHE A 37 -11.56 -7.71 -2.46
N GLU A 38 -11.55 -8.09 -1.19
CA GLU A 38 -12.72 -7.93 -0.35
C GLU A 38 -12.51 -6.77 0.63
N THR A 39 -11.54 -6.96 1.52
CA THR A 39 -11.23 -5.94 2.51
C THR A 39 -11.36 -4.55 1.90
N THR A 40 -12.52 -3.94 2.15
CA THR A 40 -12.79 -2.61 1.63
C THR A 40 -11.97 -1.56 2.41
N GLU A 41 -12.34 -0.30 2.21
CA GLU A 41 -11.65 0.79 2.88
C GLU A 41 -11.78 0.65 4.39
N GLU A 42 -13.02 0.54 4.84
CA GLU A 42 -13.29 0.40 6.26
C GLU A 42 -12.65 -0.88 6.80
N SER A 43 -13.11 -2.01 6.27
CA SER A 43 -12.59 -3.30 6.69
C SER A 43 -11.07 -3.22 6.87
N LEU A 44 -10.46 -2.33 6.10
CA LEU A 44 -9.02 -2.15 6.17
C LEU A 44 -8.68 -1.31 7.41
N ARG A 45 -9.19 -0.09 7.42
CA ARG A 45 -8.95 0.80 8.54
C ARG A 45 -9.16 0.07 9.87
N ASN A 46 -10.29 -0.62 9.95
CA ASN A 46 -10.62 -1.36 11.16
C ASN A 46 -9.41 -2.18 11.59
N TYR A 47 -8.56 -2.50 10.62
CA TYR A 47 -7.36 -3.28 10.88
C TYR A 47 -6.16 -2.37 11.13
N TYR A 48 -6.03 -1.37 10.28
CA TYR A 48 -4.93 -0.43 10.39
C TYR A 48 -5.31 0.75 11.30
N GLU A 49 -6.28 0.49 12.17
CA GLU A 49 -6.74 1.51 13.09
C GLU A 49 -6.11 1.31 14.47
N GLN A 50 -5.53 0.13 14.65
CA GLN A 50 -4.89 -0.21 15.90
C GLN A 50 -3.46 0.34 15.94
N TRP A 51 -3.03 0.85 14.79
CA TRP A 51 -1.70 1.41 14.68
C TRP A 51 -1.82 2.93 14.69
N GLY A 52 -2.88 3.42 14.04
CA GLY A 52 -3.12 4.85 13.97
C GLY A 52 -4.38 5.15 13.17
N LYS A 53 -4.91 6.34 13.38
CA LYS A 53 -6.10 6.77 12.67
C LYS A 53 -5.73 7.23 11.27
N LEU A 54 -6.21 6.48 10.29
CA LEU A 54 -5.94 6.82 8.90
C LEU A 54 -6.73 8.06 8.50
N THR A 55 -6.00 9.05 7.99
CA THR A 55 -6.62 10.30 7.58
C THR A 55 -7.20 10.16 6.17
N ASP A 56 -6.80 9.09 5.50
CA ASP A 56 -7.27 8.83 4.15
C ASP A 56 -7.04 7.36 3.81
N CYS A 57 -8.13 6.67 3.50
CA CYS A 57 -8.06 5.27 3.15
C CYS A 57 -8.78 5.06 1.83
N VAL A 58 -8.03 4.58 0.85
CA VAL A 58 -8.59 4.34 -0.47
C VAL A 58 -8.28 2.90 -0.90
N VAL A 59 -9.26 2.28 -1.54
CA VAL A 59 -9.10 0.91 -2.00
C VAL A 59 -9.36 0.85 -3.51
N MET A 60 -8.30 0.56 -4.25
CA MET A 60 -8.41 0.47 -5.70
C MET A 60 -9.24 -0.74 -6.11
N ARG A 61 -9.93 -0.60 -7.24
CA ARG A 61 -10.76 -1.67 -7.75
C ARG A 61 -10.64 -1.75 -9.27
N ASP A 62 -10.33 -2.95 -9.75
CA ASP A 62 -10.18 -3.18 -11.17
C ASP A 62 -11.28 -2.41 -11.92
N PRO A 63 -10.83 -1.52 -12.85
CA PRO A 63 -11.76 -0.72 -13.63
C PRO A 63 -12.41 -1.56 -14.72
N ALA A 64 -11.76 -2.66 -15.06
CA ALA A 64 -12.26 -3.57 -16.07
C ALA A 64 -13.11 -4.66 -15.41
N SER A 65 -12.58 -5.19 -14.32
CA SER A 65 -13.26 -6.24 -13.58
C SER A 65 -14.35 -5.63 -12.69
N LYS A 66 -13.96 -4.59 -11.96
CA LYS A 66 -14.89 -3.92 -11.07
C LYS A 66 -15.15 -4.80 -9.85
N ARG A 67 -14.14 -5.60 -9.51
CA ARG A 67 -14.25 -6.49 -8.37
C ARG A 67 -13.05 -6.31 -7.44
N SER A 68 -12.77 -5.05 -7.13
CA SER A 68 -11.65 -4.73 -6.26
C SER A 68 -10.34 -5.22 -6.87
N ARG A 69 -9.28 -4.47 -6.62
CA ARG A 69 -7.97 -4.83 -7.15
C ARG A 69 -7.21 -5.69 -6.13
N GLY A 70 -7.39 -5.35 -4.86
CA GLY A 70 -6.73 -6.08 -3.79
C GLY A 70 -5.61 -5.25 -3.18
N PHE A 71 -5.71 -3.95 -3.37
CA PHE A 71 -4.72 -3.03 -2.83
C PHE A 71 -5.26 -1.61 -2.75
N GLY A 72 -4.74 -0.85 -1.80
CA GLY A 72 -5.17 0.53 -1.61
C GLY A 72 -4.09 1.35 -0.91
N PHE A 73 -4.51 2.47 -0.35
CA PHE A 73 -3.59 3.35 0.35
C PHE A 73 -4.14 3.74 1.72
N VAL A 74 -3.22 3.92 2.66
CA VAL A 74 -3.60 4.30 4.02
C VAL A 74 -2.69 5.42 4.50
N THR A 75 -3.26 6.59 4.65
CA THR A 75 -2.52 7.75 5.11
C THR A 75 -2.73 7.96 6.61
N PHE A 76 -1.71 7.59 7.38
CA PHE A 76 -1.77 7.74 8.82
C PHE A 76 -1.74 9.21 9.23
N SER A 77 -2.00 9.44 10.51
CA SER A 77 -2.00 10.79 11.03
C SER A 77 -0.57 11.22 11.39
N SER A 78 0.12 10.33 12.07
CA SER A 78 1.49 10.59 12.48
C SER A 78 2.45 9.62 11.78
N MET A 79 3.73 9.90 11.93
CA MET A 79 4.75 9.06 11.32
C MET A 79 5.02 7.82 12.18
N ALA A 80 4.81 7.97 13.47
CA ALA A 80 5.02 6.89 14.41
C ALA A 80 4.08 5.72 14.06
N GLU A 81 2.80 5.99 14.19
CA GLU A 81 1.79 4.97 13.89
C GLU A 81 2.17 4.21 12.62
N VAL A 82 2.29 4.94 11.53
CA VAL A 82 2.64 4.35 10.26
C VAL A 82 3.94 3.54 10.42
N ASP A 83 4.89 4.15 11.10
CA ASP A 83 6.17 3.50 11.33
C ASP A 83 5.94 2.17 12.04
N ALA A 84 4.85 2.11 12.79
CA ALA A 84 4.50 0.90 13.51
C ALA A 84 4.01 -0.16 12.52
N ALA A 85 3.10 0.26 11.66
CA ALA A 85 2.54 -0.64 10.67
C ALA A 85 3.68 -1.25 9.84
N MET A 86 4.66 -0.41 9.54
CA MET A 86 5.80 -0.86 8.76
C MET A 86 6.49 -2.05 9.44
N ALA A 87 6.60 -1.95 10.75
CA ALA A 87 7.24 -3.01 11.52
C ALA A 87 6.19 -3.70 12.40
N ALA A 88 5.02 -3.90 11.81
CA ALA A 88 3.92 -4.55 12.51
C ALA A 88 3.67 -5.93 11.90
N ARG A 89 4.15 -6.09 10.68
CA ARG A 89 3.99 -7.34 9.96
C ARG A 89 4.33 -8.52 10.88
N PRO A 90 3.80 -9.72 10.50
CA PRO A 90 2.98 -9.83 9.30
C PRO A 90 1.58 -9.24 9.54
N HIS A 91 0.75 -9.37 8.51
CA HIS A 91 -0.61 -8.86 8.60
C HIS A 91 -1.56 -9.83 7.91
N SER A 92 -2.62 -10.19 8.62
CA SER A 92 -3.60 -11.11 8.10
C SER A 92 -4.98 -10.44 8.04
N ILE A 93 -5.43 -10.19 6.82
CA ILE A 93 -6.72 -9.54 6.61
C ILE A 93 -7.56 -10.39 5.66
N ASP A 94 -8.83 -10.54 6.00
CA ASP A 94 -9.74 -11.31 5.18
C ASP A 94 -9.35 -12.79 5.26
N GLY A 95 -8.43 -13.09 6.17
CA GLY A 95 -7.97 -14.45 6.35
C GLY A 95 -6.70 -14.71 5.54
N ARG A 96 -6.36 -13.73 4.70
CA ARG A 96 -5.18 -13.84 3.87
C ARG A 96 -4.07 -12.94 4.42
N VAL A 97 -2.84 -13.25 3.99
CA VAL A 97 -1.69 -12.49 4.43
C VAL A 97 -1.46 -11.33 3.46
N VAL A 98 -1.58 -10.12 3.98
CA VAL A 98 -1.38 -8.92 3.18
C VAL A 98 0.07 -8.46 3.30
N GLU A 99 0.37 -7.36 2.62
CA GLU A 99 1.72 -6.81 2.64
C GLU A 99 1.68 -5.32 2.30
N PRO A 100 1.93 -4.49 3.35
CA PRO A 100 1.94 -3.05 3.17
C PRO A 100 3.20 -2.59 2.44
N LYS A 101 3.09 -1.42 1.82
CA LYS A 101 4.22 -0.85 1.09
C LYS A 101 4.36 0.63 1.44
N ARG A 102 5.59 1.10 1.37
CA ARG A 102 5.87 2.49 1.69
C ARG A 102 5.08 3.41 0.76
N ALA A 103 4.81 2.91 -0.43
CA ALA A 103 4.05 3.68 -1.41
C ALA A 103 4.99 4.70 -2.07
N VAL A 104 6.22 4.29 -2.30
CA VAL A 104 7.21 5.15 -2.92
C VAL A 104 7.45 4.70 -4.35
N ALA A 105 7.60 3.39 -4.51
CA ALA A 105 7.85 2.81 -5.82
C ALA A 105 8.28 1.36 -5.67
N ARG A 106 9.57 1.19 -5.39
CA ARG A 106 10.13 -0.14 -5.21
C ARG A 106 11.29 -0.09 -4.21
N GLU A 107 11.89 -1.25 -3.99
CA GLU A 107 13.00 -1.36 -3.06
C GLU A 107 14.33 -1.39 -3.83
N GLU A 108 14.98 -0.24 -3.86
CA GLU A 108 16.25 -0.11 -4.56
C GLU A 108 16.88 1.24 -4.26
N SER A 109 16.20 2.29 -4.71
CA SER A 109 16.69 3.64 -4.51
C SER A 109 18.02 3.84 -5.23
N GLY A 110 17.92 4.32 -6.46
CA GLY A 110 19.11 4.55 -7.27
C GLY A 110 19.84 5.82 -6.82
N SER A 111 21.03 6.00 -7.36
CA SER A 111 21.84 7.16 -7.02
C SER A 111 21.65 8.25 -8.08
N GLY A 112 21.36 9.46 -7.59
CA GLY A 112 21.17 10.59 -8.48
C GLY A 112 22.28 10.66 -9.54
N PRO A 113 21.85 10.75 -10.82
CA PRO A 113 22.79 10.84 -11.92
C PRO A 113 23.43 12.22 -12.00
N SER A 114 22.58 13.24 -11.85
CA SER A 114 23.04 14.61 -11.91
C SER A 114 24.21 14.81 -10.94
N SER A 115 25.39 15.01 -11.51
CA SER A 115 26.58 15.21 -10.71
C SER A 115 27.12 16.62 -10.93
N GLY A 116 26.56 17.57 -10.19
CA GLY A 116 26.97 18.96 -10.30
C GLY A 116 27.25 19.33 -11.76
N GLY A 1 -6.09 -32.06 -0.23
CA GLY A 1 -6.26 -31.48 -1.55
C GLY A 1 -6.10 -29.95 -1.50
N SER A 2 -5.34 -29.45 -2.47
CA SER A 2 -5.10 -28.02 -2.55
C SER A 2 -4.43 -27.67 -3.87
N SER A 3 -5.18 -27.00 -4.73
CA SER A 3 -4.67 -26.61 -6.03
C SER A 3 -5.73 -25.80 -6.79
N GLY A 4 -5.32 -24.63 -7.26
CA GLY A 4 -6.22 -23.76 -8.00
C GLY A 4 -5.49 -22.49 -8.46
N SER A 5 -5.80 -22.08 -9.67
CA SER A 5 -5.20 -20.90 -10.24
C SER A 5 -5.76 -20.64 -11.64
N SER A 6 -6.42 -19.49 -11.78
CA SER A 6 -7.00 -19.11 -13.05
C SER A 6 -6.96 -17.60 -13.22
N GLY A 7 -6.82 -17.17 -14.46
CA GLY A 7 -6.76 -15.76 -14.77
C GLY A 7 -5.36 -15.35 -15.25
N MET A 8 -5.15 -14.04 -15.31
CA MET A 8 -3.87 -13.51 -15.74
C MET A 8 -3.49 -12.27 -14.94
N GLU A 9 -2.18 -12.03 -14.86
CA GLU A 9 -1.68 -10.87 -14.13
C GLU A 9 -0.28 -10.51 -14.63
N LYS A 10 -0.25 -9.62 -15.61
CA LYS A 10 1.02 -9.18 -16.18
C LYS A 10 0.83 -7.81 -16.83
N THR A 11 1.68 -6.88 -16.41
CA THR A 11 1.61 -5.53 -16.94
C THR A 11 0.28 -4.88 -16.59
N LEU A 12 0.37 -3.74 -15.93
CA LEU A 12 -0.83 -3.01 -15.53
C LEU A 12 -1.20 -2.00 -16.62
N GLU A 13 -2.38 -2.19 -17.19
CA GLU A 13 -2.85 -1.32 -18.24
C GLU A 13 -3.46 -0.05 -17.64
N THR A 14 -2.72 1.04 -17.78
CA THR A 14 -3.17 2.33 -17.25
C THR A 14 -2.29 3.46 -17.78
N VAL A 15 -2.90 4.63 -17.92
CA VAL A 15 -2.18 5.79 -18.41
C VAL A 15 -0.96 6.04 -17.53
N PRO A 16 0.07 6.69 -18.13
CA PRO A 16 1.29 6.99 -17.42
C PRO A 16 1.09 8.17 -16.45
N LEU A 17 2.10 8.40 -15.63
CA LEU A 17 2.03 9.49 -14.67
C LEU A 17 3.41 9.66 -14.01
N GLU A 18 3.73 10.92 -13.72
CA GLU A 18 5.00 11.24 -13.10
C GLU A 18 4.94 12.59 -12.40
N ARG A 19 5.62 12.66 -11.26
CA ARG A 19 5.64 13.89 -10.49
C ARG A 19 4.20 14.40 -10.27
N LYS A 20 3.64 14.01 -9.13
CA LYS A 20 2.29 14.43 -8.80
C LYS A 20 2.12 14.42 -7.28
N LYS A 21 2.14 13.21 -6.72
CA LYS A 21 1.99 13.05 -5.28
C LYS A 21 2.87 14.08 -4.57
N ARG A 22 2.45 14.42 -3.36
CA ARG A 22 3.18 15.39 -2.56
C ARG A 22 4.19 14.68 -1.66
N GLU A 23 5.23 15.42 -1.29
CA GLU A 23 6.26 14.88 -0.43
C GLU A 23 5.68 14.44 0.90
N LYS A 24 4.99 15.37 1.56
CA LYS A 24 4.37 15.09 2.84
C LYS A 24 3.30 14.02 2.66
N GLU A 25 2.89 13.83 1.42
CA GLU A 25 1.87 12.84 1.09
C GLU A 25 2.50 11.44 1.06
N GLN A 26 3.49 11.30 0.20
CA GLN A 26 4.17 10.02 0.05
C GLN A 26 4.93 9.67 1.34
N PHE A 27 5.00 10.65 2.23
CA PHE A 27 5.69 10.46 3.49
C PHE A 27 4.83 9.66 4.47
N ARG A 28 3.56 10.03 4.54
CA ARG A 28 2.63 9.35 5.43
C ARG A 28 1.60 8.58 4.62
N LYS A 29 1.97 8.26 3.38
CA LYS A 29 1.09 7.51 2.50
C LYS A 29 1.70 6.14 2.22
N LEU A 30 0.97 5.11 2.61
CA LEU A 30 1.42 3.75 2.40
C LEU A 30 0.52 3.07 1.36
N PHE A 31 1.05 2.00 0.78
CA PHE A 31 0.31 1.26 -0.23
C PHE A 31 0.15 -0.21 0.18
N ILE A 32 -1.09 -0.56 0.50
CA ILE A 32 -1.39 -1.93 0.91
C ILE A 32 -1.58 -2.80 -0.34
N GLY A 33 -0.93 -3.95 -0.30
CA GLY A 33 -1.00 -4.88 -1.42
C GLY A 33 -1.47 -6.26 -0.95
N GLY A 34 -2.65 -6.65 -1.42
CA GLY A 34 -3.20 -7.94 -1.05
C GLY A 34 -4.44 -7.77 -0.17
N LEU A 35 -5.51 -7.27 -0.78
CA LEU A 35 -6.75 -7.05 -0.06
C LEU A 35 -7.77 -8.12 -0.49
N SER A 36 -7.28 -9.08 -1.24
CA SER A 36 -8.14 -10.16 -1.71
C SER A 36 -9.17 -9.62 -2.71
N PHE A 37 -10.14 -8.91 -2.16
CA PHE A 37 -11.19 -8.34 -2.99
C PHE A 37 -12.42 -7.97 -2.15
N GLU A 38 -12.56 -8.68 -1.03
CA GLU A 38 -13.68 -8.44 -0.14
C GLU A 38 -13.24 -7.56 1.04
N THR A 39 -12.26 -6.71 0.76
CA THR A 39 -11.74 -5.82 1.79
C THR A 39 -12.05 -4.36 1.43
N THR A 40 -12.92 -3.78 2.24
CA THR A 40 -13.32 -2.38 2.03
C THR A 40 -12.44 -1.45 2.85
N GLU A 41 -12.50 -0.17 2.50
CA GLU A 41 -11.71 0.84 3.19
C GLU A 41 -11.85 0.67 4.70
N GLU A 42 -13.09 0.65 5.16
CA GLU A 42 -13.37 0.50 6.58
C GLU A 42 -12.68 -0.75 7.12
N SER A 43 -13.09 -1.90 6.57
CA SER A 43 -12.53 -3.17 7.00
C SER A 43 -11.02 -3.02 7.23
N LEU A 44 -10.34 -2.57 6.19
CA LEU A 44 -8.90 -2.39 6.27
C LEU A 44 -8.57 -1.44 7.42
N ARG A 45 -9.29 -0.33 7.45
CA ARG A 45 -9.09 0.67 8.50
C ARG A 45 -9.24 0.03 9.87
N ASN A 46 -10.41 -0.57 10.08
CA ASN A 46 -10.69 -1.22 11.35
C ASN A 46 -9.46 -2.01 11.81
N TYR A 47 -8.69 -2.45 10.83
CA TYR A 47 -7.48 -3.22 11.11
C TYR A 47 -6.29 -2.28 11.32
N TYR A 48 -6.08 -1.41 10.35
CA TYR A 48 -4.98 -0.46 10.41
C TYR A 48 -5.41 0.83 11.12
N GLU A 49 -6.32 0.68 12.06
CA GLU A 49 -6.83 1.83 12.80
C GLU A 49 -6.12 1.93 14.16
N GLN A 50 -5.72 0.78 14.67
CA GLN A 50 -5.03 0.72 15.95
C GLN A 50 -3.64 1.37 15.83
N TRP A 51 -2.88 0.89 14.86
CA TRP A 51 -1.55 1.40 14.63
C TRP A 51 -1.65 2.92 14.44
N GLY A 52 -2.84 3.35 14.09
CA GLY A 52 -3.10 4.77 13.86
C GLY A 52 -4.40 4.99 13.10
N LYS A 53 -4.87 6.22 13.15
CA LYS A 53 -6.11 6.58 12.47
C LYS A 53 -5.79 7.00 11.04
N LEU A 54 -6.21 6.17 10.10
CA LEU A 54 -5.98 6.43 8.69
C LEU A 54 -6.80 7.65 8.27
N THR A 55 -6.12 8.79 8.22
CA THR A 55 -6.78 10.03 7.83
C THR A 55 -7.50 9.86 6.49
N ASP A 56 -7.04 8.88 5.73
CA ASP A 56 -7.63 8.60 4.44
C ASP A 56 -7.25 7.19 3.99
N CYS A 57 -8.25 6.42 3.62
CA CYS A 57 -8.03 5.05 3.17
C CYS A 57 -8.70 4.87 1.80
N VAL A 58 -7.88 4.56 0.81
CA VAL A 58 -8.38 4.36 -0.53
C VAL A 58 -8.10 2.92 -0.97
N VAL A 59 -9.12 2.31 -1.57
CA VAL A 59 -8.99 0.94 -2.03
C VAL A 59 -9.33 0.88 -3.52
N MET A 60 -8.31 0.54 -4.31
CA MET A 60 -8.48 0.45 -5.75
C MET A 60 -9.40 -0.72 -6.12
N ARG A 61 -10.20 -0.50 -7.15
CA ARG A 61 -11.12 -1.53 -7.61
C ARG A 61 -11.05 -1.66 -9.13
N ASP A 62 -11.30 -2.87 -9.60
CA ASP A 62 -11.27 -3.15 -11.03
C ASP A 62 -11.94 -2.00 -11.78
N PRO A 63 -11.26 -1.53 -12.86
CA PRO A 63 -11.78 -0.44 -13.67
C PRO A 63 -12.94 -0.92 -14.55
N ALA A 64 -13.10 -2.23 -14.59
CA ALA A 64 -14.16 -2.82 -15.40
C ALA A 64 -15.20 -3.46 -14.46
N SER A 65 -14.69 -4.13 -13.44
CA SER A 65 -15.55 -4.80 -12.48
C SER A 65 -16.08 -3.78 -11.46
N LYS A 66 -15.20 -2.85 -11.11
CA LYS A 66 -15.57 -1.82 -10.15
C LYS A 66 -15.89 -2.47 -8.80
N ARG A 67 -15.21 -3.57 -8.54
CA ARG A 67 -15.41 -4.30 -7.30
C ARG A 67 -14.24 -4.05 -6.34
N SER A 68 -13.08 -4.58 -6.74
CA SER A 68 -11.89 -4.43 -5.92
C SER A 68 -10.65 -4.88 -6.72
N ARG A 69 -9.54 -4.23 -6.44
CA ARG A 69 -8.29 -4.55 -7.11
C ARG A 69 -7.44 -5.49 -6.25
N GLY A 70 -7.45 -5.22 -4.95
CA GLY A 70 -6.68 -6.01 -4.01
C GLY A 70 -5.54 -5.20 -3.39
N PHE A 71 -5.61 -3.90 -3.61
CA PHE A 71 -4.59 -3.01 -3.09
C PHE A 71 -5.12 -1.57 -2.98
N GLY A 72 -4.55 -0.83 -2.05
CA GLY A 72 -4.95 0.55 -1.84
C GLY A 72 -3.88 1.33 -1.08
N PHE A 73 -4.32 2.41 -0.44
CA PHE A 73 -3.40 3.24 0.32
C PHE A 73 -4.02 3.62 1.67
N VAL A 74 -3.14 3.85 2.64
CA VAL A 74 -3.58 4.22 3.98
C VAL A 74 -2.72 5.38 4.49
N THR A 75 -3.36 6.53 4.63
CA THR A 75 -2.68 7.71 5.11
C THR A 75 -2.90 7.89 6.61
N PHE A 76 -1.86 7.55 7.36
CA PHE A 76 -1.93 7.67 8.81
C PHE A 76 -1.97 9.13 9.25
N SER A 77 -1.94 9.33 10.56
CA SER A 77 -1.98 10.67 11.11
C SER A 77 -0.56 11.18 11.36
N SER A 78 0.21 10.37 12.08
CA SER A 78 1.58 10.72 12.40
C SER A 78 2.53 9.68 11.81
N MET A 79 3.81 10.02 11.83
CA MET A 79 4.84 9.13 11.30
C MET A 79 4.99 7.89 12.19
N ALA A 80 4.98 8.13 13.50
CA ALA A 80 5.12 7.05 14.46
C ALA A 80 4.13 5.93 14.10
N GLU A 81 2.85 6.28 14.15
CA GLU A 81 1.80 5.33 13.84
C GLU A 81 2.18 4.50 12.61
N VAL A 82 2.30 5.19 11.48
CA VAL A 82 2.65 4.53 10.23
C VAL A 82 3.95 3.73 10.43
N ASP A 83 4.81 4.28 11.28
CA ASP A 83 6.08 3.63 11.56
C ASP A 83 5.82 2.26 12.19
N ALA A 84 4.78 2.20 13.00
CA ALA A 84 4.42 0.96 13.66
C ALA A 84 3.93 -0.05 12.62
N ALA A 85 2.97 0.38 11.83
CA ALA A 85 2.42 -0.47 10.78
C ALA A 85 3.56 -1.06 9.95
N MET A 86 4.59 -0.25 9.76
CA MET A 86 5.74 -0.68 9.00
C MET A 86 6.43 -1.87 9.66
N ALA A 87 6.31 -1.93 10.97
CA ALA A 87 6.90 -3.02 11.73
C ALA A 87 5.82 -3.73 12.55
N ALA A 88 4.66 -3.87 11.94
CA ALA A 88 3.54 -4.52 12.59
C ALA A 88 3.29 -5.88 11.95
N ARG A 89 3.76 -6.00 10.71
CA ARG A 89 3.59 -7.24 9.97
C ARG A 89 3.95 -8.44 10.84
N PRO A 90 3.46 -9.64 10.42
CA PRO A 90 2.65 -9.72 9.21
C PRO A 90 1.24 -9.19 9.46
N HIS A 91 0.46 -9.17 8.38
CA HIS A 91 -0.91 -8.69 8.46
C HIS A 91 -1.82 -9.60 7.64
N SER A 92 -2.94 -9.97 8.25
CA SER A 92 -3.90 -10.84 7.59
C SER A 92 -5.24 -10.13 7.46
N ILE A 93 -5.69 -9.98 6.21
CA ILE A 93 -6.95 -9.32 5.94
C ILE A 93 -7.80 -10.21 5.02
N ASP A 94 -9.08 -10.27 5.33
CA ASP A 94 -10.01 -11.07 4.55
C ASP A 94 -9.63 -12.55 4.69
N GLY A 95 -8.76 -12.82 5.64
CA GLY A 95 -8.32 -14.18 5.90
C GLY A 95 -7.13 -14.54 4.98
N ARG A 96 -6.49 -13.50 4.46
CA ARG A 96 -5.35 -13.70 3.58
C ARG A 96 -4.16 -12.88 4.09
N VAL A 97 -2.97 -13.36 3.73
CA VAL A 97 -1.74 -12.69 4.14
C VAL A 97 -1.46 -11.54 3.19
N VAL A 98 -1.71 -10.33 3.68
CA VAL A 98 -1.49 -9.14 2.88
C VAL A 98 -0.04 -8.69 3.04
N GLU A 99 0.29 -7.60 2.36
CA GLU A 99 1.64 -7.05 2.42
C GLU A 99 1.62 -5.56 2.11
N PRO A 100 1.87 -4.75 3.18
CA PRO A 100 1.89 -3.31 3.04
C PRO A 100 3.17 -2.84 2.34
N LYS A 101 3.10 -1.62 1.80
CA LYS A 101 4.24 -1.06 1.10
C LYS A 101 4.40 0.41 1.51
N ARG A 102 5.57 0.94 1.22
CA ARG A 102 5.87 2.33 1.56
C ARG A 102 5.02 3.28 0.72
N ALA A 103 4.89 2.92 -0.56
CA ALA A 103 4.09 3.74 -1.47
C ALA A 103 4.96 4.89 -1.99
N VAL A 104 6.21 4.56 -2.28
CA VAL A 104 7.15 5.56 -2.79
C VAL A 104 7.62 5.14 -4.17
N ALA A 105 8.40 6.02 -4.79
CA ALA A 105 8.93 5.75 -6.12
C ALA A 105 7.77 5.62 -7.10
N ARG A 106 7.93 6.26 -8.25
CA ARG A 106 6.91 6.22 -9.29
C ARG A 106 6.35 4.80 -9.42
N GLU A 107 5.04 4.74 -9.61
CA GLU A 107 4.37 3.46 -9.76
C GLU A 107 2.95 3.65 -10.31
N GLU A 108 2.54 2.70 -11.14
CA GLU A 108 1.21 2.77 -11.74
C GLU A 108 0.17 3.15 -10.68
N SER A 109 -0.87 3.81 -11.14
CA SER A 109 -1.95 4.23 -10.25
C SER A 109 -3.23 4.45 -11.05
N GLY A 110 -4.35 4.31 -10.35
CA GLY A 110 -5.65 4.49 -10.99
C GLY A 110 -6.13 5.93 -10.83
N SER A 111 -7.26 6.22 -11.48
CA SER A 111 -7.84 7.55 -11.42
C SER A 111 -6.88 8.56 -12.04
N GLY A 112 -7.34 9.20 -13.11
CA GLY A 112 -6.53 10.20 -13.79
C GLY A 112 -6.88 10.24 -15.29
N PRO A 113 -7.75 11.23 -15.63
CA PRO A 113 -8.17 11.39 -17.02
C PRO A 113 -7.06 12.04 -17.85
N SER A 114 -5.95 11.33 -17.94
CA SER A 114 -4.81 11.82 -18.70
C SER A 114 -5.02 11.55 -20.19
N SER A 115 -4.97 12.62 -20.98
CA SER A 115 -5.16 12.52 -22.41
C SER A 115 -6.58 12.03 -22.72
N GLY A 116 -6.98 12.23 -23.96
CA GLY A 116 -8.31 11.82 -24.39
C GLY A 116 -8.27 11.31 -25.84
N GLY A 1 12.54 -28.36 -3.68
CA GLY A 1 11.99 -27.46 -4.67
C GLY A 1 11.22 -26.32 -4.02
N SER A 2 11.28 -25.17 -4.65
CA SER A 2 10.60 -23.99 -4.15
C SER A 2 10.65 -22.86 -5.17
N SER A 3 9.51 -22.61 -5.80
CA SER A 3 9.42 -21.56 -6.80
C SER A 3 7.95 -21.35 -7.20
N GLY A 4 7.62 -20.10 -7.46
CA GLY A 4 6.26 -19.75 -7.84
C GLY A 4 6.26 -18.74 -9.00
N SER A 5 6.75 -19.21 -10.14
CA SER A 5 6.81 -18.37 -11.33
C SER A 5 7.20 -19.21 -12.55
N SER A 6 6.21 -19.50 -13.37
CA SER A 6 6.44 -20.29 -14.56
C SER A 6 6.67 -19.37 -15.76
N GLY A 7 7.93 -18.98 -15.94
CA GLY A 7 8.29 -18.11 -17.03
C GLY A 7 7.23 -17.03 -17.27
N MET A 8 7.38 -15.93 -16.54
CA MET A 8 6.44 -14.83 -16.66
C MET A 8 6.65 -14.06 -17.98
N GLU A 9 5.90 -12.98 -18.11
CA GLU A 9 5.99 -12.15 -19.30
C GLU A 9 5.07 -10.94 -19.18
N LYS A 10 3.91 -11.17 -18.58
CA LYS A 10 2.94 -10.10 -18.40
C LYS A 10 3.29 -9.32 -17.12
N THR A 11 4.42 -8.64 -17.18
CA THR A 11 4.88 -7.85 -16.05
C THR A 11 5.48 -6.53 -16.51
N LEU A 12 4.63 -5.74 -17.17
CA LEU A 12 5.06 -4.45 -17.68
C LEU A 12 3.84 -3.67 -18.18
N GLU A 13 3.00 -3.29 -17.24
CA GLU A 13 1.79 -2.54 -17.57
C GLU A 13 1.91 -1.10 -17.08
N THR A 14 1.11 -0.23 -17.68
CA THR A 14 1.12 1.17 -17.31
C THR A 14 2.53 1.74 -17.40
N VAL A 15 2.76 2.52 -18.44
CA VAL A 15 4.06 3.13 -18.65
C VAL A 15 4.32 4.17 -17.56
N PRO A 16 5.62 4.46 -17.33
CA PRO A 16 6.00 5.44 -16.32
C PRO A 16 5.74 6.86 -16.80
N LEU A 17 5.05 7.62 -15.96
CA LEU A 17 4.72 9.00 -16.29
C LEU A 17 5.09 9.90 -15.11
N GLU A 18 5.38 11.15 -15.43
CA GLU A 18 5.74 12.12 -14.41
C GLU A 18 4.52 12.48 -13.56
N ARG A 19 4.77 12.70 -12.27
CA ARG A 19 3.70 13.05 -11.36
C ARG A 19 4.26 13.91 -10.21
N LYS A 20 3.44 14.85 -9.77
CA LYS A 20 3.83 15.75 -8.71
C LYS A 20 3.19 15.27 -7.39
N LYS A 21 3.87 14.33 -6.75
CA LYS A 21 3.38 13.78 -5.49
C LYS A 21 3.82 14.69 -4.35
N ARG A 22 3.32 14.38 -3.16
CA ARG A 22 3.64 15.16 -1.97
C ARG A 22 4.55 14.34 -1.05
N GLU A 23 5.53 15.01 -0.49
CA GLU A 23 6.47 14.37 0.43
C GLU A 23 5.78 14.08 1.76
N LYS A 24 5.13 15.10 2.30
CA LYS A 24 4.43 14.95 3.56
C LYS A 24 3.25 14.01 3.40
N GLU A 25 2.90 13.76 2.14
CA GLU A 25 1.80 12.88 1.83
C GLU A 25 2.30 11.45 1.59
N GLN A 26 3.26 11.34 0.69
CA GLN A 26 3.84 10.05 0.37
C GLN A 26 4.59 9.49 1.58
N PHE A 27 4.77 10.34 2.57
CA PHE A 27 5.46 9.94 3.79
C PHE A 27 4.54 9.13 4.70
N ARG A 28 3.32 9.62 4.83
CA ARG A 28 2.34 8.95 5.68
C ARG A 28 1.43 8.06 4.83
N LYS A 29 1.52 8.25 3.52
CA LYS A 29 0.72 7.47 2.59
C LYS A 29 1.48 6.19 2.22
N LEU A 30 0.88 5.07 2.58
CA LEU A 30 1.48 3.77 2.30
C LEU A 30 0.64 3.05 1.23
N PHE A 31 1.24 2.01 0.67
CA PHE A 31 0.56 1.22 -0.34
C PHE A 31 0.29 -0.20 0.15
N ILE A 32 -0.97 -0.44 0.49
CA ILE A 32 -1.36 -1.75 0.98
C ILE A 32 -1.54 -2.70 -0.20
N GLY A 33 -0.92 -3.87 -0.08
CA GLY A 33 -1.00 -4.87 -1.12
C GLY A 33 -1.54 -6.20 -0.59
N GLY A 34 -2.41 -6.81 -1.37
CA GLY A 34 -3.00 -8.08 -0.98
C GLY A 34 -4.26 -7.86 -0.14
N LEU A 35 -5.29 -7.32 -0.78
CA LEU A 35 -6.54 -7.05 -0.10
C LEU A 35 -7.57 -8.12 -0.49
N SER A 36 -7.07 -9.13 -1.18
CA SER A 36 -7.93 -10.23 -1.63
C SER A 36 -8.94 -9.72 -2.66
N PHE A 37 -9.87 -8.90 -2.18
CA PHE A 37 -10.88 -8.34 -3.06
C PHE A 37 -12.06 -7.80 -2.25
N GLU A 38 -12.24 -8.38 -1.07
CA GLU A 38 -13.32 -7.98 -0.18
C GLU A 38 -12.87 -6.83 0.72
N THR A 39 -11.69 -7.00 1.29
CA THR A 39 -11.14 -5.99 2.18
C THR A 39 -11.48 -4.58 1.67
N THR A 40 -12.54 -4.03 2.23
CA THR A 40 -12.98 -2.70 1.85
C THR A 40 -12.18 -1.63 2.61
N GLU A 41 -12.49 -0.38 2.30
CA GLU A 41 -11.81 0.74 2.93
C GLU A 41 -11.89 0.60 4.46
N GLU A 42 -13.11 0.38 4.93
CA GLU A 42 -13.33 0.23 6.36
C GLU A 42 -12.59 -0.99 6.90
N SER A 43 -12.99 -2.15 6.38
CA SER A 43 -12.37 -3.40 6.79
C SER A 43 -10.87 -3.21 6.97
N LEU A 44 -10.26 -2.58 5.97
CA LEU A 44 -8.83 -2.33 6.00
C LEU A 44 -8.49 -1.45 7.21
N ARG A 45 -9.01 -0.23 7.17
CA ARG A 45 -8.77 0.72 8.25
C ARG A 45 -9.00 0.04 9.60
N ASN A 46 -10.13 -0.66 9.70
CA ASN A 46 -10.47 -1.35 10.92
C ASN A 46 -9.25 -2.13 11.44
N TYR A 47 -8.37 -2.46 10.50
CA TYR A 47 -7.17 -3.19 10.84
C TYR A 47 -5.99 -2.24 11.10
N TYR A 48 -5.83 -1.30 10.18
CA TYR A 48 -4.77 -0.32 10.30
C TYR A 48 -5.22 0.91 11.09
N GLU A 49 -6.21 0.69 11.94
CA GLU A 49 -6.75 1.76 12.76
C GLU A 49 -6.14 1.72 14.17
N GLN A 50 -5.50 0.60 14.46
CA GLN A 50 -4.87 0.41 15.76
C GLN A 50 -3.57 1.21 15.83
N TRP A 51 -2.64 0.86 14.95
CA TRP A 51 -1.36 1.52 14.91
C TRP A 51 -1.60 3.03 14.86
N GLY A 52 -2.65 3.41 14.15
CA GLY A 52 -3.00 4.80 14.02
C GLY A 52 -4.27 4.98 13.18
N LYS A 53 -4.85 6.17 13.25
CA LYS A 53 -6.05 6.47 12.51
C LYS A 53 -5.68 6.99 11.12
N LEU A 54 -6.10 6.24 10.12
CA LEU A 54 -5.82 6.62 8.73
C LEU A 54 -6.72 7.78 8.33
N THR A 55 -6.15 8.97 8.37
CA THR A 55 -6.88 10.18 8.01
C THR A 55 -7.64 9.96 6.70
N ASP A 56 -7.12 9.05 5.90
CA ASP A 56 -7.74 8.74 4.62
C ASP A 56 -7.27 7.36 4.15
N CYS A 57 -8.24 6.52 3.84
CA CYS A 57 -7.95 5.17 3.38
C CYS A 57 -8.71 4.93 2.08
N VAL A 58 -7.94 4.70 1.03
CA VAL A 58 -8.53 4.45 -0.28
C VAL A 58 -8.20 3.02 -0.72
N VAL A 59 -9.17 2.40 -1.38
CA VAL A 59 -8.99 1.04 -1.86
C VAL A 59 -9.25 1.00 -3.37
N MET A 60 -8.25 0.56 -4.10
CA MET A 60 -8.36 0.46 -5.55
C MET A 60 -9.24 -0.71 -5.95
N ARG A 61 -10.12 -0.46 -6.92
CA ARG A 61 -11.03 -1.48 -7.41
C ARG A 61 -11.05 -1.48 -8.93
N ASP A 62 -11.05 -2.68 -9.50
CA ASP A 62 -11.08 -2.83 -10.94
C ASP A 62 -12.19 -1.94 -11.52
N PRO A 63 -11.83 -1.22 -12.62
CA PRO A 63 -12.77 -0.34 -13.28
C PRO A 63 -13.80 -1.14 -14.09
N ALA A 64 -13.42 -2.36 -14.42
CA ALA A 64 -14.29 -3.23 -15.19
C ALA A 64 -15.00 -4.20 -14.25
N SER A 65 -14.20 -4.81 -13.38
CA SER A 65 -14.73 -5.77 -12.41
C SER A 65 -15.56 -5.04 -11.35
N LYS A 66 -15.08 -3.86 -10.99
CA LYS A 66 -15.76 -3.06 -9.99
C LYS A 66 -15.49 -3.63 -8.60
N ARG A 67 -14.43 -4.43 -8.53
CA ARG A 67 -14.06 -5.06 -7.27
C ARG A 67 -12.64 -4.66 -6.89
N SER A 68 -12.41 -4.57 -5.58
CA SER A 68 -11.10 -4.21 -5.07
C SER A 68 -10.00 -4.91 -5.87
N ARG A 69 -9.05 -4.12 -6.33
CA ARG A 69 -7.94 -4.66 -7.11
C ARG A 69 -7.06 -5.56 -6.24
N GLY A 70 -7.06 -5.25 -4.94
CA GLY A 70 -6.27 -6.02 -3.99
C GLY A 70 -5.20 -5.15 -3.35
N PHE A 71 -5.34 -3.85 -3.55
CA PHE A 71 -4.39 -2.90 -2.99
C PHE A 71 -5.00 -1.50 -2.90
N GLY A 72 -4.48 -0.72 -1.96
CA GLY A 72 -4.96 0.64 -1.75
C GLY A 72 -3.92 1.49 -1.05
N PHE A 73 -4.38 2.61 -0.50
CA PHE A 73 -3.49 3.52 0.21
C PHE A 73 -4.05 3.85 1.59
N VAL A 74 -3.13 4.12 2.52
CA VAL A 74 -3.52 4.45 3.88
C VAL A 74 -2.68 5.63 4.36
N THR A 75 -3.38 6.68 4.77
CA THR A 75 -2.71 7.88 5.26
C THR A 75 -2.92 8.04 6.76
N PHE A 76 -1.91 7.64 7.52
CA PHE A 76 -1.98 7.73 8.97
C PHE A 76 -2.03 9.18 9.42
N SER A 77 -2.19 9.35 10.73
CA SER A 77 -2.25 10.69 11.31
C SER A 77 -0.85 11.20 11.60
N SER A 78 -0.07 10.35 12.25
CA SER A 78 1.30 10.71 12.61
C SER A 78 2.28 9.81 11.86
N MET A 79 3.56 10.04 12.12
CA MET A 79 4.60 9.26 11.47
C MET A 79 4.92 8.00 12.29
N ALA A 80 4.79 8.14 13.61
CA ALA A 80 5.05 7.03 14.50
C ALA A 80 4.15 5.85 14.14
N GLU A 81 2.86 6.08 14.26
CA GLU A 81 1.88 5.06 13.95
C GLU A 81 2.27 4.33 12.64
N VAL A 82 2.28 5.10 11.57
CA VAL A 82 2.63 4.56 10.27
C VAL A 82 3.94 3.76 10.38
N ASP A 83 4.82 4.27 11.23
CA ASP A 83 6.10 3.63 11.45
C ASP A 83 5.88 2.23 12.03
N ALA A 84 4.85 2.13 12.87
CA ALA A 84 4.53 0.86 13.50
C ALA A 84 3.93 -0.08 12.45
N ALA A 85 3.13 0.49 11.56
CA ALA A 85 2.50 -0.29 10.52
C ALA A 85 3.56 -0.79 9.55
N MET A 86 4.58 0.04 9.36
CA MET A 86 5.67 -0.31 8.46
C MET A 86 6.46 -1.51 8.98
N ALA A 87 6.55 -1.59 10.30
CA ALA A 87 7.27 -2.68 10.94
C ALA A 87 6.28 -3.52 11.75
N ALA A 88 5.21 -3.93 11.07
CA ALA A 88 4.19 -4.75 11.71
C ALA A 88 3.75 -5.85 10.75
N ARG A 89 4.72 -6.55 10.21
CA ARG A 89 4.45 -7.63 9.28
C ARG A 89 4.81 -8.98 9.90
N PRO A 90 4.21 -10.06 9.31
CA PRO A 90 3.32 -9.89 8.18
C PRO A 90 1.96 -9.35 8.63
N HIS A 91 1.01 -9.39 7.71
CA HIS A 91 -0.34 -8.90 8.00
C HIS A 91 -1.37 -9.92 7.51
N SER A 92 -2.40 -10.10 8.33
CA SER A 92 -3.45 -11.03 8.00
C SER A 92 -4.81 -10.32 8.02
N ILE A 93 -5.40 -10.19 6.84
CA ILE A 93 -6.68 -9.53 6.72
C ILE A 93 -7.57 -10.33 5.75
N ASP A 94 -8.87 -10.26 5.99
CA ASP A 94 -9.82 -10.96 5.14
C ASP A 94 -9.49 -12.45 5.16
N GLY A 95 -8.92 -12.89 6.26
CA GLY A 95 -8.54 -14.29 6.41
C GLY A 95 -7.44 -14.68 5.42
N ARG A 96 -6.74 -13.66 4.94
CA ARG A 96 -5.66 -13.88 4.00
C ARG A 96 -4.39 -13.18 4.48
N VAL A 97 -3.28 -13.51 3.83
CA VAL A 97 -2.00 -12.91 4.17
C VAL A 97 -1.71 -11.75 3.24
N VAL A 98 -1.89 -10.55 3.77
CA VAL A 98 -1.65 -9.34 2.98
C VAL A 98 -0.19 -8.92 3.15
N GLU A 99 0.12 -7.76 2.58
CA GLU A 99 1.47 -7.24 2.65
C GLU A 99 1.46 -5.72 2.41
N PRO A 100 1.73 -4.96 3.50
CA PRO A 100 1.77 -3.51 3.41
C PRO A 100 3.03 -3.03 2.72
N LYS A 101 2.91 -1.88 2.05
CA LYS A 101 4.04 -1.31 1.34
C LYS A 101 4.01 0.22 1.51
N ARG A 102 5.01 0.86 0.93
CA ARG A 102 5.12 2.30 1.00
C ARG A 102 4.77 2.94 -0.34
N ALA A 103 4.37 4.20 -0.29
CA ALA A 103 4.01 4.93 -1.50
C ALA A 103 5.14 5.88 -1.87
N VAL A 104 6.33 5.31 -2.05
CA VAL A 104 7.50 6.09 -2.41
C VAL A 104 8.44 5.24 -3.26
N ALA A 105 9.34 5.91 -3.94
CA ALA A 105 10.30 5.23 -4.80
C ALA A 105 9.61 4.79 -6.09
N ARG A 106 8.69 3.85 -5.94
CA ARG A 106 7.95 3.34 -7.08
C ARG A 106 7.21 4.47 -7.79
N GLU A 107 6.42 5.20 -7.00
CA GLU A 107 5.66 6.31 -7.53
C GLU A 107 5.24 6.02 -8.98
N GLU A 108 4.52 4.93 -9.15
CA GLU A 108 4.06 4.53 -10.47
C GLU A 108 2.55 4.73 -10.58
N SER A 109 2.01 4.34 -11.72
CA SER A 109 0.58 4.45 -11.97
C SER A 109 0.13 5.90 -11.74
N GLY A 110 0.19 6.67 -12.81
CA GLY A 110 -0.20 8.07 -12.75
C GLY A 110 -0.42 8.65 -14.15
N SER A 111 -1.55 8.27 -14.74
CA SER A 111 -1.89 8.74 -16.06
C SER A 111 -3.29 9.36 -16.06
N GLY A 112 -3.32 10.66 -16.29
CA GLY A 112 -4.58 11.39 -16.32
C GLY A 112 -5.02 11.68 -17.75
N PRO A 113 -6.35 11.92 -17.90
CA PRO A 113 -6.91 12.21 -19.21
C PRO A 113 -6.57 13.63 -19.65
N SER A 114 -6.15 13.74 -20.91
CA SER A 114 -5.78 15.03 -21.47
C SER A 114 -6.81 16.09 -21.06
N SER A 115 -8.06 15.83 -21.43
CA SER A 115 -9.13 16.75 -21.11
C SER A 115 -9.52 16.61 -19.64
N GLY A 116 -9.04 17.57 -18.85
CA GLY A 116 -9.31 17.57 -17.43
C GLY A 116 -9.05 18.94 -16.81
N GLY A 1 15.24 -37.86 19.14
CA GLY A 1 15.15 -36.43 19.44
C GLY A 1 15.29 -35.60 18.16
N SER A 2 14.36 -34.68 17.99
CA SER A 2 14.37 -33.81 16.83
C SER A 2 14.45 -32.35 17.27
N SER A 3 15.12 -31.55 16.44
CA SER A 3 15.28 -30.14 16.72
C SER A 3 15.99 -29.45 15.56
N GLY A 4 15.62 -28.20 15.34
CA GLY A 4 16.21 -27.41 14.26
C GLY A 4 15.79 -25.95 14.36
N SER A 5 16.47 -25.12 13.57
CA SER A 5 16.18 -23.70 13.56
C SER A 5 17.04 -23.00 12.50
N SER A 6 16.72 -21.73 12.27
CA SER A 6 17.45 -20.95 11.30
C SER A 6 16.87 -19.53 11.22
N GLY A 7 17.59 -18.66 10.53
CA GLY A 7 17.15 -17.29 10.37
C GLY A 7 18.01 -16.56 9.32
N MET A 8 17.32 -15.81 8.46
CA MET A 8 18.00 -15.06 7.42
C MET A 8 17.36 -13.68 7.23
N GLU A 9 17.99 -12.89 6.37
CA GLU A 9 17.50 -11.55 6.09
C GLU A 9 18.07 -11.05 4.77
N LYS A 10 17.43 -10.01 4.25
CA LYS A 10 17.87 -9.42 2.99
C LYS A 10 17.06 -8.15 2.72
N THR A 11 17.63 -7.29 1.89
CA THR A 11 16.98 -6.04 1.55
C THR A 11 17.53 -5.50 0.23
N LEU A 12 16.65 -4.83 -0.51
CA LEU A 12 17.03 -4.26 -1.78
C LEU A 12 16.53 -2.82 -1.87
N GLU A 13 17.43 -1.94 -2.31
CA GLU A 13 17.10 -0.53 -2.44
C GLU A 13 17.83 0.08 -3.63
N THR A 14 17.05 0.45 -4.63
CA THR A 14 17.61 1.05 -5.84
C THR A 14 17.71 2.56 -5.68
N VAL A 15 18.25 3.20 -6.71
CA VAL A 15 18.41 4.64 -6.70
C VAL A 15 17.10 5.29 -6.25
N PRO A 16 17.20 6.06 -5.12
CA PRO A 16 16.03 6.74 -4.58
C PRO A 16 15.67 7.95 -5.43
N LEU A 17 14.61 7.80 -6.22
CA LEU A 17 14.15 8.87 -7.08
C LEU A 17 13.21 9.79 -6.29
N GLU A 18 12.06 9.23 -5.93
CA GLU A 18 11.07 9.98 -5.17
C GLU A 18 10.61 11.20 -5.97
N ARG A 19 9.30 11.24 -6.21
CA ARG A 19 8.72 12.34 -6.96
C ARG A 19 7.27 12.03 -7.31
N LYS A 20 6.38 12.40 -6.41
CA LYS A 20 4.96 12.17 -6.62
C LYS A 20 4.17 12.82 -5.48
N LYS A 21 3.43 13.86 -5.82
CA LYS A 21 2.63 14.58 -4.84
C LYS A 21 3.51 14.95 -3.65
N ARG A 22 2.90 15.66 -2.71
CA ARG A 22 3.61 16.09 -1.52
C ARG A 22 4.50 14.97 -1.00
N GLU A 23 5.45 15.34 -0.15
CA GLU A 23 6.38 14.38 0.42
C GLU A 23 5.84 13.87 1.76
N LYS A 24 5.23 14.79 2.50
CA LYS A 24 4.68 14.45 3.80
C LYS A 24 3.50 13.49 3.62
N GLU A 25 2.91 13.55 2.43
CA GLU A 25 1.78 12.70 2.12
C GLU A 25 2.25 11.26 1.85
N GLN A 26 3.12 11.13 0.86
CA GLN A 26 3.66 9.84 0.50
C GLN A 26 4.40 9.21 1.68
N PHE A 27 4.86 10.08 2.58
CA PHE A 27 5.58 9.64 3.75
C PHE A 27 4.64 8.93 4.74
N ARG A 28 3.43 9.44 4.82
CA ARG A 28 2.44 8.86 5.71
C ARG A 28 1.48 7.96 4.93
N LYS A 29 1.54 8.09 3.61
CA LYS A 29 0.69 7.30 2.74
C LYS A 29 1.42 6.01 2.36
N LEU A 30 0.85 4.89 2.78
CA LEU A 30 1.44 3.60 2.48
C LEU A 30 0.56 2.85 1.49
N PHE A 31 1.20 2.07 0.63
CA PHE A 31 0.48 1.31 -0.38
C PHE A 31 0.30 -0.14 0.07
N ILE A 32 -0.93 -0.43 0.50
CA ILE A 32 -1.26 -1.77 0.96
C ILE A 32 -1.56 -2.66 -0.25
N GLY A 33 -0.98 -3.86 -0.24
CA GLY A 33 -1.18 -4.81 -1.32
C GLY A 33 -1.56 -6.18 -0.77
N GLY A 34 -2.61 -6.74 -1.36
CA GLY A 34 -3.10 -8.05 -0.94
C GLY A 34 -4.32 -7.92 -0.03
N LEU A 35 -5.34 -7.26 -0.56
CA LEU A 35 -6.57 -7.07 0.20
C LEU A 35 -7.60 -8.11 -0.23
N SER A 36 -7.14 -9.06 -1.03
CA SER A 36 -8.01 -10.12 -1.52
C SER A 36 -8.93 -9.57 -2.61
N PHE A 37 -9.90 -8.78 -2.17
CA PHE A 37 -10.86 -8.18 -3.09
C PHE A 37 -12.08 -7.65 -2.35
N GLU A 38 -12.36 -8.26 -1.21
CA GLU A 38 -13.49 -7.85 -0.40
C GLU A 38 -13.07 -6.75 0.57
N THR A 39 -12.05 -7.06 1.36
CA THR A 39 -11.55 -6.10 2.33
C THR A 39 -11.61 -4.68 1.77
N THR A 40 -12.66 -3.97 2.16
CA THR A 40 -12.86 -2.61 1.70
C THR A 40 -12.02 -1.64 2.54
N GLU A 41 -12.32 -0.36 2.39
CA GLU A 41 -11.61 0.66 3.13
C GLU A 41 -11.76 0.45 4.64
N GLU A 42 -13.00 0.37 5.07
CA GLU A 42 -13.30 0.15 6.49
C GLU A 42 -12.64 -1.14 6.98
N SER A 43 -13.11 -2.25 6.43
CA SER A 43 -12.58 -3.55 6.81
C SER A 43 -11.06 -3.46 6.98
N LEU A 44 -10.44 -2.69 6.11
CA LEU A 44 -9.00 -2.51 6.15
C LEU A 44 -8.64 -1.59 7.32
N ARG A 45 -9.17 -0.37 7.26
CA ARG A 45 -8.91 0.61 8.29
C ARG A 45 -9.08 -0.02 9.68
N ASN A 46 -10.16 -0.77 9.83
CA ASN A 46 -10.44 -1.43 11.09
C ASN A 46 -9.17 -2.13 11.58
N TYR A 47 -8.32 -2.47 10.63
CA TYR A 47 -7.08 -3.15 10.96
C TYR A 47 -5.94 -2.13 11.18
N TYR A 48 -5.84 -1.19 10.25
CA TYR A 48 -4.82 -0.17 10.34
C TYR A 48 -5.31 1.03 11.15
N GLU A 49 -6.29 0.77 12.00
CA GLU A 49 -6.86 1.81 12.84
C GLU A 49 -6.25 1.76 14.24
N GLN A 50 -5.67 0.61 14.56
CA GLN A 50 -5.05 0.41 15.85
C GLN A 50 -3.74 1.19 15.94
N TRP A 51 -2.82 0.84 15.05
CA TRP A 51 -1.52 1.49 15.02
C TRP A 51 -1.76 3.01 15.01
N GLY A 52 -2.82 3.40 14.32
CA GLY A 52 -3.16 4.81 14.22
C GLY A 52 -4.42 5.01 13.37
N LYS A 53 -5.09 6.13 13.63
CA LYS A 53 -6.30 6.46 12.89
C LYS A 53 -5.93 6.99 11.50
N LEU A 54 -6.40 6.28 10.49
CA LEU A 54 -6.13 6.68 9.12
C LEU A 54 -7.00 7.88 8.75
N THR A 55 -6.35 8.93 8.28
CA THR A 55 -7.05 10.15 7.90
C THR A 55 -7.53 10.04 6.44
N ASP A 56 -6.80 9.26 5.67
CA ASP A 56 -7.14 9.06 4.27
C ASP A 56 -6.82 7.62 3.87
N CYS A 57 -7.89 6.89 3.57
CA CYS A 57 -7.76 5.49 3.18
C CYS A 57 -8.51 5.29 1.86
N VAL A 58 -7.77 4.85 0.85
CA VAL A 58 -8.36 4.61 -0.46
C VAL A 58 -8.10 3.16 -0.87
N VAL A 59 -9.11 2.56 -1.47
CA VAL A 59 -9.02 1.17 -1.92
C VAL A 59 -9.34 1.10 -3.40
N MET A 60 -8.30 0.86 -4.20
CA MET A 60 -8.47 0.75 -5.64
C MET A 60 -9.48 -0.33 -6.00
N ARG A 61 -10.17 -0.11 -7.12
CA ARG A 61 -11.15 -1.05 -7.58
C ARG A 61 -11.02 -1.28 -9.09
N ASP A 62 -10.84 -2.54 -9.46
CA ASP A 62 -10.69 -2.89 -10.86
C ASP A 62 -11.67 -2.08 -11.70
N PRO A 63 -11.10 -1.36 -12.70
CA PRO A 63 -11.92 -0.53 -13.58
C PRO A 63 -12.68 -1.39 -14.58
N ALA A 64 -12.12 -2.55 -14.86
CA ALA A 64 -12.73 -3.48 -15.81
C ALA A 64 -13.68 -4.41 -15.05
N SER A 65 -13.17 -4.98 -13.98
CA SER A 65 -13.96 -5.90 -13.16
C SER A 65 -15.02 -5.11 -12.38
N LYS A 66 -14.57 -4.04 -11.75
CA LYS A 66 -15.47 -3.20 -10.97
C LYS A 66 -15.81 -3.90 -9.66
N ARG A 67 -14.94 -4.84 -9.28
CA ARG A 67 -15.13 -5.59 -8.05
C ARG A 67 -13.88 -5.51 -7.19
N SER A 68 -13.50 -4.28 -6.85
CA SER A 68 -12.32 -4.06 -6.02
C SER A 68 -11.09 -4.61 -6.72
N ARG A 69 -9.96 -3.96 -6.47
CA ARG A 69 -8.70 -4.37 -7.07
C ARG A 69 -7.97 -5.34 -6.14
N GLY A 70 -7.93 -4.98 -4.87
CA GLY A 70 -7.27 -5.81 -3.87
C GLY A 70 -6.09 -5.07 -3.24
N PHE A 71 -6.04 -3.76 -3.50
CA PHE A 71 -4.98 -2.93 -2.96
C PHE A 71 -5.40 -1.46 -2.92
N GLY A 72 -4.77 -0.72 -2.04
CA GLY A 72 -5.06 0.70 -1.88
C GLY A 72 -3.97 1.41 -1.09
N PHE A 73 -4.32 2.58 -0.56
CA PHE A 73 -3.40 3.36 0.22
C PHE A 73 -3.97 3.67 1.61
N VAL A 74 -3.07 3.83 2.56
CA VAL A 74 -3.46 4.12 3.93
C VAL A 74 -2.63 5.29 4.46
N THR A 75 -3.32 6.37 4.81
CA THR A 75 -2.65 7.54 5.34
C THR A 75 -2.98 7.74 6.82
N PHE A 76 -1.98 7.50 7.65
CA PHE A 76 -2.15 7.64 9.09
C PHE A 76 -2.23 9.11 9.49
N SER A 77 -2.36 9.33 10.79
CA SER A 77 -2.45 10.69 11.32
C SER A 77 -1.04 11.23 11.59
N SER A 78 -0.22 10.39 12.20
CA SER A 78 1.14 10.78 12.53
C SER A 78 2.12 9.87 11.80
N MET A 79 3.41 10.18 11.96
CA MET A 79 4.46 9.40 11.33
C MET A 79 4.83 8.18 12.19
N ALA A 80 4.68 8.35 13.49
CA ALA A 80 4.98 7.28 14.42
C ALA A 80 4.10 6.07 14.12
N GLU A 81 2.80 6.28 14.26
CA GLU A 81 1.84 5.22 14.01
C GLU A 81 2.22 4.46 12.73
N VAL A 82 2.22 5.18 11.62
CA VAL A 82 2.55 4.59 10.34
C VAL A 82 3.87 3.83 10.46
N ASP A 83 4.74 4.34 11.32
CA ASP A 83 6.03 3.71 11.55
C ASP A 83 5.82 2.34 12.19
N ALA A 84 4.81 2.26 13.04
CA ALA A 84 4.49 1.03 13.72
C ALA A 84 3.98 0.00 12.72
N ALA A 85 3.08 0.47 11.86
CA ALA A 85 2.50 -0.39 10.83
C ALA A 85 3.63 -0.95 9.96
N MET A 86 4.50 -0.07 9.52
CA MET A 86 5.62 -0.45 8.69
C MET A 86 6.37 -1.64 9.29
N ALA A 87 6.49 -1.61 10.61
CA ALA A 87 7.19 -2.67 11.31
C ALA A 87 6.17 -3.50 12.10
N ALA A 88 5.11 -3.88 11.41
CA ALA A 88 4.06 -4.67 12.03
C ALA A 88 3.63 -5.79 11.08
N ARG A 89 4.64 -6.46 10.52
CA ARG A 89 4.38 -7.54 9.59
C ARG A 89 4.67 -8.89 10.25
N PRO A 90 4.10 -9.97 9.65
CA PRO A 90 3.28 -9.81 8.46
C PRO A 90 1.90 -9.23 8.81
N HIS A 91 1.05 -9.15 7.81
CA HIS A 91 -0.29 -8.63 8.00
C HIS A 91 -1.32 -9.63 7.46
N SER A 92 -2.26 -9.98 8.33
CA SER A 92 -3.30 -10.93 7.96
C SER A 92 -4.67 -10.24 7.98
N ILE A 93 -5.24 -10.09 6.80
CA ILE A 93 -6.55 -9.45 6.68
C ILE A 93 -7.41 -10.26 5.70
N ASP A 94 -8.71 -10.22 5.94
CA ASP A 94 -9.65 -10.93 5.09
C ASP A 94 -9.41 -12.43 5.21
N GLY A 95 -8.62 -12.79 6.22
CA GLY A 95 -8.30 -14.19 6.46
C GLY A 95 -7.11 -14.63 5.60
N ARG A 96 -6.59 -13.68 4.84
CA ARG A 96 -5.45 -13.96 3.97
C ARG A 96 -4.23 -13.16 4.41
N VAL A 97 -3.08 -13.58 3.94
CA VAL A 97 -1.84 -12.91 4.28
C VAL A 97 -1.57 -11.80 3.27
N VAL A 98 -1.75 -10.57 3.72
CA VAL A 98 -1.54 -9.41 2.87
C VAL A 98 -0.07 -8.99 2.95
N GLU A 99 0.21 -7.83 2.37
CA GLU A 99 1.57 -7.31 2.36
C GLU A 99 1.54 -5.80 2.14
N PRO A 100 1.88 -5.05 3.23
CA PRO A 100 1.91 -3.60 3.17
C PRO A 100 3.13 -3.10 2.41
N LYS A 101 2.97 -1.96 1.75
CA LYS A 101 4.05 -1.37 0.97
C LYS A 101 4.09 0.14 1.22
N ARG A 102 5.15 0.76 0.75
CA ARG A 102 5.32 2.19 0.90
C ARG A 102 4.99 2.92 -0.40
N ALA A 103 4.33 4.06 -0.26
CA ALA A 103 3.95 4.85 -1.41
C ALA A 103 5.06 5.86 -1.73
N VAL A 104 6.29 5.38 -1.63
CA VAL A 104 7.45 6.22 -1.90
C VAL A 104 8.52 5.39 -2.60
N ALA A 105 9.42 6.09 -3.28
CA ALA A 105 10.50 5.44 -3.99
C ALA A 105 9.94 4.73 -5.22
N ARG A 106 10.07 5.39 -6.36
CA ARG A 106 9.58 4.84 -7.61
C ARG A 106 10.65 4.96 -8.70
N GLU A 107 10.97 3.82 -9.29
CA GLU A 107 11.98 3.78 -10.35
C GLU A 107 11.44 4.49 -11.60
N GLU A 108 12.36 4.81 -12.49
CA GLU A 108 12.01 5.48 -13.73
C GLU A 108 11.68 4.45 -14.82
N SER A 109 10.81 4.86 -15.73
CA SER A 109 10.40 3.99 -16.82
C SER A 109 11.16 4.35 -18.09
N GLY A 110 11.00 5.60 -18.50
CA GLY A 110 11.67 6.09 -19.70
C GLY A 110 10.65 6.41 -20.79
N SER A 111 10.76 7.62 -21.32
CA SER A 111 9.86 8.05 -22.37
C SER A 111 10.65 8.42 -23.62
N GLY A 112 9.99 8.29 -24.76
CA GLY A 112 10.62 8.60 -26.04
C GLY A 112 9.58 8.86 -27.12
N PRO A 113 9.35 10.17 -27.38
CA PRO A 113 8.38 10.58 -28.40
C PRO A 113 8.93 10.35 -29.80
N SER A 114 8.29 9.45 -30.51
CA SER A 114 8.70 9.13 -31.87
C SER A 114 7.72 9.75 -32.88
N SER A 115 8.15 9.81 -34.13
CA SER A 115 7.34 10.37 -35.18
C SER A 115 8.04 10.22 -36.53
N GLY A 116 7.23 10.11 -37.57
CA GLY A 116 7.75 9.95 -38.92
C GLY A 116 8.72 8.77 -38.99
N GLY A 1 20.42 -35.58 -6.53
CA GLY A 1 20.93 -34.36 -7.15
C GLY A 1 20.02 -33.17 -6.84
N SER A 2 20.65 -32.00 -6.73
CA SER A 2 19.90 -30.78 -6.44
C SER A 2 20.87 -29.59 -6.38
N SER A 3 20.36 -28.44 -6.79
CA SER A 3 21.15 -27.23 -6.78
C SER A 3 20.31 -26.05 -7.28
N GLY A 4 20.77 -24.85 -6.94
CA GLY A 4 20.07 -23.65 -7.35
C GLY A 4 20.71 -22.40 -6.72
N SER A 5 20.82 -21.35 -7.52
CA SER A 5 21.40 -20.11 -7.06
C SER A 5 21.30 -19.04 -8.15
N SER A 6 20.55 -18.00 -7.84
CA SER A 6 20.36 -16.90 -8.78
C SER A 6 19.84 -15.66 -8.05
N GLY A 7 20.50 -14.55 -8.29
CA GLY A 7 20.11 -13.30 -7.67
C GLY A 7 20.34 -12.12 -8.61
N MET A 8 20.32 -10.92 -8.04
CA MET A 8 20.52 -9.71 -8.81
C MET A 8 20.49 -8.48 -7.92
N GLU A 9 21.55 -7.70 -7.98
CA GLU A 9 21.65 -6.49 -7.18
C GLU A 9 22.01 -5.29 -8.07
N LYS A 10 21.00 -4.53 -8.43
CA LYS A 10 21.19 -3.37 -9.27
C LYS A 10 20.82 -2.10 -8.49
N THR A 11 19.52 -1.96 -8.25
CA THR A 11 19.03 -0.82 -7.52
C THR A 11 19.44 0.49 -8.21
N LEU A 12 18.77 0.77 -9.32
CA LEU A 12 19.05 1.96 -10.08
C LEU A 12 17.84 2.89 -10.04
N GLU A 13 17.98 3.98 -9.29
CA GLU A 13 16.91 4.95 -9.16
C GLU A 13 17.42 6.36 -9.48
N THR A 14 17.60 6.61 -10.76
CA THR A 14 18.08 7.92 -11.21
C THR A 14 17.36 9.04 -10.46
N VAL A 15 17.99 10.20 -10.47
CA VAL A 15 17.42 11.36 -9.80
C VAL A 15 17.18 12.47 -10.82
N PRO A 16 15.89 12.87 -10.94
CA PRO A 16 15.51 13.92 -11.88
C PRO A 16 15.92 15.29 -11.35
N LEU A 17 15.90 16.27 -12.25
CA LEU A 17 16.27 17.63 -11.89
C LEU A 17 15.68 17.96 -10.52
N GLU A 18 14.35 18.03 -10.49
CA GLU A 18 13.65 18.34 -9.25
C GLU A 18 12.14 18.22 -9.45
N ARG A 19 11.46 17.77 -8.40
CA ARG A 19 10.02 17.60 -8.45
C ARG A 19 9.49 17.21 -7.08
N LYS A 20 8.41 17.89 -6.68
CA LYS A 20 7.79 17.62 -5.39
C LYS A 20 6.53 16.78 -5.60
N LYS A 21 5.52 17.43 -6.16
CA LYS A 21 4.26 16.75 -6.42
C LYS A 21 3.52 16.55 -5.10
N ARG A 22 4.03 15.62 -4.31
CA ARG A 22 3.42 15.33 -3.02
C ARG A 22 4.40 14.55 -2.13
N GLU A 23 5.11 15.29 -1.30
CA GLU A 23 6.09 14.69 -0.41
C GLU A 23 5.44 14.38 0.95
N LYS A 24 4.65 15.33 1.43
CA LYS A 24 3.98 15.18 2.70
C LYS A 24 2.97 14.03 2.59
N GLU A 25 2.53 13.78 1.37
CA GLU A 25 1.57 12.72 1.12
C GLU A 25 2.26 11.36 1.14
N GLN A 26 3.16 11.18 0.19
CA GLN A 26 3.90 9.93 0.09
C GLN A 26 4.66 9.65 1.38
N PHE A 27 4.85 10.71 2.15
CA PHE A 27 5.55 10.59 3.42
C PHE A 27 4.73 9.80 4.44
N ARG A 28 3.43 10.06 4.43
CA ARG A 28 2.52 9.39 5.34
C ARG A 28 1.46 8.63 4.56
N LYS A 29 1.87 8.06 3.44
CA LYS A 29 0.96 7.31 2.60
C LYS A 29 1.57 5.93 2.31
N LEU A 30 0.92 4.91 2.85
CA LEU A 30 1.38 3.55 2.67
C LEU A 30 0.47 2.84 1.65
N PHE A 31 1.09 2.02 0.83
CA PHE A 31 0.37 1.28 -0.19
C PHE A 31 0.16 -0.17 0.22
N ILE A 32 -1.08 -0.50 0.55
CA ILE A 32 -1.41 -1.85 0.97
C ILE A 32 -1.58 -2.73 -0.28
N GLY A 33 -0.94 -3.88 -0.25
CA GLY A 33 -1.02 -4.82 -1.35
C GLY A 33 -1.57 -6.16 -0.90
N GLY A 34 -2.56 -6.64 -1.63
CA GLY A 34 -3.20 -7.91 -1.32
C GLY A 34 -4.24 -7.75 -0.21
N LEU A 35 -5.38 -7.20 -0.59
CA LEU A 35 -6.46 -6.99 0.35
C LEU A 35 -7.46 -8.14 0.26
N SER A 36 -7.19 -9.04 -0.68
CA SER A 36 -8.05 -10.20 -0.88
C SER A 36 -9.23 -9.82 -1.78
N PHE A 37 -9.35 -8.52 -2.02
CA PHE A 37 -10.44 -8.02 -2.86
C PHE A 37 -11.77 -8.04 -2.10
N GLU A 38 -11.71 -8.56 -0.88
CA GLU A 38 -12.90 -8.65 -0.05
C GLU A 38 -12.77 -7.72 1.17
N THR A 39 -11.69 -6.97 1.19
CA THR A 39 -11.43 -6.05 2.28
C THR A 39 -11.77 -4.61 1.86
N THR A 40 -12.85 -4.11 2.42
CA THR A 40 -13.29 -2.76 2.12
C THR A 40 -12.43 -1.74 2.86
N GLU A 41 -12.43 -0.52 2.34
CA GLU A 41 -11.66 0.55 2.96
C GLU A 41 -11.77 0.49 4.48
N GLU A 42 -13.01 0.48 4.95
CA GLU A 42 -13.26 0.41 6.38
C GLU A 42 -12.59 -0.83 6.99
N SER A 43 -13.01 -1.99 6.51
CA SER A 43 -12.46 -3.24 6.98
C SER A 43 -10.95 -3.10 7.22
N LEU A 44 -10.26 -2.63 6.20
CA LEU A 44 -8.82 -2.44 6.28
C LEU A 44 -8.51 -1.50 7.45
N ARG A 45 -9.19 -0.36 7.45
CA ARG A 45 -9.00 0.63 8.49
C ARG A 45 -9.15 -0.02 9.87
N ASN A 46 -10.30 -0.64 10.08
CA ASN A 46 -10.58 -1.30 11.33
C ASN A 46 -9.31 -2.00 11.83
N TYR A 47 -8.50 -2.43 10.88
CA TYR A 47 -7.26 -3.11 11.19
C TYR A 47 -6.10 -2.12 11.33
N TYR A 48 -6.04 -1.20 10.38
CA TYR A 48 -5.00 -0.19 10.38
C TYR A 48 -5.42 1.04 11.18
N GLU A 49 -6.34 0.82 12.10
CA GLU A 49 -6.84 1.90 12.94
C GLU A 49 -6.14 1.88 14.30
N GLN A 50 -5.79 0.68 14.74
CA GLN A 50 -5.12 0.51 16.02
C GLN A 50 -3.75 1.21 15.99
N TRP A 51 -2.98 0.89 14.97
CA TRP A 51 -1.66 1.48 14.82
C TRP A 51 -1.81 3.00 14.85
N GLY A 52 -2.85 3.47 14.18
CA GLY A 52 -3.12 4.89 14.12
C GLY A 52 -4.43 5.17 13.39
N LYS A 53 -4.89 6.41 13.50
CA LYS A 53 -6.13 6.81 12.86
C LYS A 53 -5.83 7.25 11.42
N LEU A 54 -6.40 6.53 10.49
CA LEU A 54 -6.21 6.83 9.08
C LEU A 54 -6.99 8.10 8.72
N THR A 55 -6.30 9.00 8.04
CA THR A 55 -6.91 10.26 7.64
C THR A 55 -7.44 10.15 6.20
N ASP A 56 -6.96 9.13 5.51
CA ASP A 56 -7.38 8.91 4.14
C ASP A 56 -7.14 7.45 3.76
N CYS A 57 -8.22 6.76 3.44
CA CYS A 57 -8.14 5.37 3.06
C CYS A 57 -8.82 5.19 1.69
N VAL A 58 -8.04 4.69 0.75
CA VAL A 58 -8.53 4.47 -0.59
C VAL A 58 -8.19 3.05 -1.05
N VAL A 59 -9.15 2.42 -1.70
CA VAL A 59 -8.96 1.06 -2.19
C VAL A 59 -9.22 1.02 -3.69
N MET A 60 -8.17 0.72 -4.45
CA MET A 60 -8.28 0.64 -5.89
C MET A 60 -9.15 -0.55 -6.31
N ARG A 61 -10.02 -0.29 -7.28
CA ARG A 61 -10.91 -1.32 -7.78
C ARG A 61 -10.93 -1.31 -9.32
N ASP A 62 -10.70 -2.48 -9.89
CA ASP A 62 -10.69 -2.62 -11.34
C ASP A 62 -11.81 -1.76 -11.93
N PRO A 63 -11.42 -0.93 -12.94
CA PRO A 63 -12.38 -0.06 -13.60
C PRO A 63 -13.28 -0.85 -14.55
N ALA A 64 -12.70 -1.90 -15.13
CA ALA A 64 -13.44 -2.74 -16.06
C ALA A 64 -14.16 -3.83 -15.27
N SER A 65 -13.44 -4.45 -14.36
CA SER A 65 -14.01 -5.51 -13.54
C SER A 65 -14.98 -4.91 -12.51
N LYS A 66 -14.62 -3.74 -12.01
CA LYS A 66 -15.45 -3.06 -11.04
C LYS A 66 -15.32 -3.76 -9.68
N ARG A 67 -14.19 -4.44 -9.52
CA ARG A 67 -13.92 -5.16 -8.28
C ARG A 67 -12.62 -4.66 -7.66
N SER A 68 -12.53 -4.81 -6.34
CA SER A 68 -11.34 -4.39 -5.62
C SER A 68 -10.11 -5.12 -6.16
N ARG A 69 -9.12 -4.33 -6.56
CA ARG A 69 -7.88 -4.88 -7.10
C ARG A 69 -7.14 -5.67 -6.02
N GLY A 70 -7.42 -5.31 -4.77
CA GLY A 70 -6.79 -5.96 -3.65
C GLY A 70 -5.63 -5.13 -3.10
N PHE A 71 -5.70 -3.84 -3.34
CA PHE A 71 -4.67 -2.92 -2.89
C PHE A 71 -5.20 -1.48 -2.84
N GLY A 72 -4.65 -0.72 -1.90
CA GLY A 72 -5.06 0.68 -1.73
C GLY A 72 -3.99 1.46 -0.97
N PHE A 73 -4.43 2.57 -0.40
CA PHE A 73 -3.52 3.42 0.37
C PHE A 73 -4.13 3.78 1.73
N VAL A 74 -3.25 3.89 2.71
CA VAL A 74 -3.67 4.23 4.06
C VAL A 74 -2.82 5.37 4.59
N THR A 75 -3.43 6.54 4.70
CA THR A 75 -2.73 7.72 5.20
C THR A 75 -3.01 7.92 6.69
N PHE A 76 -1.98 7.66 7.49
CA PHE A 76 -2.11 7.81 8.93
C PHE A 76 -2.14 9.28 9.33
N SER A 77 -2.16 9.50 10.63
CA SER A 77 -2.20 10.86 11.16
C SER A 77 -0.80 11.27 11.65
N SER A 78 -0.07 10.28 12.13
CA SER A 78 1.28 10.52 12.63
C SER A 78 2.27 9.63 11.88
N MET A 79 3.55 9.91 12.12
CA MET A 79 4.61 9.14 11.48
C MET A 79 4.93 7.88 12.28
N ALA A 80 4.79 8.00 13.59
CA ALA A 80 5.07 6.88 14.48
C ALA A 80 4.12 5.73 14.14
N GLU A 81 2.83 6.01 14.28
CA GLU A 81 1.81 5.01 13.99
C GLU A 81 2.14 4.28 12.69
N VAL A 82 2.19 5.05 11.61
CA VAL A 82 2.48 4.49 10.30
C VAL A 82 3.78 3.69 10.38
N ASP A 83 4.76 4.26 11.05
CA ASP A 83 6.05 3.60 11.20
C ASP A 83 5.84 2.22 11.84
N ALA A 84 4.82 2.14 12.67
CA ALA A 84 4.50 0.90 13.34
C ALA A 84 4.00 -0.13 12.31
N ALA A 85 3.02 0.30 11.53
CA ALA A 85 2.45 -0.56 10.51
C ALA A 85 3.58 -1.15 9.66
N MET A 86 4.60 -0.32 9.44
CA MET A 86 5.74 -0.74 8.65
C MET A 86 6.48 -1.89 9.32
N ALA A 87 6.92 -1.63 10.53
CA ALA A 87 7.65 -2.64 11.29
C ALA A 87 6.66 -3.43 12.15
N ALA A 88 5.49 -3.67 11.59
CA ALA A 88 4.46 -4.41 12.30
C ALA A 88 4.24 -5.75 11.60
N ARG A 89 4.43 -5.74 10.29
CA ARG A 89 4.26 -6.95 9.49
C ARG A 89 4.82 -8.16 10.23
N PRO A 90 4.37 -9.36 9.80
CA PRO A 90 3.41 -9.46 8.71
C PRO A 90 2.01 -9.05 9.16
N HIS A 91 1.07 -9.12 8.24
CA HIS A 91 -0.31 -8.77 8.52
C HIS A 91 -1.25 -9.65 7.71
N SER A 92 -2.40 -9.93 8.31
CA SER A 92 -3.40 -10.77 7.65
C SER A 92 -4.78 -10.10 7.74
N ILE A 93 -5.47 -10.11 6.61
CA ILE A 93 -6.80 -9.51 6.55
C ILE A 93 -7.75 -10.48 5.85
N ASP A 94 -8.91 -10.66 6.45
CA ASP A 94 -9.92 -11.56 5.89
C ASP A 94 -9.44 -13.00 6.02
N GLY A 95 -8.33 -13.16 6.72
CA GLY A 95 -7.76 -14.48 6.93
C GLY A 95 -6.58 -14.72 5.99
N ARG A 96 -6.42 -13.80 5.04
CA ARG A 96 -5.33 -13.89 4.07
C ARG A 96 -4.14 -13.08 4.55
N VAL A 97 -2.98 -13.38 3.95
CA VAL A 97 -1.76 -12.68 4.30
C VAL A 97 -1.53 -11.53 3.33
N VAL A 98 -1.63 -10.32 3.87
CA VAL A 98 -1.44 -9.12 3.06
C VAL A 98 0.02 -8.68 3.16
N GLU A 99 0.32 -7.58 2.47
CA GLU A 99 1.66 -7.03 2.48
C GLU A 99 1.64 -5.54 2.16
N PRO A 100 1.92 -4.72 3.22
CA PRO A 100 1.93 -3.28 3.08
C PRO A 100 3.18 -2.81 2.33
N LYS A 101 3.10 -1.59 1.82
CA LYS A 101 4.22 -1.02 1.09
C LYS A 101 4.36 0.47 1.47
N ARG A 102 5.58 0.97 1.29
CA ARG A 102 5.86 2.35 1.62
C ARG A 102 5.00 3.28 0.75
N ALA A 103 4.79 2.86 -0.48
CA ALA A 103 3.99 3.64 -1.42
C ALA A 103 4.88 4.71 -2.07
N VAL A 104 6.10 4.80 -1.58
CA VAL A 104 7.04 5.77 -2.10
C VAL A 104 7.99 5.08 -3.09
N ALA A 105 8.47 5.86 -4.04
CA ALA A 105 9.37 5.33 -5.06
C ALA A 105 8.65 4.27 -5.88
N ARG A 106 8.37 4.64 -7.13
CA ARG A 106 7.68 3.73 -8.03
C ARG A 106 7.62 4.33 -9.44
N GLU A 107 6.79 5.36 -9.58
CA GLU A 107 6.63 6.03 -10.85
C GLU A 107 8.00 6.41 -11.43
N GLU A 108 8.01 6.64 -12.73
CA GLU A 108 9.24 7.02 -13.41
C GLU A 108 8.93 7.91 -14.62
N SER A 109 9.91 8.73 -14.97
CA SER A 109 9.76 9.64 -16.09
C SER A 109 10.61 9.16 -17.27
N GLY A 110 9.98 9.11 -18.43
CA GLY A 110 10.66 8.67 -19.64
C GLY A 110 11.17 9.87 -20.43
N SER A 111 10.23 10.63 -21.00
CA SER A 111 10.57 11.79 -21.78
C SER A 111 9.55 12.90 -21.54
N GLY A 112 9.99 14.13 -21.77
CA GLY A 112 9.13 15.28 -21.59
C GLY A 112 9.00 16.09 -22.88
N PRO A 113 7.87 16.84 -22.99
CA PRO A 113 7.62 17.65 -24.16
C PRO A 113 8.50 18.91 -24.17
N SER A 114 8.82 19.36 -25.36
CA SER A 114 9.65 20.55 -25.52
C SER A 114 8.92 21.60 -26.36
N SER A 115 8.86 22.81 -25.82
CA SER A 115 8.19 23.90 -26.51
C SER A 115 9.16 24.55 -27.51
N GLY A 116 8.94 24.22 -28.78
CA GLY A 116 9.77 24.76 -29.84
C GLY A 116 9.41 26.21 -30.14
N GLY A 1 4.89 -38.07 13.60
CA GLY A 1 5.51 -36.99 12.84
C GLY A 1 4.93 -36.90 11.43
N SER A 2 5.45 -35.94 10.67
CA SER A 2 5.00 -35.75 9.30
C SER A 2 5.83 -34.66 8.63
N SER A 3 5.92 -34.74 7.31
CA SER A 3 6.67 -33.78 6.54
C SER A 3 6.31 -33.89 5.05
N GLY A 4 6.66 -32.86 4.31
CA GLY A 4 6.37 -32.83 2.89
C GLY A 4 6.02 -31.41 2.42
N SER A 5 6.86 -30.89 1.54
CA SER A 5 6.65 -29.56 1.01
C SER A 5 7.75 -29.20 0.02
N SER A 6 7.40 -28.36 -0.95
CA SER A 6 8.35 -27.95 -1.96
C SER A 6 7.69 -26.95 -2.93
N GLY A 7 8.51 -26.38 -3.79
CA GLY A 7 8.02 -25.42 -4.77
C GLY A 7 8.52 -24.02 -4.45
N MET A 8 9.00 -23.34 -5.49
CA MET A 8 9.51 -21.99 -5.33
C MET A 8 9.80 -21.36 -6.70
N GLU A 9 9.52 -20.06 -6.78
CA GLU A 9 9.74 -19.33 -8.02
C GLU A 9 10.06 -17.86 -7.72
N LYS A 10 9.03 -17.14 -7.31
CA LYS A 10 9.19 -15.73 -6.99
C LYS A 10 9.48 -14.95 -8.26
N THR A 11 9.35 -13.63 -8.16
CA THR A 11 9.59 -12.77 -9.29
C THR A 11 8.64 -13.09 -10.44
N LEU A 12 7.35 -13.08 -10.11
CA LEU A 12 6.33 -13.37 -11.10
C LEU A 12 5.31 -12.24 -11.12
N GLU A 13 4.62 -12.12 -12.24
CA GLU A 13 3.61 -11.09 -12.41
C GLU A 13 4.25 -9.71 -12.28
N THR A 14 3.67 -8.76 -13.01
CA THR A 14 4.17 -7.40 -12.99
C THR A 14 3.04 -6.41 -12.74
N VAL A 15 3.25 -5.53 -11.77
CA VAL A 15 2.26 -4.54 -11.42
C VAL A 15 2.54 -3.24 -12.20
N PRO A 16 1.46 -2.46 -12.41
CA PRO A 16 1.57 -1.20 -13.13
C PRO A 16 2.22 -0.12 -12.25
N LEU A 17 3.07 0.67 -12.88
CA LEU A 17 3.76 1.73 -12.16
C LEU A 17 3.11 3.07 -12.51
N GLU A 18 3.33 4.06 -11.64
CA GLU A 18 2.77 5.38 -11.85
C GLU A 18 3.44 6.38 -10.89
N ARG A 19 3.79 7.53 -11.45
CA ARG A 19 4.43 8.58 -10.67
C ARG A 19 3.44 9.16 -9.67
N LYS A 20 3.96 9.53 -8.51
CA LYS A 20 3.14 10.11 -7.46
C LYS A 20 3.73 11.45 -7.03
N LYS A 21 2.86 12.44 -6.92
CA LYS A 21 3.28 13.77 -6.52
C LYS A 21 3.25 13.88 -5.00
N ARG A 22 3.71 15.01 -4.50
CA ARG A 22 3.73 15.25 -3.07
C ARG A 22 4.72 14.30 -2.39
N GLU A 23 5.57 14.88 -1.55
CA GLU A 23 6.56 14.09 -0.84
C GLU A 23 6.05 13.74 0.56
N LYS A 24 5.60 14.76 1.27
CA LYS A 24 5.07 14.57 2.61
C LYS A 24 3.95 13.53 2.58
N GLU A 25 3.22 13.54 1.47
CA GLU A 25 2.12 12.61 1.30
C GLU A 25 2.65 11.17 1.20
N GLN A 26 3.39 10.92 0.14
CA GLN A 26 3.96 9.61 -0.09
C GLN A 26 4.78 9.17 1.12
N PHE A 27 5.15 10.15 1.93
CA PHE A 27 5.93 9.87 3.13
C PHE A 27 5.07 9.24 4.21
N ARG A 28 3.83 9.70 4.30
CA ARG A 28 2.90 9.19 5.29
C ARG A 28 1.84 8.31 4.62
N LYS A 29 1.94 8.24 3.30
CA LYS A 29 0.99 7.44 2.53
C LYS A 29 1.60 6.06 2.25
N LEU A 30 0.94 5.05 2.76
CA LEU A 30 1.40 3.68 2.56
C LEU A 30 0.49 2.97 1.56
N PHE A 31 1.09 2.04 0.83
CA PHE A 31 0.34 1.29 -0.17
C PHE A 31 0.17 -0.18 0.25
N ILE A 32 -1.06 -0.54 0.54
CA ILE A 32 -1.37 -1.90 0.96
C ILE A 32 -1.55 -2.78 -0.28
N GLY A 33 -0.92 -3.94 -0.23
CA GLY A 33 -1.00 -4.88 -1.34
C GLY A 33 -1.54 -6.23 -0.88
N GLY A 34 -2.54 -6.73 -1.60
CA GLY A 34 -3.15 -8.00 -1.26
C GLY A 34 -4.26 -7.82 -0.22
N LEU A 35 -5.38 -7.30 -0.68
CA LEU A 35 -6.52 -7.08 0.19
C LEU A 35 -7.51 -8.23 0.03
N SER A 36 -7.15 -9.17 -0.82
CA SER A 36 -8.00 -10.33 -1.08
C SER A 36 -9.22 -9.91 -1.89
N PHE A 37 -9.30 -8.61 -2.15
CA PHE A 37 -10.42 -8.07 -2.92
C PHE A 37 -11.71 -8.10 -2.11
N GLU A 38 -11.60 -8.61 -0.89
CA GLU A 38 -12.75 -8.69 -0.01
C GLU A 38 -12.54 -7.81 1.21
N THR A 39 -11.63 -6.86 1.08
CA THR A 39 -11.33 -5.94 2.16
C THR A 39 -11.60 -4.50 1.73
N THR A 40 -12.69 -3.94 2.25
CA THR A 40 -13.07 -2.58 1.93
C THR A 40 -12.22 -1.59 2.73
N GLU A 41 -12.32 -0.33 2.34
CA GLU A 41 -11.57 0.72 3.01
C GLU A 41 -11.67 0.57 4.52
N GLU A 42 -12.90 0.52 5.01
CA GLU A 42 -13.15 0.38 6.43
C GLU A 42 -12.53 -0.92 6.94
N SER A 43 -12.98 -2.03 6.37
CA SER A 43 -12.48 -3.34 6.75
C SER A 43 -10.96 -3.29 6.92
N LEU A 44 -10.34 -2.43 6.12
CA LEU A 44 -8.90 -2.28 6.16
C LEU A 44 -8.52 -1.33 7.31
N ARG A 45 -9.30 -0.27 7.43
CA ARG A 45 -9.06 0.71 8.47
C ARG A 45 -9.18 0.07 9.86
N ASN A 46 -10.24 -0.72 10.01
CA ASN A 46 -10.49 -1.40 11.27
C ASN A 46 -9.23 -2.17 11.68
N TYR A 47 -8.40 -2.44 10.69
CA TYR A 47 -7.16 -3.18 10.94
C TYR A 47 -6.00 -2.21 11.18
N TYR A 48 -5.94 -1.18 10.35
CA TYR A 48 -4.89 -0.18 10.46
C TYR A 48 -5.34 1.00 11.32
N GLU A 49 -6.31 0.72 12.17
CA GLU A 49 -6.84 1.74 13.06
C GLU A 49 -6.22 1.61 14.45
N GLN A 50 -5.76 0.39 14.74
CA GLN A 50 -5.15 0.11 16.03
C GLN A 50 -3.77 0.77 16.12
N TRP A 51 -3.08 0.77 14.98
CA TRP A 51 -1.75 1.36 14.91
C TRP A 51 -1.91 2.88 14.93
N GLY A 52 -2.84 3.35 14.12
CA GLY A 52 -3.11 4.78 14.03
C GLY A 52 -4.40 5.06 13.26
N LYS A 53 -4.87 6.29 13.38
CA LYS A 53 -6.08 6.69 12.71
C LYS A 53 -5.74 7.16 11.29
N LEU A 54 -6.16 6.35 10.32
CA LEU A 54 -5.90 6.66 8.92
C LEU A 54 -6.75 7.86 8.50
N THR A 55 -6.07 8.96 8.24
CA THR A 55 -6.74 10.18 7.83
C THR A 55 -7.63 9.93 6.61
N ASP A 56 -7.17 9.01 5.77
CA ASP A 56 -7.90 8.66 4.57
C ASP A 56 -7.44 7.29 4.07
N CYS A 57 -8.40 6.49 3.65
CA CYS A 57 -8.10 5.16 3.13
C CYS A 57 -8.76 5.00 1.77
N VAL A 58 -7.95 4.68 0.78
CA VAL A 58 -8.45 4.50 -0.58
C VAL A 58 -8.16 3.07 -1.04
N VAL A 59 -9.15 2.47 -1.67
CA VAL A 59 -9.01 1.11 -2.16
C VAL A 59 -9.32 1.08 -3.66
N MET A 60 -8.32 0.67 -4.43
CA MET A 60 -8.48 0.59 -5.87
C MET A 60 -9.39 -0.57 -6.27
N ARG A 61 -10.29 -0.29 -7.19
CA ARG A 61 -11.23 -1.29 -7.67
C ARG A 61 -11.29 -1.28 -9.20
N ASP A 62 -11.08 -2.46 -9.77
CA ASP A 62 -11.11 -2.59 -11.21
C ASP A 62 -12.27 -1.77 -11.78
N PRO A 63 -11.92 -0.86 -12.73
CA PRO A 63 -12.92 -0.02 -13.35
C PRO A 63 -13.77 -0.80 -14.36
N ALA A 64 -13.20 -1.91 -14.81
CA ALA A 64 -13.88 -2.75 -15.78
C ALA A 64 -14.60 -3.89 -15.04
N SER A 65 -13.88 -4.50 -14.11
CA SER A 65 -14.43 -5.60 -13.34
C SER A 65 -15.37 -5.04 -12.25
N LYS A 66 -15.02 -3.86 -11.77
CA LYS A 66 -15.82 -3.21 -10.74
C LYS A 66 -15.57 -3.90 -9.39
N ARG A 67 -14.48 -4.66 -9.36
CA ARG A 67 -14.11 -5.38 -8.15
C ARG A 67 -12.80 -4.84 -7.59
N SER A 68 -12.71 -4.82 -6.27
CA SER A 68 -11.51 -4.34 -5.60
C SER A 68 -10.26 -4.91 -6.27
N ARG A 69 -9.30 -4.04 -6.53
CA ARG A 69 -8.07 -4.46 -7.16
C ARG A 69 -7.26 -5.35 -6.22
N GLY A 70 -7.49 -5.14 -4.93
CA GLY A 70 -6.79 -5.92 -3.91
C GLY A 70 -5.65 -5.11 -3.29
N PHE A 71 -5.69 -3.81 -3.51
CA PHE A 71 -4.67 -2.91 -2.99
C PHE A 71 -5.19 -1.48 -2.91
N GLY A 72 -4.70 -0.76 -1.91
CA GLY A 72 -5.10 0.62 -1.71
C GLY A 72 -4.01 1.41 -0.99
N PHE A 73 -4.42 2.52 -0.40
CA PHE A 73 -3.49 3.37 0.33
C PHE A 73 -4.07 3.80 1.68
N VAL A 74 -3.17 4.03 2.62
CA VAL A 74 -3.58 4.44 3.96
C VAL A 74 -2.69 5.59 4.42
N THR A 75 -3.34 6.70 4.75
CA THR A 75 -2.63 7.88 5.22
C THR A 75 -2.80 8.05 6.73
N PHE A 76 -1.74 7.72 7.45
CA PHE A 76 -1.75 7.82 8.90
C PHE A 76 -1.79 9.28 9.34
N SER A 77 -2.03 9.47 10.63
CA SER A 77 -2.11 10.81 11.19
C SER A 77 -0.71 11.28 11.61
N SER A 78 0.09 10.31 12.08
CA SER A 78 1.43 10.61 12.52
C SER A 78 2.43 9.68 11.83
N MET A 79 3.71 9.96 12.03
CA MET A 79 4.76 9.15 11.42
C MET A 79 5.05 7.92 12.28
N ALA A 80 4.77 8.05 13.57
CA ALA A 80 5.00 6.95 14.50
C ALA A 80 4.09 5.78 14.13
N GLU A 81 2.79 6.05 14.18
CA GLU A 81 1.80 5.03 13.86
C GLU A 81 2.20 4.30 12.58
N VAL A 82 2.28 5.06 11.50
CA VAL A 82 2.64 4.50 10.20
C VAL A 82 3.93 3.68 10.36
N ASP A 83 4.89 4.29 11.02
CA ASP A 83 6.18 3.64 11.24
C ASP A 83 5.95 2.31 11.97
N ALA A 84 4.81 2.22 12.63
CA ALA A 84 4.46 1.02 13.37
C ALA A 84 3.97 -0.06 12.39
N ALA A 85 2.85 0.23 11.76
CA ALA A 85 2.27 -0.70 10.80
C ALA A 85 3.40 -1.30 9.95
N MET A 86 4.27 -0.44 9.46
CA MET A 86 5.38 -0.87 8.65
C MET A 86 6.16 -2.00 9.33
N ALA A 87 6.58 -1.73 10.55
CA ALA A 87 7.34 -2.71 11.32
C ALA A 87 6.36 -3.52 12.18
N ALA A 88 5.33 -4.03 11.53
CA ALA A 88 4.34 -4.83 12.23
C ALA A 88 3.89 -5.99 11.33
N ARG A 89 4.86 -6.57 10.65
CA ARG A 89 4.60 -7.68 9.76
C ARG A 89 4.84 -9.01 10.48
N PRO A 90 4.24 -10.09 9.89
CA PRO A 90 3.45 -9.95 8.69
C PRO A 90 2.08 -9.33 9.00
N HIS A 91 1.27 -9.21 7.96
CA HIS A 91 -0.05 -8.63 8.11
C HIS A 91 -1.10 -9.61 7.57
N SER A 92 -2.11 -9.84 8.39
CA SER A 92 -3.18 -10.75 8.00
C SER A 92 -4.53 -10.01 8.03
N ILE A 93 -5.12 -9.88 6.85
CA ILE A 93 -6.40 -9.21 6.71
C ILE A 93 -7.29 -10.00 5.76
N ASP A 94 -8.59 -9.94 6.03
CA ASP A 94 -9.56 -10.63 5.21
C ASP A 94 -9.36 -12.15 5.36
N GLY A 95 -8.56 -12.50 6.35
CA GLY A 95 -8.26 -13.90 6.61
C GLY A 95 -7.10 -14.40 5.76
N ARG A 96 -6.47 -13.45 5.06
CA ARG A 96 -5.35 -13.77 4.21
C ARG A 96 -4.11 -12.98 4.63
N VAL A 97 -2.97 -13.38 4.08
CA VAL A 97 -1.72 -12.72 4.40
C VAL A 97 -1.44 -11.62 3.37
N VAL A 98 -1.63 -10.39 3.80
CA VAL A 98 -1.40 -9.25 2.93
C VAL A 98 0.04 -8.79 3.06
N GLU A 99 0.34 -7.67 2.42
CA GLU A 99 1.68 -7.12 2.45
C GLU A 99 1.65 -5.61 2.19
N PRO A 100 1.91 -4.82 3.27
CA PRO A 100 1.91 -3.38 3.15
C PRO A 100 3.16 -2.87 2.44
N LYS A 101 3.08 -1.65 1.95
CA LYS A 101 4.19 -1.04 1.24
C LYS A 101 4.33 0.42 1.66
N ARG A 102 5.52 0.96 1.45
CA ARG A 102 5.79 2.33 1.80
C ARG A 102 5.03 3.28 0.86
N ALA A 103 4.97 2.88 -0.40
CA ALA A 103 4.28 3.68 -1.40
C ALA A 103 5.18 4.83 -1.85
N VAL A 104 6.47 4.51 -2.01
CA VAL A 104 7.44 5.50 -2.43
C VAL A 104 8.44 4.85 -3.38
N ALA A 105 9.20 5.69 -4.07
CA ALA A 105 10.21 5.22 -5.00
C ALA A 105 9.51 4.67 -6.25
N ARG A 106 8.86 5.57 -6.97
CA ARG A 106 8.14 5.19 -8.18
C ARG A 106 8.00 6.40 -9.11
N GLU A 107 9.00 6.59 -9.94
CA GLU A 107 8.98 7.71 -10.88
C GLU A 107 10.01 7.46 -11.99
N GLU A 108 9.78 8.12 -13.12
CA GLU A 108 10.66 7.99 -14.27
C GLU A 108 10.56 9.23 -15.16
N SER A 109 11.44 10.19 -14.86
CA SER A 109 11.47 11.43 -15.62
C SER A 109 12.51 12.37 -15.04
N GLY A 110 13.38 12.86 -15.92
CA GLY A 110 14.43 13.78 -15.49
C GLY A 110 14.61 14.90 -16.51
N SER A 111 14.98 16.07 -16.01
CA SER A 111 15.18 17.22 -16.85
C SER A 111 15.54 18.45 -16.00
N GLY A 112 15.99 19.49 -16.69
CA GLY A 112 16.36 20.72 -16.00
C GLY A 112 17.27 21.58 -16.89
N PRO A 113 16.71 22.74 -17.33
CA PRO A 113 17.45 23.66 -18.17
C PRO A 113 18.50 24.43 -17.36
N SER A 114 18.04 24.99 -16.25
CA SER A 114 18.92 25.75 -15.39
C SER A 114 19.48 26.97 -16.14
N SER A 115 19.86 27.98 -15.36
CA SER A 115 20.41 29.19 -15.94
C SER A 115 21.26 29.93 -14.91
N GLY A 116 22.02 30.89 -15.39
CA GLY A 116 22.87 31.68 -14.51
C GLY A 116 23.62 30.79 -13.53
N GLY A 1 14.00 -47.75 6.10
CA GLY A 1 13.93 -46.80 5.01
C GLY A 1 13.41 -45.43 5.49
N SER A 2 12.91 -44.66 4.54
CA SER A 2 12.38 -43.34 4.85
C SER A 2 13.51 -42.40 5.24
N SER A 3 13.36 -41.14 4.87
CA SER A 3 14.36 -40.13 5.18
C SER A 3 13.95 -38.79 4.56
N GLY A 4 14.59 -37.74 5.05
CA GLY A 4 14.31 -36.40 4.56
C GLY A 4 15.31 -35.38 5.11
N SER A 5 14.83 -34.57 6.04
CA SER A 5 15.67 -33.56 6.66
C SER A 5 16.17 -32.57 5.60
N SER A 6 16.01 -31.30 5.92
CA SER A 6 16.44 -30.24 5.00
C SER A 6 16.08 -28.87 5.58
N GLY A 7 16.58 -27.84 4.92
CA GLY A 7 16.32 -26.48 5.37
C GLY A 7 17.16 -25.48 4.57
N MET A 8 16.77 -24.22 4.66
CA MET A 8 17.48 -23.16 3.97
C MET A 8 16.86 -21.79 4.25
N GLU A 9 17.53 -20.75 3.77
CA GLU A 9 17.06 -19.40 3.98
C GLU A 9 17.86 -18.42 3.13
N LYS A 10 17.15 -17.46 2.56
CA LYS A 10 17.79 -16.46 1.72
C LYS A 10 17.19 -15.08 2.02
N THR A 11 18.03 -14.22 2.59
CA THR A 11 17.59 -12.88 2.94
C THR A 11 17.82 -11.92 1.76
N LEU A 12 16.99 -10.91 1.70
CA LEU A 12 17.09 -9.92 0.64
C LEU A 12 16.44 -8.61 1.10
N GLU A 13 17.17 -7.52 0.88
CA GLU A 13 16.69 -6.21 1.26
C GLU A 13 17.33 -5.13 0.40
N THR A 14 16.48 -4.32 -0.23
CA THR A 14 16.96 -3.25 -1.08
C THR A 14 15.81 -2.28 -1.41
N VAL A 15 16.17 -1.01 -1.51
CA VAL A 15 15.18 0.01 -1.82
C VAL A 15 15.89 1.21 -2.46
N PRO A 16 15.11 1.96 -3.29
CA PRO A 16 15.65 3.13 -3.97
C PRO A 16 15.81 4.30 -3.00
N LEU A 17 15.98 5.48 -3.58
CA LEU A 17 16.15 6.68 -2.78
C LEU A 17 15.93 7.91 -3.67
N GLU A 18 14.68 8.13 -4.02
CA GLU A 18 14.33 9.26 -4.86
C GLU A 18 12.97 9.83 -4.45
N ARG A 19 12.66 11.01 -4.99
CA ARG A 19 11.41 11.67 -4.68
C ARG A 19 11.09 12.71 -5.75
N LYS A 20 9.81 13.08 -5.82
CA LYS A 20 9.35 14.06 -6.78
C LYS A 20 7.84 14.19 -6.70
N LYS A 21 7.39 15.39 -6.33
CA LYS A 21 5.97 15.66 -6.21
C LYS A 21 5.38 14.75 -5.13
N ARG A 22 4.34 15.25 -4.49
CA ARG A 22 3.68 14.51 -3.43
C ARG A 22 4.70 13.77 -2.57
N GLU A 23 5.49 14.56 -1.84
CA GLU A 23 6.51 14.00 -0.97
C GLU A 23 5.95 13.78 0.43
N LYS A 24 5.49 14.87 1.03
CA LYS A 24 4.92 14.81 2.36
C LYS A 24 3.70 13.89 2.36
N GLU A 25 3.21 13.62 1.16
CA GLU A 25 2.04 12.77 0.99
C GLU A 25 2.46 11.30 0.92
N GLN A 26 3.20 10.99 -0.13
CA GLN A 26 3.67 9.62 -0.33
C GLN A 26 4.46 9.15 0.89
N PHE A 27 4.90 10.11 1.69
CA PHE A 27 5.66 9.82 2.89
C PHE A 27 4.79 9.13 3.94
N ARG A 28 3.62 9.71 4.17
CA ARG A 28 2.68 9.17 5.13
C ARG A 28 1.67 8.27 4.44
N LYS A 29 1.62 8.37 3.12
CA LYS A 29 0.70 7.57 2.33
C LYS A 29 1.37 6.23 2.00
N LEU A 30 0.80 5.17 2.57
CA LEU A 30 1.32 3.83 2.35
C LEU A 30 0.41 3.11 1.35
N PHE A 31 0.94 2.00 0.84
CA PHE A 31 0.19 1.20 -0.13
C PHE A 31 0.00 -0.23 0.38
N ILE A 32 -1.25 -0.55 0.67
CA ILE A 32 -1.58 -1.88 1.16
C ILE A 32 -1.84 -2.82 -0.03
N GLY A 33 -1.04 -3.86 -0.10
CA GLY A 33 -1.16 -4.83 -1.19
C GLY A 33 -1.40 -6.24 -0.63
N GLY A 34 -2.53 -6.80 -1.01
CA GLY A 34 -2.89 -8.14 -0.57
C GLY A 34 -4.22 -8.12 0.19
N LEU A 35 -5.10 -7.24 -0.24
CA LEU A 35 -6.41 -7.12 0.38
C LEU A 35 -7.31 -8.24 -0.11
N SER A 36 -6.74 -9.09 -0.95
CA SER A 36 -7.49 -10.20 -1.51
C SER A 36 -8.50 -9.70 -2.55
N PHE A 37 -9.47 -8.94 -2.07
CA PHE A 37 -10.49 -8.38 -2.93
C PHE A 37 -11.67 -7.84 -2.12
N GLU A 38 -11.87 -8.45 -0.96
CA GLU A 38 -12.96 -8.03 -0.08
C GLU A 38 -12.52 -6.83 0.77
N THR A 39 -11.43 -7.04 1.48
CA THR A 39 -10.89 -5.99 2.35
C THR A 39 -11.07 -4.62 1.69
N THR A 40 -12.13 -3.94 2.08
CA THR A 40 -12.43 -2.62 1.53
C THR A 40 -11.69 -1.54 2.33
N GLU A 41 -12.19 -0.32 2.21
CA GLU A 41 -11.59 0.80 2.90
C GLU A 41 -11.74 0.63 4.41
N GLU A 42 -12.97 0.37 4.83
CA GLU A 42 -13.26 0.18 6.24
C GLU A 42 -12.42 -0.97 6.81
N SER A 43 -12.76 -2.18 6.38
CA SER A 43 -12.06 -3.36 6.82
C SER A 43 -10.56 -3.07 6.94
N LEU A 44 -9.99 -2.59 5.84
CA LEU A 44 -8.58 -2.26 5.81
C LEU A 44 -8.24 -1.35 6.99
N ARG A 45 -9.07 -0.34 7.17
CA ARG A 45 -8.88 0.61 8.25
C ARG A 45 -9.08 -0.08 9.60
N ASN A 46 -10.22 -0.77 9.72
CA ASN A 46 -10.53 -1.47 10.94
C ASN A 46 -9.31 -2.25 11.41
N TYR A 47 -8.46 -2.59 10.46
CA TYR A 47 -7.24 -3.34 10.77
C TYR A 47 -6.07 -2.39 11.02
N TYR A 48 -5.94 -1.40 10.14
CA TYR A 48 -4.87 -0.43 10.26
C TYR A 48 -5.28 0.74 11.15
N GLU A 49 -6.29 0.49 11.97
CA GLU A 49 -6.79 1.51 12.87
C GLU A 49 -6.22 1.31 14.28
N GLN A 50 -5.69 0.11 14.49
CA GLN A 50 -5.12 -0.22 15.79
C GLN A 50 -3.68 0.29 15.87
N TRP A 51 -3.19 0.77 14.73
CA TRP A 51 -1.83 1.27 14.66
C TRP A 51 -1.90 2.80 14.59
N GLY A 52 -2.92 3.29 13.90
CA GLY A 52 -3.11 4.72 13.76
C GLY A 52 -4.39 5.03 12.99
N LYS A 53 -4.80 6.29 13.06
CA LYS A 53 -6.01 6.72 12.37
C LYS A 53 -5.65 7.21 10.97
N LEU A 54 -6.06 6.41 9.99
CA LEU A 54 -5.79 6.74 8.59
C LEU A 54 -6.62 7.96 8.19
N THR A 55 -5.93 9.09 8.11
CA THR A 55 -6.59 10.34 7.74
C THR A 55 -7.22 10.21 6.35
N ASP A 56 -6.81 9.18 5.65
CA ASP A 56 -7.32 8.93 4.31
C ASP A 56 -7.07 7.47 3.92
N CYS A 57 -8.16 6.76 3.69
CA CYS A 57 -8.07 5.35 3.32
C CYS A 57 -8.78 5.16 1.98
N VAL A 58 -8.00 4.77 0.98
CA VAL A 58 -8.55 4.55 -0.35
C VAL A 58 -8.28 3.10 -0.77
N VAL A 59 -9.27 2.50 -1.40
CA VAL A 59 -9.15 1.14 -1.86
C VAL A 59 -9.45 1.08 -3.36
N MET A 60 -8.42 0.78 -4.13
CA MET A 60 -8.55 0.69 -5.57
C MET A 60 -9.49 -0.45 -5.97
N ARG A 61 -10.21 -0.23 -7.06
CA ARG A 61 -11.15 -1.22 -7.55
C ARG A 61 -11.07 -1.32 -9.08
N ASP A 62 -10.99 -2.55 -9.56
CA ASP A 62 -10.91 -2.78 -10.99
C ASP A 62 -11.96 -1.93 -11.70
N PRO A 63 -11.47 -1.12 -12.69
CA PRO A 63 -12.34 -0.25 -13.45
C PRO A 63 -13.15 -1.04 -14.47
N ALA A 64 -12.67 -2.24 -14.76
CA ALA A 64 -13.35 -3.12 -15.71
C ALA A 64 -14.21 -4.12 -14.95
N SER A 65 -13.66 -4.64 -13.86
CA SER A 65 -14.37 -5.60 -13.05
C SER A 65 -15.33 -4.88 -12.09
N LYS A 66 -14.80 -3.86 -11.44
CA LYS A 66 -15.59 -3.07 -10.50
C LYS A 66 -15.86 -3.92 -9.24
N ARG A 67 -14.94 -4.84 -8.98
CA ARG A 67 -15.06 -5.70 -7.83
C ARG A 67 -13.80 -5.62 -6.96
N SER A 68 -13.38 -4.39 -6.71
CA SER A 68 -12.20 -4.16 -5.90
C SER A 68 -10.98 -4.78 -6.58
N ARG A 69 -9.84 -4.12 -6.41
CA ARG A 69 -8.60 -4.59 -7.00
C ARG A 69 -7.87 -5.51 -6.02
N GLY A 70 -7.88 -5.11 -4.76
CA GLY A 70 -7.23 -5.90 -3.73
C GLY A 70 -6.06 -5.11 -3.11
N PHE A 71 -6.08 -3.82 -3.33
CA PHE A 71 -5.03 -2.95 -2.81
C PHE A 71 -5.49 -1.49 -2.77
N GLY A 72 -4.91 -0.76 -1.83
CA GLY A 72 -5.25 0.65 -1.68
C GLY A 72 -4.14 1.42 -0.95
N PHE A 73 -4.51 2.54 -0.37
CA PHE A 73 -3.55 3.37 0.34
C PHE A 73 -4.10 3.78 1.71
N VAL A 74 -3.18 3.99 2.65
CA VAL A 74 -3.56 4.39 3.99
C VAL A 74 -2.66 5.53 4.45
N THR A 75 -3.27 6.70 4.60
CA THR A 75 -2.54 7.88 5.03
C THR A 75 -2.76 8.13 6.52
N PHE A 76 -1.80 7.68 7.31
CA PHE A 76 -1.89 7.85 8.76
C PHE A 76 -1.78 9.33 9.14
N SER A 77 -2.00 9.60 10.42
CA SER A 77 -1.94 10.96 10.93
C SER A 77 -0.47 11.37 11.12
N SER A 78 0.25 10.56 11.87
CA SER A 78 1.65 10.84 12.13
C SER A 78 2.53 9.77 11.46
N MET A 79 3.83 9.99 11.53
CA MET A 79 4.78 9.07 10.94
C MET A 79 5.15 7.96 11.92
N ALA A 80 4.75 8.16 13.16
CA ALA A 80 5.03 7.18 14.21
C ALA A 80 4.11 5.98 14.04
N GLU A 81 2.82 6.24 14.11
CA GLU A 81 1.82 5.20 13.96
C GLU A 81 2.13 4.34 12.74
N VAL A 82 2.14 4.99 11.59
CA VAL A 82 2.42 4.30 10.33
C VAL A 82 3.68 3.46 10.50
N ASP A 83 4.69 4.06 11.11
CA ASP A 83 5.95 3.38 11.34
C ASP A 83 5.70 2.10 12.14
N ALA A 84 4.68 2.16 12.97
CA ALA A 84 4.32 1.02 13.80
C ALA A 84 3.90 -0.15 12.90
N ALA A 85 2.85 0.10 12.13
CA ALA A 85 2.34 -0.92 11.23
C ALA A 85 3.51 -1.57 10.48
N MET A 86 4.34 -0.73 9.91
CA MET A 86 5.50 -1.20 9.17
C MET A 86 6.26 -2.26 9.97
N ALA A 87 6.57 -1.92 11.20
CA ALA A 87 7.29 -2.84 12.08
C ALA A 87 6.30 -3.67 12.87
N ALA A 88 5.31 -4.20 12.16
CA ALA A 88 4.29 -5.02 12.79
C ALA A 88 3.93 -6.17 11.86
N ARG A 89 4.90 -6.56 11.04
CA ARG A 89 4.69 -7.65 10.10
C ARG A 89 4.91 -8.99 10.80
N PRO A 90 4.32 -10.06 10.18
CA PRO A 90 3.56 -9.89 8.97
C PRO A 90 2.20 -9.27 9.25
N HIS A 91 1.39 -9.17 8.20
CA HIS A 91 0.06 -8.61 8.33
C HIS A 91 -0.97 -9.58 7.76
N SER A 92 -2.07 -9.72 8.50
CA SER A 92 -3.14 -10.61 8.08
C SER A 92 -4.48 -9.87 8.08
N ILE A 93 -5.03 -9.72 6.88
CA ILE A 93 -6.30 -9.04 6.72
C ILE A 93 -7.21 -9.85 5.79
N ASP A 94 -8.51 -9.72 6.02
CA ASP A 94 -9.48 -10.43 5.22
C ASP A 94 -9.29 -11.93 5.41
N GLY A 95 -8.54 -12.27 6.45
CA GLY A 95 -8.27 -13.67 6.75
C GLY A 95 -7.14 -14.22 5.88
N ARG A 96 -6.45 -13.30 5.21
CA ARG A 96 -5.34 -13.67 4.34
C ARG A 96 -4.10 -12.87 4.69
N VAL A 97 -2.98 -13.29 4.14
CA VAL A 97 -1.71 -12.63 4.39
C VAL A 97 -1.52 -11.51 3.37
N VAL A 98 -1.47 -10.29 3.88
CA VAL A 98 -1.29 -9.12 3.03
C VAL A 98 0.18 -8.70 3.05
N GLU A 99 0.44 -7.56 2.43
CA GLU A 99 1.79 -7.03 2.37
C GLU A 99 1.77 -5.53 2.08
N PRO A 100 2.13 -4.73 3.11
CA PRO A 100 2.15 -3.29 2.97
C PRO A 100 3.36 -2.83 2.16
N LYS A 101 3.28 -1.60 1.68
CA LYS A 101 4.36 -1.03 0.89
C LYS A 101 4.52 0.45 1.24
N ARG A 102 5.77 0.88 1.30
CA ARG A 102 6.08 2.26 1.62
C ARG A 102 5.34 3.20 0.67
N ALA A 103 4.97 2.65 -0.47
CA ALA A 103 4.26 3.43 -1.48
C ALA A 103 5.19 4.51 -2.03
N VAL A 104 6.44 4.11 -2.25
CA VAL A 104 7.43 5.02 -2.78
C VAL A 104 7.83 4.59 -4.19
N ALA A 105 8.35 5.53 -4.94
CA ALA A 105 8.78 5.26 -6.30
C ALA A 105 7.58 4.79 -7.13
N ARG A 106 7.63 5.08 -8.42
CA ARG A 106 6.57 4.71 -9.32
C ARG A 106 5.39 5.68 -9.19
N GLU A 107 4.56 5.71 -10.22
CA GLU A 107 3.41 6.59 -10.23
C GLU A 107 3.82 8.02 -10.55
N GLU A 108 2.99 8.69 -11.33
CA GLU A 108 3.26 10.06 -11.72
C GLU A 108 4.46 10.11 -12.67
N SER A 109 4.20 10.58 -13.88
CA SER A 109 5.25 10.69 -14.88
C SER A 109 4.84 11.71 -15.96
N GLY A 110 5.84 12.18 -16.68
CA GLY A 110 5.60 13.16 -17.73
C GLY A 110 5.02 12.49 -18.98
N SER A 111 4.79 13.30 -20.00
CA SER A 111 4.25 12.79 -21.25
C SER A 111 4.65 13.72 -22.40
N GLY A 112 4.15 14.95 -22.34
CA GLY A 112 4.46 15.93 -23.37
C GLY A 112 3.26 16.13 -24.30
N PRO A 113 2.50 17.23 -24.05
CA PRO A 113 1.34 17.54 -24.86
C PRO A 113 1.75 18.10 -26.21
N SER A 114 0.74 18.33 -27.05
CA SER A 114 0.99 18.87 -28.39
C SER A 114 -0.28 19.52 -28.93
N SER A 115 -0.10 20.29 -29.98
CA SER A 115 -1.22 20.98 -30.61
C SER A 115 -0.74 21.79 -31.81
N GLY A 116 -1.68 22.14 -32.67
CA GLY A 116 -1.37 22.91 -33.85
C GLY A 116 -2.42 22.69 -34.95
N GLY A 1 4.61 -22.75 11.17
CA GLY A 1 3.42 -21.98 11.51
C GLY A 1 2.16 -22.67 10.99
N SER A 2 1.02 -22.10 11.35
CA SER A 2 -0.26 -22.64 10.93
C SER A 2 -0.95 -21.68 9.97
N SER A 3 -1.50 -22.23 8.91
CA SER A 3 -2.19 -21.43 7.91
C SER A 3 -3.27 -22.26 7.22
N GLY A 4 -4.43 -21.66 7.05
CA GLY A 4 -5.55 -22.34 6.42
C GLY A 4 -5.09 -23.09 5.16
N SER A 5 -5.93 -24.00 4.71
CA SER A 5 -5.63 -24.79 3.53
C SER A 5 -5.95 -23.99 2.27
N SER A 6 -4.91 -23.49 1.63
CA SER A 6 -5.06 -22.71 0.41
C SER A 6 -3.73 -22.60 -0.32
N GLY A 7 -3.41 -23.64 -1.07
CA GLY A 7 -2.17 -23.68 -1.82
C GLY A 7 -2.43 -24.02 -3.29
N MET A 8 -3.16 -23.13 -3.94
CA MET A 8 -3.48 -23.33 -5.35
C MET A 8 -3.72 -21.98 -6.04
N GLU A 9 -3.78 -22.04 -7.37
CA GLU A 9 -3.99 -20.84 -8.16
C GLU A 9 -2.98 -19.76 -7.77
N LYS A 10 -1.98 -19.61 -8.62
CA LYS A 10 -0.94 -18.63 -8.39
C LYS A 10 -0.92 -17.62 -9.54
N THR A 11 -1.22 -16.37 -9.20
CA THR A 11 -1.24 -15.31 -10.19
C THR A 11 -0.11 -14.32 -9.93
N LEU A 12 0.11 -13.46 -10.92
CA LEU A 12 1.16 -12.46 -10.82
C LEU A 12 1.06 -11.51 -12.01
N GLU A 13 0.75 -10.27 -11.71
CA GLU A 13 0.62 -9.24 -12.75
C GLU A 13 1.64 -8.12 -12.51
N THR A 14 2.03 -7.49 -13.60
CA THR A 14 2.99 -6.41 -13.54
C THR A 14 2.31 -5.12 -13.07
N VAL A 15 3.13 -4.23 -12.52
CA VAL A 15 2.62 -2.96 -12.03
C VAL A 15 3.44 -1.82 -12.63
N PRO A 16 2.81 -0.62 -12.70
CA PRO A 16 3.46 0.56 -13.24
C PRO A 16 4.47 1.12 -12.26
N LEU A 17 5.17 2.17 -12.69
CA LEU A 17 6.16 2.81 -11.86
C LEU A 17 6.66 4.08 -12.55
N GLU A 18 6.09 5.20 -12.15
CA GLU A 18 6.47 6.49 -12.72
C GLU A 18 5.89 7.63 -11.90
N ARG A 19 6.45 8.81 -12.09
CA ARG A 19 6.00 9.99 -11.37
C ARG A 19 4.47 10.00 -11.28
N LYS A 20 3.98 10.35 -10.10
CA LYS A 20 2.55 10.40 -9.87
C LYS A 20 2.25 11.41 -8.76
N LYS A 21 0.97 11.65 -8.55
CA LYS A 21 0.54 12.60 -7.52
C LYS A 21 1.16 12.18 -6.19
N ARG A 22 0.77 12.92 -5.15
CA ARG A 22 1.27 12.65 -3.81
C ARG A 22 2.80 12.73 -3.79
N GLU A 23 3.28 13.92 -3.46
CA GLU A 23 4.71 14.16 -3.41
C GLU A 23 5.23 13.98 -1.97
N LYS A 24 4.48 14.55 -1.03
CA LYS A 24 4.85 14.47 0.36
C LYS A 24 4.03 13.35 1.02
N GLU A 25 2.72 13.47 0.92
CA GLU A 25 1.83 12.49 1.50
C GLU A 25 2.34 11.07 1.22
N GLN A 26 3.08 10.95 0.13
CA GLN A 26 3.63 9.67 -0.27
C GLN A 26 4.47 9.08 0.87
N PHE A 27 4.85 9.95 1.80
CA PHE A 27 5.65 9.53 2.93
C PHE A 27 4.77 8.84 3.99
N ARG A 28 3.60 9.41 4.21
CA ARG A 28 2.67 8.85 5.19
C ARG A 28 1.65 7.96 4.48
N LYS A 29 1.70 7.97 3.17
CA LYS A 29 0.79 7.17 2.37
C LYS A 29 1.42 5.80 2.11
N LEU A 30 0.80 4.78 2.67
CA LEU A 30 1.29 3.42 2.49
C LEU A 30 0.37 2.66 1.55
N PHE A 31 0.97 1.92 0.65
CA PHE A 31 0.22 1.14 -0.33
C PHE A 31 -0.01 -0.29 0.17
N ILE A 32 -1.26 -0.57 0.51
CA ILE A 32 -1.63 -1.88 1.01
C ILE A 32 -1.75 -2.85 -0.18
N GLY A 33 -1.03 -3.96 -0.07
CA GLY A 33 -1.05 -4.97 -1.11
C GLY A 33 -1.37 -6.35 -0.53
N GLY A 34 -2.54 -6.86 -0.90
CA GLY A 34 -2.96 -8.16 -0.43
C GLY A 34 -4.32 -8.08 0.28
N LEU A 35 -5.17 -7.21 -0.26
CA LEU A 35 -6.50 -7.02 0.31
C LEU A 35 -7.40 -8.18 -0.10
N SER A 36 -6.87 -8.99 -1.02
CA SER A 36 -7.62 -10.14 -1.51
C SER A 36 -8.85 -9.68 -2.29
N PHE A 37 -8.89 -8.38 -2.55
CA PHE A 37 -10.00 -7.79 -3.28
C PHE A 37 -11.24 -7.68 -2.40
N GLU A 38 -11.10 -8.17 -1.17
CA GLU A 38 -12.21 -8.13 -0.22
C GLU A 38 -12.01 -6.98 0.76
N THR A 39 -10.84 -6.95 1.37
CA THR A 39 -10.51 -5.92 2.33
C THR A 39 -10.84 -4.53 1.76
N THR A 40 -12.00 -4.03 2.13
CA THR A 40 -12.44 -2.72 1.66
C THR A 40 -11.82 -1.62 2.51
N GLU A 41 -12.27 -0.40 2.25
CA GLU A 41 -11.77 0.75 2.98
C GLU A 41 -11.91 0.52 4.49
N GLU A 42 -13.14 0.24 4.90
CA GLU A 42 -13.42 0.00 6.31
C GLU A 42 -12.54 -1.13 6.84
N SER A 43 -12.84 -2.34 6.38
CA SER A 43 -12.07 -3.51 6.80
C SER A 43 -10.59 -3.15 6.93
N LEU A 44 -10.04 -2.69 5.82
CA LEU A 44 -8.63 -2.31 5.79
C LEU A 44 -8.31 -1.47 7.03
N ARG A 45 -9.00 -0.34 7.13
CA ARG A 45 -8.79 0.55 8.25
C ARG A 45 -9.02 -0.18 9.57
N ASN A 46 -10.15 -0.87 9.64
CA ASN A 46 -10.51 -1.62 10.84
C ASN A 46 -9.25 -2.30 11.38
N TYR A 47 -8.35 -2.64 10.47
CA TYR A 47 -7.11 -3.29 10.85
C TYR A 47 -5.99 -2.27 11.05
N TYR A 48 -5.92 -1.33 10.13
CA TYR A 48 -4.91 -0.29 10.20
C TYR A 48 -5.37 0.88 11.06
N GLU A 49 -6.33 0.60 11.92
CA GLU A 49 -6.87 1.61 12.81
C GLU A 49 -6.24 1.50 14.19
N GLN A 50 -5.63 0.35 14.45
CA GLN A 50 -4.97 0.11 15.72
C GLN A 50 -3.66 0.89 15.80
N TRP A 51 -2.75 0.56 14.90
CA TRP A 51 -1.46 1.22 14.86
C TRP A 51 -1.70 2.73 14.85
N GLY A 52 -2.70 3.13 14.09
CA GLY A 52 -3.04 4.53 13.99
C GLY A 52 -4.29 4.74 13.14
N LYS A 53 -4.79 5.96 13.14
CA LYS A 53 -5.98 6.30 12.38
C LYS A 53 -5.57 6.81 11.00
N LEU A 54 -6.15 6.20 9.98
CA LEU A 54 -5.86 6.58 8.62
C LEU A 54 -6.68 7.81 8.23
N THR A 55 -5.99 8.93 8.09
CA THR A 55 -6.63 10.17 7.73
C THR A 55 -7.37 10.03 6.39
N ASP A 56 -6.94 9.04 5.63
CA ASP A 56 -7.54 8.79 4.33
C ASP A 56 -7.21 7.37 3.89
N CYS A 57 -8.25 6.63 3.53
CA CYS A 57 -8.08 5.26 3.09
C CYS A 57 -8.82 5.08 1.77
N VAL A 58 -8.06 4.67 0.76
CA VAL A 58 -8.63 4.46 -0.56
C VAL A 58 -8.27 3.05 -1.05
N VAL A 59 -9.25 2.42 -1.69
CA VAL A 59 -9.06 1.08 -2.21
C VAL A 59 -9.37 1.07 -3.70
N MET A 60 -8.35 0.72 -4.49
CA MET A 60 -8.51 0.67 -5.93
C MET A 60 -9.43 -0.48 -6.34
N ARG A 61 -10.22 -0.23 -7.37
CA ARG A 61 -11.15 -1.23 -7.86
C ARG A 61 -11.13 -1.26 -9.39
N ASP A 62 -11.14 -2.47 -9.94
CA ASP A 62 -11.12 -2.64 -11.37
C ASP A 62 -12.26 -1.84 -12.00
N PRO A 63 -11.88 -0.95 -12.95
CA PRO A 63 -12.86 -0.12 -13.63
C PRO A 63 -13.66 -0.92 -14.66
N ALA A 64 -13.15 -2.12 -14.94
CA ALA A 64 -13.81 -2.99 -15.89
C ALA A 64 -14.52 -4.12 -15.14
N SER A 65 -13.83 -4.66 -14.14
CA SER A 65 -14.38 -5.74 -13.34
C SER A 65 -15.27 -5.16 -12.23
N LYS A 66 -15.09 -3.87 -11.99
CA LYS A 66 -15.85 -3.19 -10.96
C LYS A 66 -15.67 -3.91 -9.62
N ARG A 67 -14.45 -4.37 -9.40
CA ARG A 67 -14.12 -5.08 -8.18
C ARG A 67 -12.76 -4.60 -7.64
N SER A 68 -12.67 -4.56 -6.31
CA SER A 68 -11.45 -4.14 -5.66
C SER A 68 -10.24 -4.78 -6.35
N ARG A 69 -9.26 -3.94 -6.67
CA ARG A 69 -8.06 -4.41 -7.33
C ARG A 69 -7.26 -5.32 -6.39
N GLY A 70 -7.44 -5.09 -5.11
CA GLY A 70 -6.75 -5.90 -4.10
C GLY A 70 -5.64 -5.08 -3.42
N PHE A 71 -5.75 -3.77 -3.57
CA PHE A 71 -4.77 -2.88 -2.97
C PHE A 71 -5.31 -1.44 -2.88
N GLY A 72 -4.77 -0.70 -1.93
CA GLY A 72 -5.19 0.67 -1.71
C GLY A 72 -4.10 1.48 -1.01
N PHE A 73 -4.52 2.60 -0.44
CA PHE A 73 -3.59 3.47 0.26
C PHE A 73 -4.13 3.86 1.63
N VAL A 74 -3.21 3.98 2.59
CA VAL A 74 -3.59 4.35 3.94
C VAL A 74 -2.67 5.47 4.43
N THR A 75 -3.29 6.62 4.69
CA THR A 75 -2.55 7.78 5.16
C THR A 75 -2.72 7.94 6.67
N PHE A 76 -1.72 7.47 7.40
CA PHE A 76 -1.75 7.55 8.85
C PHE A 76 -1.71 9.01 9.32
N SER A 77 -2.21 9.23 10.53
CA SER A 77 -2.23 10.57 11.09
C SER A 77 -0.80 11.02 11.43
N SER A 78 -0.10 10.17 12.16
CA SER A 78 1.27 10.47 12.54
C SER A 78 2.23 9.52 11.82
N MET A 79 3.52 9.77 12.04
CA MET A 79 4.55 8.94 11.42
C MET A 79 4.87 7.73 12.28
N ALA A 80 4.71 7.89 13.58
CA ALA A 80 4.98 6.82 14.52
C ALA A 80 4.09 5.61 14.17
N GLU A 81 2.79 5.83 14.26
CA GLU A 81 1.83 4.77 13.97
C GLU A 81 2.27 4.02 12.70
N VAL A 82 2.30 4.75 11.60
CA VAL A 82 2.69 4.17 10.32
C VAL A 82 4.01 3.42 10.49
N ASP A 83 4.92 4.06 11.20
CA ASP A 83 6.23 3.47 11.44
C ASP A 83 6.05 2.08 12.08
N ALA A 84 5.05 1.99 12.94
CA ALA A 84 4.77 0.74 13.62
C ALA A 84 4.18 -0.25 12.62
N ALA A 85 3.31 0.25 11.76
CA ALA A 85 2.67 -0.57 10.75
C ALA A 85 3.74 -1.05 9.76
N MET A 86 4.77 -0.24 9.60
CA MET A 86 5.85 -0.57 8.67
C MET A 86 6.64 -1.78 9.19
N ALA A 87 6.83 -1.81 10.49
CA ALA A 87 7.57 -2.90 11.11
C ALA A 87 6.61 -3.75 11.94
N ALA A 88 5.42 -3.95 11.40
CA ALA A 88 4.41 -4.73 12.08
C ALA A 88 4.18 -6.03 11.31
N ARG A 89 4.51 -5.98 10.03
CA ARG A 89 4.34 -7.14 9.18
C ARG A 89 4.80 -8.41 9.90
N PRO A 90 4.21 -9.56 9.48
CA PRO A 90 3.25 -9.55 8.40
C PRO A 90 1.90 -9.02 8.87
N HIS A 91 1.13 -8.49 7.93
CA HIS A 91 -0.18 -7.94 8.24
C HIS A 91 -1.27 -8.93 7.81
N SER A 92 -2.04 -9.37 8.80
CA SER A 92 -3.11 -10.31 8.53
C SER A 92 -4.47 -9.61 8.63
N ILE A 93 -5.25 -9.73 7.57
CA ILE A 93 -6.55 -9.11 7.53
C ILE A 93 -7.57 -10.11 6.98
N ASP A 94 -8.61 -10.35 7.78
CA ASP A 94 -9.65 -11.28 7.39
C ASP A 94 -9.04 -12.67 7.16
N GLY A 95 -7.97 -12.93 7.90
CA GLY A 95 -7.28 -14.20 7.78
C GLY A 95 -6.32 -14.21 6.60
N ARG A 96 -6.41 -13.15 5.80
CA ARG A 96 -5.55 -13.02 4.63
C ARG A 96 -4.18 -12.50 5.04
N VAL A 97 -3.20 -12.75 4.18
CA VAL A 97 -1.84 -12.31 4.44
C VAL A 97 -1.51 -11.12 3.54
N VAL A 98 -1.89 -9.95 4.00
CA VAL A 98 -1.65 -8.72 3.26
C VAL A 98 -0.23 -8.24 3.53
N GLU A 99 0.19 -7.23 2.76
CA GLU A 99 1.51 -6.68 2.91
C GLU A 99 1.52 -5.20 2.48
N PRO A 100 1.70 -4.31 3.49
CA PRO A 100 1.72 -2.89 3.22
C PRO A 100 3.05 -2.47 2.58
N LYS A 101 3.01 -1.34 1.90
CA LYS A 101 4.20 -0.82 1.23
C LYS A 101 4.33 0.68 1.52
N ARG A 102 5.54 1.18 1.33
CA ARG A 102 5.82 2.58 1.56
C ARG A 102 4.95 3.45 0.65
N ALA A 103 4.76 2.96 -0.57
CA ALA A 103 3.96 3.68 -1.54
C ALA A 103 4.79 4.82 -2.13
N VAL A 104 5.99 4.48 -2.56
CA VAL A 104 6.89 5.47 -3.13
C VAL A 104 7.28 5.02 -4.55
N ALA A 105 8.02 5.90 -5.22
CA ALA A 105 8.46 5.61 -6.58
C ALA A 105 9.73 4.76 -6.53
N ARG A 106 10.78 5.35 -6.00
CA ARG A 106 12.06 4.65 -5.89
C ARG A 106 12.59 4.75 -4.45
N GLU A 107 13.03 3.60 -3.95
CA GLU A 107 13.56 3.54 -2.60
C GLU A 107 14.88 4.30 -2.51
N GLU A 108 14.97 5.16 -1.51
CA GLU A 108 16.17 5.96 -1.30
C GLU A 108 16.09 6.69 0.04
N SER A 109 17.24 6.86 0.65
CA SER A 109 17.33 7.53 1.93
C SER A 109 16.63 8.90 1.85
N GLY A 110 16.15 9.35 3.01
CA GLY A 110 15.47 10.63 3.07
C GLY A 110 14.92 10.89 4.47
N SER A 111 13.60 10.97 4.55
CA SER A 111 12.93 11.21 5.82
C SER A 111 13.41 12.54 6.42
N GLY A 112 12.54 13.53 6.35
CA GLY A 112 12.85 14.85 6.88
C GLY A 112 11.61 15.74 6.93
N PRO A 113 10.74 15.45 7.95
CA PRO A 113 9.52 16.21 8.13
C PRO A 113 9.81 17.59 8.71
N SER A 114 8.88 18.50 8.48
CA SER A 114 9.03 19.86 8.98
C SER A 114 7.74 20.65 8.71
N SER A 115 7.56 21.71 9.51
CA SER A 115 6.38 22.55 9.38
C SER A 115 6.75 23.83 8.63
N GLY A 116 5.89 24.20 7.69
CA GLY A 116 6.11 25.40 6.90
C GLY A 116 6.34 25.05 5.43
N GLY A 1 -1.20 -32.30 6.68
CA GLY A 1 -1.27 -32.16 5.24
C GLY A 1 -0.95 -30.72 4.82
N SER A 2 -0.98 -30.50 3.51
CA SER A 2 -0.68 -29.18 2.97
C SER A 2 -0.91 -29.19 1.45
N SER A 3 -1.22 -28.01 0.94
CA SER A 3 -1.47 -27.87 -0.50
C SER A 3 -1.51 -26.38 -0.87
N GLY A 4 -1.16 -26.11 -2.12
CA GLY A 4 -1.16 -24.74 -2.61
C GLY A 4 -1.01 -24.71 -4.14
N SER A 5 0.21 -24.88 -4.58
CA SER A 5 0.50 -24.87 -6.00
C SER A 5 0.26 -23.49 -6.58
N SER A 6 1.29 -22.94 -7.21
CA SER A 6 1.19 -21.62 -7.80
C SER A 6 2.48 -21.29 -8.57
N GLY A 7 2.37 -20.36 -9.50
CA GLY A 7 3.51 -19.95 -10.29
C GLY A 7 3.10 -18.87 -11.30
N MET A 8 3.80 -17.74 -11.22
CA MET A 8 3.53 -16.63 -12.11
C MET A 8 4.66 -15.59 -12.05
N GLU A 9 5.02 -15.09 -13.22
CA GLU A 9 6.07 -14.09 -13.31
C GLU A 9 5.73 -13.05 -14.38
N LYS A 10 6.42 -11.92 -14.31
CA LYS A 10 6.20 -10.85 -15.26
C LYS A 10 7.41 -9.91 -15.25
N THR A 11 7.42 -9.00 -16.22
CA THR A 11 8.51 -8.05 -16.33
C THR A 11 7.97 -6.65 -16.62
N LEU A 12 8.34 -5.71 -15.78
CA LEU A 12 7.90 -4.33 -15.93
C LEU A 12 9.11 -3.40 -15.86
N GLU A 13 8.93 -2.21 -16.40
CA GLU A 13 9.99 -1.22 -16.41
C GLU A 13 9.47 0.13 -15.92
N THR A 14 10.32 0.83 -15.19
CA THR A 14 9.96 2.13 -14.65
C THR A 14 9.55 3.08 -15.78
N VAL A 15 8.42 3.73 -15.58
CA VAL A 15 7.91 4.67 -16.56
C VAL A 15 7.71 6.04 -15.91
N PRO A 16 8.52 7.02 -16.40
CA PRO A 16 8.44 8.38 -15.87
C PRO A 16 7.20 9.10 -16.38
N LEU A 17 6.72 10.04 -15.58
CA LEU A 17 5.54 10.81 -15.94
C LEU A 17 5.30 11.89 -14.88
N GLU A 18 5.10 13.11 -15.36
CA GLU A 18 4.85 14.23 -14.47
C GLU A 18 3.40 14.21 -13.98
N ARG A 19 3.16 13.39 -12.97
CA ARG A 19 1.83 13.28 -12.40
C ARG A 19 1.77 12.10 -11.43
N LYS A 20 0.75 12.12 -10.58
CA LYS A 20 0.57 11.06 -9.60
C LYS A 20 1.70 11.13 -8.56
N LYS A 21 1.50 10.40 -7.47
CA LYS A 21 2.49 10.38 -6.40
C LYS A 21 2.53 11.75 -5.72
N ARG A 22 2.04 11.77 -4.49
CA ARG A 22 2.01 13.00 -3.72
C ARG A 22 3.43 13.42 -3.34
N GLU A 23 3.57 14.70 -3.04
CA GLU A 23 4.87 15.24 -2.66
C GLU A 23 5.03 15.23 -1.13
N LYS A 24 3.97 15.66 -0.47
CA LYS A 24 3.97 15.70 0.99
C LYS A 24 3.27 14.46 1.54
N GLU A 25 2.04 14.27 1.11
CA GLU A 25 1.25 13.13 1.54
C GLU A 25 2.12 11.86 1.53
N GLN A 26 2.92 11.74 0.47
CA GLN A 26 3.79 10.59 0.32
C GLN A 26 4.50 10.29 1.65
N PHE A 27 4.66 11.33 2.45
CA PHE A 27 5.32 11.20 3.72
C PHE A 27 4.58 10.19 4.62
N ARG A 28 3.28 10.39 4.73
CA ARG A 28 2.45 9.52 5.54
C ARG A 28 1.45 8.76 4.66
N LYS A 29 1.96 8.26 3.55
CA LYS A 29 1.13 7.51 2.62
C LYS A 29 1.77 6.15 2.37
N LEU A 30 0.99 5.10 2.66
CA LEU A 30 1.47 3.75 2.47
C LEU A 30 0.56 3.03 1.47
N PHE A 31 1.15 2.11 0.73
CA PHE A 31 0.41 1.34 -0.26
C PHE A 31 0.23 -0.10 0.17
N ILE A 32 -0.97 -0.42 0.61
CA ILE A 32 -1.28 -1.77 1.06
C ILE A 32 -1.60 -2.65 -0.15
N GLY A 33 -0.97 -3.81 -0.18
CA GLY A 33 -1.17 -4.75 -1.27
C GLY A 33 -1.47 -6.15 -0.75
N GLY A 34 -2.37 -6.82 -1.45
CA GLY A 34 -2.76 -8.17 -1.06
C GLY A 34 -3.90 -8.15 -0.05
N LEU A 35 -5.01 -7.54 -0.46
CA LEU A 35 -6.18 -7.44 0.39
C LEU A 35 -7.14 -8.57 0.06
N SER A 36 -6.66 -9.49 -0.77
CA SER A 36 -7.48 -10.63 -1.17
C SER A 36 -8.51 -10.19 -2.21
N PHE A 37 -9.48 -9.42 -1.75
CA PHE A 37 -10.53 -8.93 -2.63
C PHE A 37 -11.76 -8.50 -1.83
N GLU A 38 -11.90 -9.09 -0.65
CA GLU A 38 -13.02 -8.78 0.22
C GLU A 38 -12.70 -7.55 1.07
N THR A 39 -11.53 -7.59 1.70
CA THR A 39 -11.09 -6.49 2.54
C THR A 39 -11.53 -5.14 1.95
N THR A 40 -12.62 -4.62 2.50
CA THR A 40 -13.15 -3.36 2.04
C THR A 40 -12.44 -2.19 2.73
N GLU A 41 -12.55 -1.02 2.12
CA GLU A 41 -11.92 0.17 2.66
C GLU A 41 -12.01 0.16 4.19
N GLU A 42 -13.23 0.27 4.68
CA GLU A 42 -13.46 0.28 6.11
C GLU A 42 -12.70 -0.86 6.78
N SER A 43 -13.02 -2.08 6.35
CA SER A 43 -12.38 -3.26 6.90
C SER A 43 -10.88 -3.01 7.09
N LEU A 44 -10.23 -2.62 5.99
CA LEU A 44 -8.80 -2.34 6.04
C LEU A 44 -8.51 -1.40 7.21
N ARG A 45 -9.24 -0.30 7.24
CA ARG A 45 -9.06 0.68 8.29
C ARG A 45 -9.24 0.02 9.67
N ASN A 46 -10.32 -0.71 9.80
CA ASN A 46 -10.62 -1.39 11.05
C ASN A 46 -9.37 -2.13 11.52
N TYR A 47 -8.52 -2.48 10.56
CA TYR A 47 -7.29 -3.19 10.87
C TYR A 47 -6.13 -2.22 11.09
N TYR A 48 -6.04 -1.24 10.20
CA TYR A 48 -5.00 -0.24 10.30
C TYR A 48 -5.44 0.95 11.15
N GLU A 49 -6.41 0.69 12.01
CA GLU A 49 -6.93 1.72 12.88
C GLU A 49 -6.32 1.59 14.28
N GLN A 50 -5.83 0.39 14.57
CA GLN A 50 -5.22 0.14 15.87
C GLN A 50 -3.81 0.74 15.92
N TRP A 51 -3.18 0.79 14.75
CA TRP A 51 -1.84 1.34 14.64
C TRP A 51 -1.95 2.85 14.62
N GLY A 52 -2.98 3.33 13.94
CA GLY A 52 -3.21 4.77 13.84
C GLY A 52 -4.46 5.06 13.00
N LYS A 53 -5.04 6.22 13.26
CA LYS A 53 -6.24 6.64 12.54
C LYS A 53 -5.84 7.12 11.14
N LEU A 54 -6.37 6.42 10.15
CA LEU A 54 -6.08 6.75 8.76
C LEU A 54 -6.92 7.98 8.36
N THR A 55 -6.24 9.11 8.28
CA THR A 55 -6.89 10.35 7.90
C THR A 55 -7.44 10.26 6.48
N ASP A 56 -6.76 9.44 5.67
CA ASP A 56 -7.17 9.26 4.29
C ASP A 56 -6.86 7.83 3.86
N CYS A 57 -7.92 7.10 3.56
CA CYS A 57 -7.77 5.71 3.13
C CYS A 57 -8.53 5.54 1.81
N VAL A 58 -7.83 4.99 0.83
CA VAL A 58 -8.41 4.77 -0.47
C VAL A 58 -8.18 3.31 -0.89
N VAL A 59 -9.27 2.68 -1.32
CA VAL A 59 -9.20 1.29 -1.75
C VAL A 59 -9.49 1.21 -3.24
N MET A 60 -8.47 0.80 -3.99
CA MET A 60 -8.59 0.67 -5.43
C MET A 60 -9.53 -0.49 -5.79
N ARG A 61 -10.25 -0.29 -6.89
CA ARG A 61 -11.18 -1.31 -7.35
C ARG A 61 -10.90 -1.65 -8.82
N ASP A 62 -11.41 -2.80 -9.24
CA ASP A 62 -11.22 -3.26 -10.60
C ASP A 62 -12.08 -2.41 -11.54
N PRO A 63 -11.42 -1.87 -12.60
CA PRO A 63 -12.12 -1.04 -13.57
C PRO A 63 -12.99 -1.89 -14.51
N ALA A 64 -12.76 -3.20 -14.42
CA ALA A 64 -13.51 -4.14 -15.25
C ALA A 64 -14.52 -4.90 -14.38
N SER A 65 -14.09 -5.17 -13.15
CA SER A 65 -14.94 -5.89 -12.22
C SER A 65 -15.86 -4.92 -11.49
N LYS A 66 -15.28 -3.77 -11.12
CA LYS A 66 -16.03 -2.75 -10.42
C LYS A 66 -16.39 -3.26 -9.02
N ARG A 67 -15.44 -3.94 -8.41
CA ARG A 67 -15.64 -4.48 -7.08
C ARG A 67 -14.51 -4.03 -6.15
N SER A 68 -13.35 -4.64 -6.36
CA SER A 68 -12.18 -4.32 -5.55
C SER A 68 -10.92 -4.85 -6.22
N ARG A 69 -9.84 -4.10 -6.08
CA ARG A 69 -8.57 -4.48 -6.67
C ARG A 69 -7.77 -5.34 -5.69
N GLY A 70 -8.03 -5.13 -4.41
CA GLY A 70 -7.35 -5.88 -3.37
C GLY A 70 -6.14 -5.10 -2.84
N PHE A 71 -6.14 -3.80 -3.11
CA PHE A 71 -5.05 -2.94 -2.66
C PHE A 71 -5.49 -1.48 -2.65
N GLY A 72 -4.87 -0.73 -1.75
CA GLY A 72 -5.18 0.69 -1.62
C GLY A 72 -4.08 1.43 -0.87
N PHE A 73 -4.45 2.59 -0.34
CA PHE A 73 -3.50 3.40 0.42
C PHE A 73 -4.06 3.78 1.78
N VAL A 74 -3.18 3.81 2.77
CA VAL A 74 -3.57 4.15 4.12
C VAL A 74 -2.72 5.33 4.61
N THR A 75 -3.37 6.48 4.76
CA THR A 75 -2.69 7.67 5.22
C THR A 75 -2.87 7.85 6.73
N PHE A 76 -1.83 7.51 7.46
CA PHE A 76 -1.86 7.62 8.91
C PHE A 76 -1.90 9.09 9.34
N SER A 77 -2.18 9.29 10.62
CA SER A 77 -2.26 10.64 11.17
C SER A 77 -0.86 11.16 11.45
N SER A 78 -0.08 10.34 12.15
CA SER A 78 1.29 10.70 12.49
C SER A 78 2.27 9.76 11.80
N MET A 79 3.55 10.09 11.93
CA MET A 79 4.60 9.27 11.33
C MET A 79 4.96 8.08 12.22
N ALA A 80 4.56 8.19 13.48
CA ALA A 80 4.82 7.13 14.44
C ALA A 80 3.98 5.91 14.10
N GLU A 81 2.66 6.11 14.13
CA GLU A 81 1.73 5.04 13.82
C GLU A 81 2.18 4.29 12.57
N VAL A 82 2.23 5.03 11.46
CA VAL A 82 2.63 4.45 10.20
C VAL A 82 3.90 3.63 10.40
N ASP A 83 4.87 4.24 11.05
CA ASP A 83 6.13 3.58 11.32
C ASP A 83 5.87 2.23 12.00
N ALA A 84 4.81 2.21 12.80
CA ALA A 84 4.44 1.00 13.52
C ALA A 84 4.01 -0.07 12.51
N ALA A 85 2.92 0.24 11.80
CA ALA A 85 2.40 -0.67 10.80
C ALA A 85 3.56 -1.26 9.99
N MET A 86 4.44 -0.37 9.56
CA MET A 86 5.59 -0.79 8.78
C MET A 86 6.34 -1.92 9.47
N ALA A 87 6.56 -1.75 10.76
CA ALA A 87 7.26 -2.75 11.54
C ALA A 87 6.26 -3.53 12.39
N ALA A 88 5.22 -4.01 11.73
CA ALA A 88 4.19 -4.78 12.40
C ALA A 88 3.78 -5.97 11.52
N ARG A 89 4.75 -6.44 10.75
CA ARG A 89 4.51 -7.57 9.85
C ARG A 89 4.79 -8.89 10.58
N PRO A 90 4.23 -9.99 10.02
CA PRO A 90 3.43 -9.88 8.81
C PRO A 90 2.05 -9.30 9.12
N HIS A 91 1.21 -9.28 8.10
CA HIS A 91 -0.14 -8.75 8.26
C HIS A 91 -1.15 -9.77 7.72
N SER A 92 -2.09 -10.13 8.57
CA SER A 92 -3.12 -11.08 8.19
C SER A 92 -4.50 -10.40 8.19
N ILE A 93 -5.09 -10.33 7.00
CA ILE A 93 -6.39 -9.71 6.85
C ILE A 93 -7.26 -10.57 5.94
N ASP A 94 -8.53 -10.65 6.28
CA ASP A 94 -9.47 -11.44 5.49
C ASP A 94 -9.09 -12.92 5.57
N GLY A 95 -8.25 -13.23 6.56
CA GLY A 95 -7.81 -14.59 6.76
C GLY A 95 -6.63 -14.92 5.84
N ARG A 96 -6.17 -13.91 5.13
CA ARG A 96 -5.06 -14.08 4.20
C ARG A 96 -3.84 -13.29 4.69
N VAL A 97 -2.71 -13.55 4.05
CA VAL A 97 -1.48 -12.87 4.40
C VAL A 97 -1.25 -11.70 3.44
N VAL A 98 -1.62 -10.52 3.90
CA VAL A 98 -1.46 -9.31 3.09
C VAL A 98 0.02 -8.91 3.07
N GLU A 99 0.29 -7.78 2.46
CA GLU A 99 1.64 -7.27 2.36
C GLU A 99 1.63 -5.76 2.11
N PRO A 100 2.04 -4.99 3.15
CA PRO A 100 2.08 -3.55 3.05
C PRO A 100 3.27 -3.09 2.20
N LYS A 101 3.13 -1.90 1.63
CA LYS A 101 4.18 -1.34 0.80
C LYS A 101 4.26 0.16 1.03
N ARG A 102 5.41 0.72 0.66
CA ARG A 102 5.63 2.15 0.83
C ARG A 102 5.34 2.89 -0.48
N ALA A 103 4.32 3.74 -0.42
CA ALA A 103 3.93 4.52 -1.60
C ALA A 103 5.19 5.07 -2.27
N VAL A 104 6.22 5.27 -1.46
CA VAL A 104 7.48 5.81 -1.96
C VAL A 104 8.54 4.71 -1.94
N ALA A 105 9.37 4.71 -2.96
CA ALA A 105 10.44 3.72 -3.07
C ALA A 105 9.84 2.40 -3.54
N ARG A 106 9.09 1.77 -2.64
CA ARG A 106 8.46 0.49 -2.96
C ARG A 106 7.34 0.69 -3.98
N GLU A 107 7.62 0.26 -5.20
CA GLU A 107 6.65 0.38 -6.28
C GLU A 107 6.61 -0.90 -7.11
N GLU A 108 5.51 -1.07 -7.82
CA GLU A 108 5.34 -2.25 -8.66
C GLU A 108 4.20 -2.02 -9.67
N SER A 109 4.55 -1.33 -10.75
CA SER A 109 3.58 -1.05 -11.78
C SER A 109 4.22 -0.19 -12.88
N GLY A 110 3.60 -0.20 -14.05
CA GLY A 110 4.09 0.56 -15.18
C GLY A 110 3.82 -0.17 -16.49
N SER A 111 3.98 0.57 -17.58
CA SER A 111 3.76 0.01 -18.91
C SER A 111 4.37 0.92 -19.97
N GLY A 112 5.67 0.73 -20.18
CA GLY A 112 6.40 1.51 -21.16
C GLY A 112 7.90 1.29 -21.05
N PRO A 113 8.61 1.57 -22.18
CA PRO A 113 10.06 1.39 -22.22
C PRO A 113 10.77 2.51 -21.45
N SER A 114 12.06 2.34 -21.26
CA SER A 114 12.87 3.31 -20.56
C SER A 114 14.33 3.20 -20.97
N SER A 115 14.88 2.00 -20.74
CA SER A 115 16.27 1.75 -21.08
C SER A 115 16.38 1.34 -22.55
N GLY A 116 17.62 1.26 -23.02
CA GLY A 116 17.87 0.88 -24.40
C GLY A 116 19.26 0.27 -24.54
N GLY A 1 -8.02 -37.16 -5.59
CA GLY A 1 -7.82 -36.28 -6.73
C GLY A 1 -8.62 -34.98 -6.56
N SER A 2 -8.08 -33.91 -7.11
CA SER A 2 -8.73 -32.61 -7.03
C SER A 2 -7.89 -31.55 -7.75
N SER A 3 -8.57 -30.52 -8.21
CA SER A 3 -7.91 -29.44 -8.93
C SER A 3 -8.92 -28.38 -9.33
N GLY A 4 -8.40 -27.24 -9.78
CA GLY A 4 -9.25 -26.14 -10.20
C GLY A 4 -8.65 -24.79 -9.78
N SER A 5 -8.89 -23.79 -10.60
CA SER A 5 -8.39 -22.45 -10.33
C SER A 5 -8.77 -21.51 -11.48
N SER A 6 -8.57 -20.23 -11.22
CA SER A 6 -8.89 -19.21 -12.22
C SER A 6 -8.30 -17.86 -11.80
N GLY A 7 -8.31 -16.93 -12.74
CA GLY A 7 -7.78 -15.60 -12.48
C GLY A 7 -6.63 -15.28 -13.42
N MET A 8 -6.52 -14.00 -13.76
CA MET A 8 -5.47 -13.54 -14.65
C MET A 8 -5.34 -12.02 -14.62
N GLU A 9 -4.28 -11.53 -15.26
CA GLU A 9 -4.04 -10.10 -15.32
C GLU A 9 -3.05 -9.77 -16.43
N LYS A 10 -3.56 -9.10 -17.45
CA LYS A 10 -2.75 -8.72 -18.59
C LYS A 10 -2.77 -7.20 -18.75
N THR A 11 -1.58 -6.63 -18.70
CA THR A 11 -1.44 -5.18 -18.83
C THR A 11 -0.94 -4.81 -20.23
N LEU A 12 -1.28 -3.61 -20.64
CA LEU A 12 -0.87 -3.13 -21.96
C LEU A 12 0.50 -2.45 -21.84
N GLU A 13 0.53 -1.36 -21.08
CA GLU A 13 1.76 -0.61 -20.89
C GLU A 13 2.12 -0.56 -19.40
N THR A 14 3.36 -0.24 -19.14
CA THR A 14 3.85 -0.14 -17.77
C THR A 14 3.18 1.02 -17.04
N VAL A 15 2.88 0.80 -15.76
CA VAL A 15 2.23 1.82 -14.96
C VAL A 15 3.22 2.97 -14.72
N PRO A 16 2.83 4.17 -15.24
CA PRO A 16 3.67 5.34 -15.09
C PRO A 16 3.58 5.90 -13.68
N LEU A 17 4.75 6.24 -13.14
CA LEU A 17 4.82 6.78 -11.78
C LEU A 17 4.89 8.31 -11.86
N GLU A 18 4.55 8.94 -10.74
CA GLU A 18 4.56 10.39 -10.67
C GLU A 18 4.05 10.85 -9.31
N ARG A 19 4.63 11.95 -8.83
CA ARG A 19 4.25 12.50 -7.55
C ARG A 19 4.32 14.03 -7.58
N LYS A 20 3.15 14.65 -7.51
CA LYS A 20 3.07 16.09 -7.54
C LYS A 20 2.02 16.56 -6.52
N LYS A 21 2.26 16.21 -5.27
CA LYS A 21 1.35 16.59 -4.20
C LYS A 21 2.16 16.87 -2.93
N ARG A 22 1.47 17.45 -1.95
CA ARG A 22 2.10 17.78 -0.68
C ARG A 22 2.95 16.60 -0.19
N GLU A 23 4.19 16.90 0.17
CA GLU A 23 5.10 15.89 0.65
C GLU A 23 4.49 15.15 1.85
N LYS A 24 4.10 15.94 2.84
CA LYS A 24 3.50 15.38 4.03
C LYS A 24 2.43 14.36 3.64
N GLU A 25 1.89 14.54 2.44
CA GLU A 25 0.86 13.64 1.94
C GLU A 25 1.46 12.26 1.65
N GLN A 26 2.34 12.22 0.67
CA GLN A 26 2.98 10.97 0.30
C GLN A 26 3.80 10.42 1.46
N PHE A 27 4.50 11.32 2.13
CA PHE A 27 5.32 10.95 3.27
C PHE A 27 4.60 9.93 4.16
N ARG A 28 3.37 10.28 4.52
CA ARG A 28 2.56 9.42 5.37
C ARG A 28 1.52 8.68 4.53
N LYS A 29 1.98 8.14 3.42
CA LYS A 29 1.09 7.41 2.52
C LYS A 29 1.71 6.04 2.20
N LEU A 30 1.04 5.00 2.65
CA LEU A 30 1.50 3.65 2.42
C LEU A 30 0.60 2.97 1.38
N PHE A 31 1.16 1.97 0.72
CA PHE A 31 0.43 1.24 -0.30
C PHE A 31 0.18 -0.21 0.15
N ILE A 32 -1.06 -0.46 0.56
CA ILE A 32 -1.44 -1.78 1.01
C ILE A 32 -1.65 -2.70 -0.21
N GLY A 33 -1.04 -3.86 -0.15
CA GLY A 33 -1.15 -4.82 -1.24
C GLY A 33 -1.61 -6.18 -0.73
N GLY A 34 -2.57 -6.75 -1.44
CA GLY A 34 -3.12 -8.04 -1.06
C GLY A 34 -4.31 -7.88 -0.12
N LEU A 35 -5.41 -7.42 -0.68
CA LEU A 35 -6.63 -7.22 0.11
C LEU A 35 -7.62 -8.34 -0.21
N SER A 36 -7.22 -9.22 -1.11
CA SER A 36 -8.06 -10.33 -1.50
C SER A 36 -9.31 -9.81 -2.21
N PHE A 37 -9.30 -8.52 -2.50
CA PHE A 37 -10.43 -7.89 -3.16
C PHE A 37 -11.61 -7.73 -2.21
N GLU A 38 -11.42 -8.22 -1.00
CA GLU A 38 -12.46 -8.14 0.02
C GLU A 38 -12.22 -6.94 0.94
N THR A 39 -11.15 -7.06 1.72
CA THR A 39 -10.79 -5.99 2.65
C THR A 39 -11.06 -4.63 2.03
N THR A 40 -12.22 -4.07 2.37
CA THR A 40 -12.61 -2.77 1.86
C THR A 40 -11.90 -1.65 2.62
N GLU A 41 -12.29 -0.43 2.33
CA GLU A 41 -11.71 0.72 2.99
C GLU A 41 -11.85 0.60 4.51
N GLU A 42 -13.07 0.33 4.94
CA GLU A 42 -13.35 0.19 6.35
C GLU A 42 -12.62 -1.04 6.92
N SER A 43 -13.08 -2.20 6.47
CA SER A 43 -12.48 -3.46 6.92
C SER A 43 -10.96 -3.29 7.06
N LEU A 44 -10.38 -2.59 6.10
CA LEU A 44 -8.95 -2.36 6.11
C LEU A 44 -8.58 -1.50 7.32
N ARG A 45 -9.11 -0.28 7.32
CA ARG A 45 -8.85 0.64 8.40
C ARG A 45 -9.04 -0.04 9.75
N ASN A 46 -10.16 -0.76 9.86
CA ASN A 46 -10.48 -1.47 11.08
C ASN A 46 -9.22 -2.18 11.59
N TYR A 47 -8.34 -2.51 10.65
CA TYR A 47 -7.10 -3.18 11.00
C TYR A 47 -5.96 -2.19 11.20
N TYR A 48 -5.87 -1.25 10.26
CA TYR A 48 -4.84 -0.23 10.32
C TYR A 48 -5.29 0.97 11.15
N GLU A 49 -6.26 0.71 12.03
CA GLU A 49 -6.79 1.75 12.88
C GLU A 49 -6.15 1.68 14.27
N GLN A 50 -5.59 0.52 14.56
CA GLN A 50 -4.94 0.30 15.84
C GLN A 50 -3.62 1.08 15.92
N TRP A 51 -2.74 0.78 14.99
CA TRP A 51 -1.45 1.44 14.94
C TRP A 51 -1.69 2.95 14.90
N GLY A 52 -2.65 3.35 14.07
CA GLY A 52 -3.00 4.75 13.92
C GLY A 52 -4.27 4.92 13.11
N LYS A 53 -4.85 6.11 13.22
CA LYS A 53 -6.07 6.42 12.50
C LYS A 53 -5.73 6.95 11.11
N LEU A 54 -6.11 6.17 10.10
CA LEU A 54 -5.85 6.55 8.73
C LEU A 54 -6.74 7.74 8.35
N THR A 55 -6.11 8.91 8.25
CA THR A 55 -6.83 10.12 7.90
C THR A 55 -7.55 9.94 6.56
N ASP A 56 -7.08 8.98 5.79
CA ASP A 56 -7.67 8.70 4.49
C ASP A 56 -7.26 7.28 4.04
N CYS A 57 -8.27 6.49 3.72
CA CYS A 57 -8.03 5.13 3.28
C CYS A 57 -8.75 4.92 1.95
N VAL A 58 -7.97 4.59 0.93
CA VAL A 58 -8.53 4.36 -0.40
C VAL A 58 -8.16 2.96 -0.86
N VAL A 59 -9.12 2.33 -1.53
CA VAL A 59 -8.92 0.98 -2.03
C VAL A 59 -9.16 0.95 -3.54
N MET A 60 -8.10 0.71 -4.29
CA MET A 60 -8.19 0.67 -5.73
C MET A 60 -9.07 -0.50 -6.19
N ARG A 61 -9.62 -0.34 -7.38
CA ARG A 61 -10.49 -1.38 -7.94
C ARG A 61 -10.22 -1.54 -9.44
N ASP A 62 -10.18 -2.79 -9.86
CA ASP A 62 -9.93 -3.09 -11.27
C ASP A 62 -10.70 -2.10 -12.14
N PRO A 63 -9.95 -1.44 -13.07
CA PRO A 63 -10.54 -0.47 -13.97
C PRO A 63 -11.36 -1.17 -15.06
N ALA A 64 -11.11 -2.45 -15.21
CA ALA A 64 -11.80 -3.25 -16.21
C ALA A 64 -12.86 -4.12 -15.53
N SER A 65 -12.44 -4.76 -14.45
CA SER A 65 -13.33 -5.63 -13.70
C SER A 65 -14.32 -4.78 -12.89
N LYS A 66 -13.83 -3.62 -12.46
CA LYS A 66 -14.65 -2.72 -11.68
C LYS A 66 -15.13 -3.44 -10.41
N ARG A 67 -14.25 -4.27 -9.88
CA ARG A 67 -14.56 -5.01 -8.67
C ARG A 67 -13.61 -4.63 -7.54
N SER A 68 -12.38 -5.08 -7.66
CA SER A 68 -11.37 -4.79 -6.66
C SER A 68 -10.00 -5.32 -7.12
N ARG A 69 -8.99 -4.49 -6.94
CA ARG A 69 -7.64 -4.86 -7.33
C ARG A 69 -6.98 -5.68 -6.22
N GLY A 70 -7.23 -5.27 -4.98
CA GLY A 70 -6.67 -5.95 -3.84
C GLY A 70 -5.55 -5.13 -3.21
N PHE A 71 -5.59 -3.83 -3.46
CA PHE A 71 -4.59 -2.92 -2.92
C PHE A 71 -5.13 -1.49 -2.86
N GLY A 72 -4.60 -0.74 -1.90
CA GLY A 72 -5.02 0.64 -1.73
C GLY A 72 -3.96 1.44 -0.97
N PHE A 73 -4.39 2.58 -0.44
CA PHE A 73 -3.49 3.44 0.31
C PHE A 73 -4.06 3.75 1.70
N VAL A 74 -3.15 3.97 2.64
CA VAL A 74 -3.56 4.28 4.00
C VAL A 74 -2.72 5.45 4.51
N THR A 75 -3.37 6.60 4.63
CA THR A 75 -2.71 7.80 5.11
C THR A 75 -2.93 7.97 6.61
N PHE A 76 -1.91 7.59 7.38
CA PHE A 76 -1.98 7.69 8.82
C PHE A 76 -2.01 9.15 9.27
N SER A 77 -2.22 9.35 10.56
CA SER A 77 -2.27 10.68 11.13
C SER A 77 -0.87 11.14 11.52
N SER A 78 -0.10 10.21 12.07
CA SER A 78 1.25 10.51 12.49
C SER A 78 2.24 9.60 11.76
N MET A 79 3.51 9.98 11.82
CA MET A 79 4.56 9.21 11.17
C MET A 79 4.96 8.01 12.02
N ALA A 80 4.71 8.13 13.32
CA ALA A 80 5.04 7.06 14.25
C ALA A 80 4.13 5.86 13.99
N GLU A 81 2.83 6.09 14.14
CA GLU A 81 1.86 5.05 13.93
C GLU A 81 2.17 4.27 12.65
N VAL A 82 2.17 5.00 11.54
CA VAL A 82 2.46 4.40 10.25
C VAL A 82 3.72 3.53 10.36
N ASP A 83 4.74 4.11 10.98
CA ASP A 83 6.00 3.41 11.16
C ASP A 83 5.74 2.07 11.85
N ALA A 84 4.79 2.10 12.78
CA ALA A 84 4.44 0.89 13.52
C ALA A 84 4.00 -0.19 12.54
N ALA A 85 2.88 0.07 11.89
CA ALA A 85 2.33 -0.88 10.92
C ALA A 85 3.48 -1.47 10.10
N MET A 86 4.28 -0.59 9.53
CA MET A 86 5.41 -1.01 8.71
C MET A 86 6.24 -2.08 9.45
N ALA A 87 6.64 -1.74 10.66
CA ALA A 87 7.43 -2.65 11.46
C ALA A 87 6.50 -3.59 12.24
N ALA A 88 5.53 -4.14 11.51
CA ALA A 88 4.56 -5.04 12.12
C ALA A 88 4.12 -6.08 11.08
N ARG A 89 5.11 -6.80 10.54
CA ARG A 89 4.84 -7.81 9.55
C ARG A 89 4.98 -9.21 10.15
N PRO A 90 4.29 -10.19 9.52
CA PRO A 90 3.46 -9.89 8.35
C PRO A 90 2.17 -9.17 8.75
N HIS A 91 1.26 -9.10 7.80
CA HIS A 91 -0.02 -8.45 8.05
C HIS A 91 -1.15 -9.38 7.61
N SER A 92 -1.94 -9.78 8.59
CA SER A 92 -3.07 -10.67 8.32
C SER A 92 -4.39 -9.91 8.50
N ILE A 93 -5.15 -9.87 7.42
CA ILE A 93 -6.44 -9.18 7.43
C ILE A 93 -7.48 -10.03 6.71
N ASP A 94 -8.64 -10.16 7.34
CA ASP A 94 -9.71 -10.95 6.77
C ASP A 94 -9.22 -12.37 6.51
N GLY A 95 -8.21 -12.77 7.27
CA GLY A 95 -7.63 -14.09 7.12
C GLY A 95 -6.78 -14.19 5.85
N ARG A 96 -6.26 -13.03 5.44
CA ARG A 96 -5.43 -12.96 4.25
C ARG A 96 -4.04 -12.43 4.62
N VAL A 97 -3.04 -12.97 3.93
CA VAL A 97 -1.67 -12.56 4.17
C VAL A 97 -1.36 -11.32 3.33
N VAL A 98 -1.86 -10.19 3.79
CA VAL A 98 -1.64 -8.94 3.09
C VAL A 98 -0.20 -8.48 3.31
N GLU A 99 0.19 -7.48 2.53
CA GLU A 99 1.54 -6.94 2.64
C GLU A 99 1.54 -5.45 2.28
N PRO A 100 1.83 -4.62 3.32
CA PRO A 100 1.86 -3.18 3.14
C PRO A 100 3.13 -2.75 2.41
N LYS A 101 3.06 -1.59 1.78
CA LYS A 101 4.20 -1.06 1.04
C LYS A 101 4.27 0.46 1.25
N ARG A 102 5.28 1.06 0.65
CA ARG A 102 5.47 2.49 0.74
C ARG A 102 4.91 3.19 -0.50
N ALA A 103 4.17 4.27 -0.26
CA ALA A 103 3.57 5.03 -1.34
C ALA A 103 4.44 6.25 -1.64
N VAL A 104 5.67 5.97 -2.04
CA VAL A 104 6.61 7.04 -2.35
C VAL A 104 7.21 6.79 -3.74
N ALA A 105 7.93 7.79 -4.22
CA ALA A 105 8.56 7.69 -5.53
C ALA A 105 9.79 6.77 -5.43
N ARG A 106 10.80 7.27 -4.74
CA ARG A 106 12.03 6.52 -4.57
C ARG A 106 12.64 6.82 -3.20
N GLU A 107 13.42 5.86 -2.72
CA GLU A 107 14.07 5.99 -1.43
C GLU A 107 15.55 6.36 -1.61
N GLU A 108 16.08 7.02 -0.59
CA GLU A 108 17.49 7.43 -0.63
C GLU A 108 17.90 7.99 0.73
N SER A 109 17.20 9.04 1.13
CA SER A 109 17.50 9.68 2.41
C SER A 109 16.33 10.61 2.81
N GLY A 110 16.09 10.67 4.11
CA GLY A 110 15.02 11.50 4.63
C GLY A 110 15.27 11.87 6.09
N SER A 111 15.09 13.15 6.38
CA SER A 111 15.30 13.65 7.73
C SER A 111 14.32 14.79 8.02
N GLY A 112 14.09 15.00 9.31
CA GLY A 112 13.18 16.05 9.74
C GLY A 112 13.92 17.16 10.48
N PRO A 113 13.66 18.43 10.05
CA PRO A 113 14.30 19.58 10.65
C PRO A 113 13.70 19.88 12.03
N SER A 114 12.37 19.86 12.07
CA SER A 114 11.66 20.13 13.31
C SER A 114 11.94 21.55 13.77
N SER A 115 10.86 22.31 13.97
CA SER A 115 10.97 23.69 14.40
C SER A 115 9.87 24.00 15.42
N GLY A 116 10.11 25.05 16.19
CA GLY A 116 9.16 25.46 17.20
C GLY A 116 8.92 26.98 17.15
N GLY A 1 -4.71 -35.49 -7.75
CA GLY A 1 -4.05 -34.20 -7.76
C GLY A 1 -5.08 -33.07 -7.69
N SER A 2 -4.58 -31.84 -7.79
CA SER A 2 -5.43 -30.67 -7.75
C SER A 2 -4.60 -29.41 -7.95
N SER A 3 -4.92 -28.70 -9.03
CA SER A 3 -4.21 -27.47 -9.35
C SER A 3 -5.17 -26.45 -9.95
N GLY A 4 -4.73 -25.21 -9.99
CA GLY A 4 -5.55 -24.13 -10.53
C GLY A 4 -4.70 -22.89 -10.80
N SER A 5 -5.39 -21.77 -11.02
CA SER A 5 -4.72 -20.52 -11.28
C SER A 5 -5.76 -19.41 -11.49
N SER A 6 -5.25 -18.17 -11.53
CA SER A 6 -6.11 -17.02 -11.72
C SER A 6 -5.27 -15.79 -12.04
N GLY A 7 -5.95 -14.75 -12.49
CA GLY A 7 -5.28 -13.50 -12.83
C GLY A 7 -5.37 -13.22 -14.33
N MET A 8 -5.53 -11.95 -14.65
CA MET A 8 -5.63 -11.54 -16.04
C MET A 8 -5.76 -10.01 -16.15
N GLU A 9 -5.33 -9.50 -17.30
CA GLU A 9 -5.38 -8.07 -17.54
C GLU A 9 -5.98 -7.79 -18.93
N LYS A 10 -6.68 -6.67 -19.02
CA LYS A 10 -7.30 -6.28 -20.28
C LYS A 10 -7.14 -4.78 -20.48
N THR A 11 -6.77 -4.41 -21.69
CA THR A 11 -6.58 -3.01 -22.02
C THR A 11 -5.46 -2.41 -21.17
N LEU A 12 -4.47 -1.86 -21.85
CA LEU A 12 -3.34 -1.25 -21.17
C LEU A 12 -3.27 0.24 -21.53
N GLU A 13 -2.35 0.93 -20.88
CA GLU A 13 -2.17 2.36 -21.13
C GLU A 13 -0.71 2.75 -20.93
N THR A 14 -0.21 2.44 -19.75
CA THR A 14 1.18 2.76 -19.41
C THR A 14 1.53 4.17 -19.88
N VAL A 15 1.17 5.15 -19.06
CA VAL A 15 1.44 6.53 -19.38
C VAL A 15 1.48 7.35 -18.09
N PRO A 16 2.42 8.34 -18.05
CA PRO A 16 2.57 9.19 -16.89
C PRO A 16 1.43 10.22 -16.81
N LEU A 17 1.02 10.51 -15.59
CA LEU A 17 -0.05 11.48 -15.37
C LEU A 17 0.03 11.99 -13.93
N GLU A 18 -0.27 13.28 -13.79
CA GLU A 18 -0.24 13.91 -12.47
C GLU A 18 -1.46 14.81 -12.29
N ARG A 19 -2.51 14.22 -11.74
CA ARG A 19 -3.74 14.95 -11.51
C ARG A 19 -3.65 15.74 -10.19
N LYS A 20 -3.39 14.99 -9.12
CA LYS A 20 -3.28 15.60 -7.80
C LYS A 20 -2.33 14.77 -6.95
N LYS A 21 -1.11 15.28 -6.82
CA LYS A 21 -0.10 14.60 -6.03
C LYS A 21 0.23 15.43 -4.80
N ARG A 22 0.74 14.75 -3.77
CA ARG A 22 1.09 15.42 -2.53
C ARG A 22 2.27 14.71 -1.87
N GLU A 23 3.10 15.50 -1.21
CA GLU A 23 4.27 14.95 -0.53
C GLU A 23 3.92 14.62 0.92
N LYS A 24 3.50 15.65 1.65
CA LYS A 24 3.13 15.48 3.05
C LYS A 24 2.36 14.17 3.21
N GLU A 25 1.65 13.80 2.15
CA GLU A 25 0.87 12.58 2.17
C GLU A 25 1.74 11.37 1.82
N GLN A 26 2.46 11.50 0.72
CA GLN A 26 3.35 10.43 0.28
C GLN A 26 4.08 9.82 1.47
N PHE A 27 4.83 10.66 2.16
CA PHE A 27 5.59 10.22 3.32
C PHE A 27 4.68 9.45 4.30
N ARG A 28 3.50 9.99 4.51
CA ARG A 28 2.54 9.37 5.41
C ARG A 28 1.48 8.59 4.61
N LYS A 29 1.94 7.98 3.54
CA LYS A 29 1.06 7.21 2.69
C LYS A 29 1.68 5.83 2.43
N LEU A 30 0.98 4.80 2.91
CA LEU A 30 1.45 3.44 2.73
C LEU A 30 0.56 2.73 1.72
N PHE A 31 1.21 2.02 0.80
CA PHE A 31 0.49 1.29 -0.22
C PHE A 31 0.27 -0.17 0.19
N ILE A 32 -0.96 -0.44 0.61
CA ILE A 32 -1.31 -1.79 1.04
C ILE A 32 -1.51 -2.67 -0.18
N GLY A 33 -0.93 -3.86 -0.12
CA GLY A 33 -1.05 -4.81 -1.21
C GLY A 33 -1.58 -6.16 -0.72
N GLY A 34 -2.63 -6.62 -1.37
CA GLY A 34 -3.25 -7.89 -1.02
C GLY A 34 -4.34 -7.69 0.03
N LEU A 35 -5.50 -7.23 -0.43
CA LEU A 35 -6.62 -7.00 0.44
C LEU A 35 -7.65 -8.12 0.26
N SER A 36 -7.31 -9.05 -0.62
CA SER A 36 -8.19 -10.17 -0.90
C SER A 36 -9.32 -9.74 -1.84
N PHE A 37 -9.29 -8.45 -2.18
CA PHE A 37 -10.29 -7.90 -3.07
C PHE A 37 -11.62 -7.70 -2.33
N GLU A 38 -11.63 -8.10 -1.07
CA GLU A 38 -12.83 -7.96 -0.25
C GLU A 38 -12.65 -6.83 0.76
N THR A 39 -11.69 -7.01 1.65
CA THR A 39 -11.41 -6.01 2.68
C THR A 39 -11.55 -4.61 2.09
N THR A 40 -12.72 -4.02 2.32
CA THR A 40 -13.00 -2.68 1.82
C THR A 40 -12.13 -1.65 2.56
N GLU A 41 -12.39 -0.39 2.27
CA GLU A 41 -11.65 0.70 2.88
C GLU A 41 -11.77 0.63 4.40
N GLU A 42 -13.02 0.50 4.85
CA GLU A 42 -13.30 0.43 6.28
C GLU A 42 -12.70 -0.86 6.86
N SER A 43 -13.18 -1.98 6.34
CA SER A 43 -12.72 -3.27 6.81
C SER A 43 -11.20 -3.26 6.96
N LEU A 44 -10.57 -2.43 6.14
CA LEU A 44 -9.12 -2.32 6.16
C LEU A 44 -8.71 -1.40 7.32
N ARG A 45 -9.44 -0.30 7.44
CA ARG A 45 -9.15 0.65 8.50
C ARG A 45 -9.35 0.00 9.88
N ASN A 46 -10.45 -0.73 10.00
CA ASN A 46 -10.76 -1.41 11.25
C ASN A 46 -9.51 -2.14 11.75
N TYR A 47 -8.66 -2.51 10.80
CA TYR A 47 -7.43 -3.21 11.13
C TYR A 47 -6.27 -2.23 11.35
N TYR A 48 -6.15 -1.30 10.41
CA TYR A 48 -5.09 -0.30 10.49
C TYR A 48 -5.56 0.93 11.27
N GLU A 49 -6.51 0.69 12.17
CA GLU A 49 -7.04 1.77 12.98
C GLU A 49 -6.39 1.76 14.37
N GLN A 50 -5.70 0.66 14.65
CA GLN A 50 -5.02 0.52 15.93
C GLN A 50 -3.67 1.21 15.90
N TRP A 51 -2.93 0.93 14.82
CA TRP A 51 -1.61 1.52 14.66
C TRP A 51 -1.78 3.03 14.49
N GLY A 52 -3.02 3.43 14.25
CA GLY A 52 -3.33 4.84 14.07
C GLY A 52 -4.65 5.02 13.30
N LYS A 53 -5.21 6.21 13.42
CA LYS A 53 -6.46 6.51 12.75
C LYS A 53 -6.17 7.02 11.34
N LEU A 54 -6.39 6.14 10.37
CA LEU A 54 -6.16 6.49 8.98
C LEU A 54 -7.02 7.70 8.60
N THR A 55 -6.33 8.78 8.29
CA THR A 55 -7.01 10.01 7.91
C THR A 55 -7.63 9.87 6.52
N ASP A 56 -6.98 9.06 5.70
CA ASP A 56 -7.45 8.82 4.35
C ASP A 56 -7.17 7.37 3.96
N CYS A 57 -8.24 6.65 3.67
CA CYS A 57 -8.14 5.26 3.29
C CYS A 57 -8.80 5.08 1.93
N VAL A 58 -7.99 4.70 0.95
CA VAL A 58 -8.49 4.50 -0.40
C VAL A 58 -8.15 3.08 -0.86
N VAL A 59 -9.10 2.48 -1.57
CA VAL A 59 -8.91 1.12 -2.06
C VAL A 59 -9.12 1.11 -3.57
N MET A 60 -8.06 0.77 -4.28
CA MET A 60 -8.11 0.71 -5.73
C MET A 60 -8.98 -0.47 -6.20
N ARG A 61 -9.73 -0.22 -7.27
CA ARG A 61 -10.60 -1.24 -7.82
C ARG A 61 -10.47 -1.28 -9.34
N ASP A 62 -10.74 -2.45 -9.89
CA ASP A 62 -10.65 -2.65 -11.33
C ASP A 62 -11.64 -1.71 -12.03
N PRO A 63 -11.12 -1.01 -13.08
CA PRO A 63 -11.96 -0.09 -13.84
C PRO A 63 -12.91 -0.84 -14.76
N ALA A 64 -12.58 -2.09 -15.03
CA ALA A 64 -13.39 -2.92 -15.89
C ALA A 64 -14.16 -3.94 -15.03
N SER A 65 -13.44 -4.51 -14.08
CA SER A 65 -14.04 -5.50 -13.20
C SER A 65 -14.95 -4.80 -12.18
N LYS A 66 -14.56 -3.59 -11.82
CA LYS A 66 -15.33 -2.81 -10.87
C LYS A 66 -15.22 -3.46 -9.48
N ARG A 67 -14.29 -4.39 -9.37
CA ARG A 67 -14.06 -5.08 -8.11
C ARG A 67 -12.68 -4.73 -7.55
N SER A 68 -12.66 -4.44 -6.27
CA SER A 68 -11.41 -4.10 -5.60
C SER A 68 -10.28 -4.98 -6.13
N ARG A 69 -9.17 -4.33 -6.45
CA ARG A 69 -8.01 -5.05 -6.96
C ARG A 69 -7.33 -5.84 -5.84
N GLY A 70 -7.42 -5.29 -4.64
CA GLY A 70 -6.82 -5.94 -3.48
C GLY A 70 -5.65 -5.12 -2.93
N PHE A 71 -5.70 -3.83 -3.21
CA PHE A 71 -4.65 -2.93 -2.76
C PHE A 71 -5.14 -1.47 -2.75
N GLY A 72 -4.65 -0.72 -1.78
CA GLY A 72 -5.03 0.68 -1.64
C GLY A 72 -3.97 1.45 -0.87
N PHE A 73 -4.39 2.59 -0.33
CA PHE A 73 -3.49 3.44 0.43
C PHE A 73 -4.10 3.79 1.80
N VAL A 74 -3.21 3.97 2.77
CA VAL A 74 -3.64 4.31 4.12
C VAL A 74 -2.78 5.46 4.64
N THR A 75 -3.43 6.61 4.80
CA THR A 75 -2.74 7.79 5.30
C THR A 75 -2.95 7.93 6.81
N PHE A 76 -1.89 7.67 7.56
CA PHE A 76 -1.95 7.77 9.01
C PHE A 76 -1.96 9.24 9.46
N SER A 77 -2.17 9.42 10.75
CA SER A 77 -2.20 10.76 11.31
C SER A 77 -0.82 11.15 11.83
N SER A 78 -0.23 10.24 12.60
CA SER A 78 1.09 10.47 13.16
C SER A 78 2.16 9.83 12.27
N MET A 79 3.41 10.14 12.58
CA MET A 79 4.53 9.61 11.82
C MET A 79 4.98 8.26 12.39
N ALA A 80 4.54 7.99 13.61
CA ALA A 80 4.89 6.75 14.28
C ALA A 80 3.84 5.69 13.96
N GLU A 81 2.62 6.16 13.73
CA GLU A 81 1.52 5.26 13.42
C GLU A 81 1.79 4.54 12.10
N VAL A 82 2.61 5.17 11.26
CA VAL A 82 2.95 4.60 9.98
C VAL A 82 4.23 3.75 10.12
N ASP A 83 5.19 4.32 10.83
CA ASP A 83 6.45 3.64 11.05
C ASP A 83 6.19 2.32 11.78
N ALA A 84 5.08 2.27 12.48
CA ALA A 84 4.70 1.07 13.21
C ALA A 84 4.21 0.01 12.24
N ALA A 85 3.07 0.29 11.63
CA ALA A 85 2.50 -0.65 10.67
C ALA A 85 3.60 -1.21 9.78
N MET A 86 4.46 -0.32 9.32
CA MET A 86 5.56 -0.71 8.46
C MET A 86 6.33 -1.90 9.05
N ALA A 87 6.54 -1.84 10.36
CA ALA A 87 7.25 -2.89 11.05
C ALA A 87 6.27 -3.65 11.94
N ALA A 88 5.15 -4.03 11.35
CA ALA A 88 4.12 -4.76 12.07
C ALA A 88 3.65 -5.94 11.22
N ARG A 89 4.61 -6.61 10.60
CA ARG A 89 4.31 -7.75 9.76
C ARG A 89 4.49 -9.05 10.56
N PRO A 90 3.84 -10.14 10.04
CA PRO A 90 3.06 -10.02 8.82
C PRO A 90 1.73 -9.32 9.09
N HIS A 91 0.91 -9.27 8.05
CA HIS A 91 -0.39 -8.63 8.15
C HIS A 91 -1.48 -9.55 7.60
N SER A 92 -2.36 -9.98 8.48
CA SER A 92 -3.43 -10.88 8.09
C SER A 92 -4.74 -10.09 7.96
N ILE A 93 -5.35 -10.20 6.78
CA ILE A 93 -6.59 -9.51 6.52
C ILE A 93 -7.59 -10.48 5.87
N ASP A 94 -8.74 -10.61 6.52
CA ASP A 94 -9.78 -11.51 6.03
C ASP A 94 -9.29 -12.95 6.15
N GLY A 95 -8.18 -13.12 6.83
CA GLY A 95 -7.61 -14.44 7.03
C GLY A 95 -6.44 -14.68 6.07
N ARG A 96 -6.34 -13.82 5.07
CA ARG A 96 -5.29 -13.93 4.08
C ARG A 96 -4.04 -13.18 4.56
N VAL A 97 -2.94 -13.45 3.89
CA VAL A 97 -1.67 -12.81 4.23
C VAL A 97 -1.42 -11.64 3.27
N VAL A 98 -1.67 -10.44 3.77
CA VAL A 98 -1.47 -9.24 2.98
C VAL A 98 0.00 -8.82 3.05
N GLU A 99 0.28 -7.66 2.47
CA GLU A 99 1.64 -7.14 2.45
C GLU A 99 1.62 -5.63 2.21
N PRO A 100 1.95 -4.87 3.28
CA PRO A 100 1.98 -3.42 3.18
C PRO A 100 3.21 -2.94 2.41
N LYS A 101 3.07 -1.77 1.81
CA LYS A 101 4.17 -1.19 1.04
C LYS A 101 4.22 0.32 1.31
N ARG A 102 5.27 0.93 0.77
CA ARG A 102 5.45 2.37 0.94
C ARG A 102 5.01 3.10 -0.33
N ALA A 103 4.35 4.23 -0.12
CA ALA A 103 3.87 5.04 -1.22
C ALA A 103 4.89 6.12 -1.54
N VAL A 104 6.13 5.69 -1.75
CA VAL A 104 7.20 6.62 -2.06
C VAL A 104 7.89 6.17 -3.35
N ALA A 105 8.31 7.17 -4.13
CA ALA A 105 8.98 6.90 -5.38
C ALA A 105 8.01 6.18 -6.33
N ARG A 106 8.32 6.29 -7.62
CA ARG A 106 7.49 5.66 -8.64
C ARG A 106 8.35 5.16 -9.79
N GLU A 107 8.07 3.94 -10.21
CA GLU A 107 8.82 3.33 -11.31
C GLU A 107 7.87 2.53 -12.21
N GLU A 108 7.16 1.60 -11.59
CA GLU A 108 6.22 0.77 -12.32
C GLU A 108 5.48 1.58 -13.37
N SER A 109 4.76 2.59 -12.89
CA SER A 109 4.00 3.46 -13.78
C SER A 109 3.07 2.62 -14.66
N GLY A 110 1.86 2.40 -14.15
CA GLY A 110 0.89 1.62 -14.89
C GLY A 110 -0.43 1.53 -14.11
N SER A 111 -1.41 2.29 -14.57
CA SER A 111 -2.72 2.31 -13.93
C SER A 111 -3.76 2.90 -14.87
N GLY A 112 -3.52 4.15 -15.24
CA GLY A 112 -4.42 4.86 -16.13
C GLY A 112 -5.85 4.84 -15.58
N PRO A 113 -6.16 5.87 -14.73
CA PRO A 113 -7.47 5.98 -14.14
C PRO A 113 -8.49 6.48 -15.16
N SER A 114 -9.74 6.07 -14.96
CA SER A 114 -10.81 6.46 -15.86
C SER A 114 -10.76 7.97 -16.11
N SER A 115 -10.50 8.32 -17.36
CA SER A 115 -10.42 9.72 -17.75
C SER A 115 -10.19 9.83 -19.26
N GLY A 116 -10.94 10.73 -19.87
CA GLY A 116 -10.83 10.95 -21.30
C GLY A 116 -11.48 12.27 -21.71
N GLY A 1 -17.30 -18.78 7.47
CA GLY A 1 -16.04 -18.79 6.75
C GLY A 1 -16.21 -19.47 5.38
N SER A 2 -15.36 -20.46 5.15
CA SER A 2 -15.40 -21.20 3.90
C SER A 2 -15.06 -20.26 2.73
N SER A 3 -14.05 -20.66 1.97
CA SER A 3 -13.62 -19.87 0.82
C SER A 3 -12.45 -20.56 0.12
N GLY A 4 -12.68 -20.86 -1.16
CA GLY A 4 -11.65 -21.53 -1.95
C GLY A 4 -12.02 -21.51 -3.44
N SER A 5 -12.00 -20.31 -4.00
CA SER A 5 -12.33 -20.14 -5.41
C SER A 5 -11.22 -19.34 -6.10
N SER A 6 -10.49 -20.04 -6.96
CA SER A 6 -9.41 -19.41 -7.69
C SER A 6 -9.52 -19.74 -9.18
N GLY A 7 -8.97 -18.87 -10.00
CA GLY A 7 -8.99 -19.07 -11.45
C GLY A 7 -7.91 -18.23 -12.13
N MET A 8 -7.60 -18.62 -13.36
CA MET A 8 -6.59 -17.92 -14.14
C MET A 8 -5.24 -17.94 -13.42
N GLU A 9 -4.19 -17.68 -14.19
CA GLU A 9 -2.85 -17.66 -13.65
C GLU A 9 -1.95 -16.72 -14.45
N LYS A 10 -2.05 -15.43 -14.12
CA LYS A 10 -1.27 -14.42 -14.81
C LYS A 10 -0.92 -13.30 -13.82
N THR A 11 0.37 -13.16 -13.57
CA THR A 11 0.85 -12.14 -12.66
C THR A 11 1.86 -11.22 -13.36
N LEU A 12 1.74 -9.93 -13.07
CA LEU A 12 2.63 -8.94 -13.65
C LEU A 12 3.29 -8.12 -12.54
N GLU A 13 4.51 -7.69 -12.82
CA GLU A 13 5.25 -6.89 -11.86
C GLU A 13 4.61 -5.52 -11.69
N THR A 14 4.80 -4.94 -10.52
CA THR A 14 4.25 -3.63 -10.22
C THR A 14 5.36 -2.57 -10.18
N VAL A 15 5.05 -1.41 -10.71
CA VAL A 15 6.01 -0.32 -10.75
C VAL A 15 5.27 1.00 -10.48
N PRO A 16 6.02 1.96 -9.89
CA PRO A 16 5.47 3.27 -9.59
C PRO A 16 5.32 4.12 -10.85
N LEU A 17 4.61 5.23 -10.71
CA LEU A 17 4.39 6.13 -11.82
C LEU A 17 4.87 7.53 -11.46
N GLU A 18 4.20 8.10 -10.45
CA GLU A 18 4.56 9.43 -9.99
C GLU A 18 4.05 9.64 -8.56
N ARG A 19 4.69 10.57 -7.87
CA ARG A 19 4.31 10.88 -6.51
C ARG A 19 3.54 12.20 -6.45
N LYS A 20 2.58 12.25 -5.52
CA LYS A 20 1.76 13.44 -5.36
C LYS A 20 2.66 14.64 -5.11
N LYS A 21 2.02 15.80 -5.00
CA LYS A 21 2.75 17.04 -4.76
C LYS A 21 3.06 17.16 -3.27
N ARG A 22 2.00 17.38 -2.49
CA ARG A 22 2.14 17.52 -1.05
C ARG A 22 2.98 16.36 -0.49
N GLU A 23 4.21 16.69 -0.12
CA GLU A 23 5.11 15.70 0.43
C GLU A 23 4.49 15.03 1.65
N LYS A 24 3.83 15.85 2.47
CA LYS A 24 3.18 15.36 3.67
C LYS A 24 2.24 14.22 3.30
N GLU A 25 1.75 14.27 2.07
CA GLU A 25 0.83 13.25 1.58
C GLU A 25 1.54 11.91 1.46
N GLN A 26 2.48 11.84 0.52
CA GLN A 26 3.24 10.63 0.30
C GLN A 26 4.00 10.24 1.56
N PHE A 27 4.45 11.26 2.28
CA PHE A 27 5.20 11.03 3.51
C PHE A 27 4.42 10.12 4.46
N ARG A 28 3.17 10.48 4.69
CA ARG A 28 2.32 9.71 5.57
C ARG A 28 1.29 8.91 4.76
N LYS A 29 1.80 8.24 3.73
CA LYS A 29 0.94 7.45 2.86
C LYS A 29 1.64 6.13 2.53
N LEU A 30 0.89 5.04 2.68
CA LEU A 30 1.42 3.73 2.39
C LEU A 30 0.54 3.03 1.35
N PHE A 31 1.14 2.06 0.67
CA PHE A 31 0.43 1.32 -0.35
C PHE A 31 0.20 -0.12 0.08
N ILE A 32 -1.03 -0.39 0.50
CA ILE A 32 -1.39 -1.73 0.94
C ILE A 32 -1.56 -2.63 -0.28
N GLY A 33 -0.99 -3.82 -0.17
CA GLY A 33 -1.06 -4.79 -1.24
C GLY A 33 -1.60 -6.14 -0.75
N GLY A 34 -2.49 -6.72 -1.53
CA GLY A 34 -3.08 -8.00 -1.17
C GLY A 34 -4.24 -7.83 -0.19
N LEU A 35 -5.35 -7.34 -0.72
CA LEU A 35 -6.53 -7.12 0.10
C LEU A 35 -7.53 -8.26 -0.14
N SER A 36 -7.15 -9.17 -1.02
CA SER A 36 -8.00 -10.30 -1.35
C SER A 36 -9.24 -9.83 -2.10
N PHE A 37 -9.30 -8.52 -2.30
CA PHE A 37 -10.43 -7.93 -3.00
C PHE A 37 -11.71 -8.02 -2.17
N GLU A 38 -11.57 -8.63 -1.00
CA GLU A 38 -12.71 -8.80 -0.11
C GLU A 38 -12.52 -7.93 1.14
N THR A 39 -11.72 -6.88 0.98
CA THR A 39 -11.45 -5.97 2.09
C THR A 39 -11.80 -4.54 1.70
N THR A 40 -12.82 -4.01 2.36
CA THR A 40 -13.27 -2.65 2.09
C THR A 40 -12.45 -1.65 2.90
N GLU A 41 -12.43 -0.41 2.42
CA GLU A 41 -11.69 0.64 3.09
C GLU A 41 -11.86 0.54 4.60
N GLU A 42 -13.11 0.36 5.00
CA GLU A 42 -13.43 0.25 6.42
C GLU A 42 -12.76 -1.00 7.01
N SER A 43 -13.25 -2.15 6.58
CA SER A 43 -12.72 -3.42 7.06
C SER A 43 -11.20 -3.34 7.16
N LEU A 44 -10.61 -2.58 6.24
CA LEU A 44 -9.17 -2.42 6.22
C LEU A 44 -8.75 -1.48 7.35
N ARG A 45 -9.31 -0.28 7.33
CA ARG A 45 -9.00 0.72 8.34
C ARG A 45 -9.12 0.10 9.73
N ASN A 46 -10.20 -0.65 9.93
CA ASN A 46 -10.45 -1.29 11.21
C ASN A 46 -9.18 -2.04 11.65
N TYR A 47 -8.39 -2.43 10.65
CA TYR A 47 -7.16 -3.14 10.92
C TYR A 47 -6.00 -2.17 11.18
N TYR A 48 -5.89 -1.19 10.30
CA TYR A 48 -4.84 -0.19 10.41
C TYR A 48 -5.31 1.01 11.24
N GLU A 49 -6.29 0.74 12.09
CA GLU A 49 -6.84 1.79 12.95
C GLU A 49 -6.23 1.69 14.35
N GLN A 50 -5.76 0.50 14.68
CA GLN A 50 -5.16 0.26 15.97
C GLN A 50 -3.76 0.86 16.03
N TRP A 51 -3.11 0.89 14.87
CA TRP A 51 -1.76 1.42 14.78
C TRP A 51 -1.87 2.95 14.75
N GLY A 52 -2.83 3.42 13.96
CA GLY A 52 -3.04 4.86 13.84
C GLY A 52 -4.33 5.15 13.05
N LYS A 53 -4.90 6.32 13.33
CA LYS A 53 -6.12 6.72 12.67
C LYS A 53 -5.80 7.19 11.25
N LEU A 54 -6.28 6.41 10.28
CA LEU A 54 -6.05 6.74 8.88
C LEU A 54 -6.93 7.92 8.49
N THR A 55 -6.28 9.02 8.13
CA THR A 55 -6.98 10.22 7.73
C THR A 55 -7.56 10.05 6.33
N ASP A 56 -6.88 9.24 5.54
CA ASP A 56 -7.31 8.99 4.17
C ASP A 56 -7.02 7.53 3.80
N CYS A 57 -8.09 6.81 3.51
CA CYS A 57 -7.97 5.41 3.15
C CYS A 57 -8.71 5.18 1.83
N VAL A 58 -7.96 4.76 0.82
CA VAL A 58 -8.52 4.51 -0.49
C VAL A 58 -8.19 3.07 -0.91
N VAL A 59 -9.17 2.44 -1.54
CA VAL A 59 -9.00 1.07 -2.00
C VAL A 59 -9.30 1.01 -3.50
N MET A 60 -8.29 0.58 -4.24
CA MET A 60 -8.42 0.46 -5.68
C MET A 60 -9.30 -0.73 -6.07
N ARG A 61 -9.96 -0.59 -7.20
CA ARG A 61 -10.85 -1.65 -7.68
C ARG A 61 -10.55 -1.96 -9.15
N ASP A 62 -10.62 -3.24 -9.48
CA ASP A 62 -10.36 -3.68 -10.84
C ASP A 62 -11.01 -2.71 -11.82
N PRO A 63 -10.27 -2.42 -12.93
CA PRO A 63 -10.78 -1.51 -13.94
C PRO A 63 -11.85 -2.18 -14.80
N ALA A 64 -11.96 -3.49 -14.62
CA ALA A 64 -12.95 -4.26 -15.37
C ALA A 64 -14.03 -4.76 -14.42
N SER A 65 -13.57 -5.37 -13.33
CA SER A 65 -14.49 -5.90 -12.33
C SER A 65 -15.11 -4.76 -11.53
N LYS A 66 -14.26 -3.82 -11.14
CA LYS A 66 -14.70 -2.67 -10.36
C LYS A 66 -15.11 -3.13 -8.96
N ARG A 67 -14.51 -4.23 -8.55
CA ARG A 67 -14.79 -4.79 -7.24
C ARG A 67 -13.49 -5.07 -6.49
N SER A 68 -12.89 -4.01 -5.97
CA SER A 68 -11.64 -4.14 -5.24
C SER A 68 -10.55 -4.71 -6.14
N ARG A 69 -9.37 -4.12 -6.03
CA ARG A 69 -8.24 -4.55 -6.83
C ARG A 69 -7.31 -5.45 -6.01
N GLY A 70 -7.40 -5.29 -4.70
CA GLY A 70 -6.58 -6.08 -3.79
C GLY A 70 -5.46 -5.23 -3.19
N PHE A 71 -5.54 -3.92 -3.44
CA PHE A 71 -4.54 -2.99 -2.94
C PHE A 71 -5.09 -1.57 -2.90
N GLY A 72 -4.60 -0.81 -1.94
CA GLY A 72 -5.04 0.57 -1.77
C GLY A 72 -3.97 1.39 -1.04
N PHE A 73 -4.41 2.52 -0.50
CA PHE A 73 -3.51 3.41 0.22
C PHE A 73 -4.08 3.76 1.60
N VAL A 74 -3.16 3.94 2.55
CA VAL A 74 -3.56 4.28 3.91
C VAL A 74 -2.71 5.46 4.39
N THR A 75 -3.41 6.53 4.75
CA THR A 75 -2.75 7.73 5.24
C THR A 75 -2.96 7.88 6.74
N PHE A 76 -1.90 7.58 7.49
CA PHE A 76 -1.97 7.69 8.94
C PHE A 76 -2.00 9.16 9.38
N SER A 77 -2.05 9.34 10.70
CA SER A 77 -2.08 10.68 11.26
C SER A 77 -0.66 11.15 11.54
N SER A 78 0.11 10.29 12.19
CA SER A 78 1.48 10.61 12.53
C SER A 78 2.43 9.64 11.84
N MET A 79 3.71 9.98 11.87
CA MET A 79 4.73 9.15 11.25
C MET A 79 5.11 7.98 12.16
N ALA A 80 4.75 8.11 13.43
CA ALA A 80 5.04 7.08 14.40
C ALA A 80 4.12 5.88 14.17
N GLU A 81 2.83 6.16 14.18
CA GLU A 81 1.83 5.12 13.97
C GLU A 81 2.16 4.33 12.70
N VAL A 82 2.20 5.05 11.59
CA VAL A 82 2.51 4.44 10.30
C VAL A 82 3.80 3.63 10.42
N ASP A 83 4.76 4.20 11.13
CA ASP A 83 6.04 3.54 11.32
C ASP A 83 5.82 2.20 12.03
N ALA A 84 4.81 2.17 12.88
CA ALA A 84 4.48 0.97 13.62
C ALA A 84 4.00 -0.11 12.64
N ALA A 85 2.97 0.23 11.90
CA ALA A 85 2.41 -0.70 10.92
C ALA A 85 3.55 -1.30 10.09
N MET A 86 4.41 -0.42 9.61
CA MET A 86 5.54 -0.86 8.79
C MET A 86 6.30 -1.98 9.48
N ALA A 87 6.43 -1.87 10.79
CA ALA A 87 7.12 -2.87 11.58
C ALA A 87 6.11 -3.67 12.41
N ALA A 88 5.06 -4.11 11.73
CA ALA A 88 4.02 -4.89 12.38
C ALA A 88 3.61 -6.05 11.47
N ARG A 89 4.60 -6.59 10.78
CA ARG A 89 4.35 -7.71 9.89
C ARG A 89 4.55 -9.04 10.63
N PRO A 90 3.95 -10.11 10.05
CA PRO A 90 3.19 -9.97 8.81
C PRO A 90 1.83 -9.30 9.07
N HIS A 91 1.05 -9.19 8.01
CA HIS A 91 -0.26 -8.59 8.11
C HIS A 91 -1.32 -9.55 7.56
N SER A 92 -2.22 -9.96 8.45
CA SER A 92 -3.28 -10.87 8.06
C SER A 92 -4.62 -10.14 8.03
N ILE A 93 -5.19 -10.07 6.83
CA ILE A 93 -6.46 -9.40 6.66
C ILE A 93 -7.35 -10.25 5.73
N ASP A 94 -8.64 -10.25 6.05
CA ASP A 94 -9.60 -11.01 5.26
C ASP A 94 -9.27 -12.50 5.36
N GLY A 95 -8.41 -12.82 6.32
CA GLY A 95 -8.01 -14.20 6.53
C GLY A 95 -6.84 -14.57 5.62
N ARG A 96 -6.33 -13.57 4.91
CA ARG A 96 -5.23 -13.77 4.00
C ARG A 96 -3.99 -13.03 4.51
N VAL A 97 -2.85 -13.34 3.89
CA VAL A 97 -1.60 -12.72 4.27
C VAL A 97 -1.31 -11.54 3.32
N VAL A 98 -1.75 -10.37 3.74
CA VAL A 98 -1.54 -9.17 2.95
C VAL A 98 -0.07 -8.75 3.03
N GLU A 99 0.23 -7.62 2.42
CA GLU A 99 1.58 -7.10 2.41
C GLU A 99 1.58 -5.59 2.14
N PRO A 100 1.91 -4.81 3.19
CA PRO A 100 1.94 -3.37 3.07
C PRO A 100 3.19 -2.91 2.30
N LYS A 101 3.05 -1.75 1.68
CA LYS A 101 4.15 -1.18 0.91
C LYS A 101 4.24 0.32 1.17
N ARG A 102 5.37 0.90 0.76
CA ARG A 102 5.58 2.32 0.95
C ARG A 102 5.10 3.10 -0.28
N ALA A 103 4.40 4.18 -0.02
CA ALA A 103 3.88 5.01 -1.08
C ALA A 103 4.77 6.24 -1.25
N VAL A 104 6.06 5.98 -1.36
CA VAL A 104 7.04 7.05 -1.51
C VAL A 104 7.90 6.78 -2.75
N ALA A 105 8.87 7.65 -2.96
CA ALA A 105 9.76 7.51 -4.10
C ALA A 105 11.05 6.83 -3.63
N ARG A 106 10.98 5.51 -3.54
CA ARG A 106 12.13 4.73 -3.11
C ARG A 106 12.62 5.20 -1.74
N GLU A 107 13.49 4.41 -1.15
CA GLU A 107 14.04 4.74 0.16
C GLU A 107 15.28 5.63 0.01
N GLU A 108 15.02 6.93 -0.01
CA GLU A 108 16.10 7.90 -0.15
C GLU A 108 15.92 9.03 0.87
N SER A 109 16.90 9.93 0.87
CA SER A 109 16.87 11.07 1.78
C SER A 109 17.10 10.59 3.21
N GLY A 110 16.09 9.91 3.76
CA GLY A 110 16.17 9.40 5.11
C GLY A 110 17.49 8.66 5.33
N SER A 111 17.67 7.60 4.56
CA SER A 111 18.88 6.79 4.66
C SER A 111 20.09 7.59 4.18
N GLY A 112 20.99 7.86 5.12
CA GLY A 112 22.19 8.62 4.80
C GLY A 112 22.26 9.88 5.65
N PRO A 113 22.43 11.03 4.94
CA PRO A 113 22.52 12.32 5.62
C PRO A 113 21.16 12.78 6.12
N SER A 114 21.16 13.88 6.86
CA SER A 114 19.94 14.43 7.40
C SER A 114 20.11 15.93 7.68
N SER A 115 19.01 16.57 8.02
CA SER A 115 19.02 17.99 8.31
C SER A 115 19.10 18.20 9.82
N GLY A 116 19.41 19.44 10.19
CA GLY A 116 19.52 19.80 11.60
C GLY A 116 19.49 21.32 11.79
N GLY A 1 16.50 -13.60 -29.81
CA GLY A 1 16.25 -12.78 -28.65
C GLY A 1 17.49 -12.68 -27.76
N SER A 2 17.34 -12.00 -26.64
CA SER A 2 18.44 -11.83 -25.70
C SER A 2 17.94 -11.13 -24.44
N SER A 3 18.78 -11.17 -23.41
CA SER A 3 18.44 -10.55 -22.14
C SER A 3 19.72 -10.31 -21.32
N GLY A 4 19.56 -9.53 -20.27
CA GLY A 4 20.67 -9.22 -19.39
C GLY A 4 20.28 -9.33 -17.92
N SER A 5 21.20 -8.96 -17.05
CA SER A 5 20.96 -9.02 -15.62
C SER A 5 22.14 -8.40 -14.87
N SER A 6 21.89 -8.10 -13.60
CA SER A 6 22.92 -7.51 -12.76
C SER A 6 22.63 -7.81 -11.29
N GLY A 7 23.62 -7.52 -10.45
CA GLY A 7 23.48 -7.75 -9.03
C GLY A 7 24.37 -6.80 -8.23
N MET A 8 24.68 -7.21 -7.00
CA MET A 8 25.52 -6.41 -6.13
C MET A 8 24.91 -5.02 -5.91
N GLU A 9 24.16 -4.91 -4.83
CA GLU A 9 23.51 -3.65 -4.49
C GLU A 9 23.65 -3.38 -2.99
N LYS A 10 23.37 -2.13 -2.62
CA LYS A 10 23.46 -1.72 -1.24
C LYS A 10 22.60 -2.65 -0.37
N THR A 11 22.55 -2.35 0.92
CA THR A 11 21.77 -3.14 1.85
C THR A 11 20.60 -2.33 2.39
N LEU A 12 20.90 -1.08 2.71
CA LEU A 12 19.88 -0.18 3.25
C LEU A 12 20.35 1.27 3.08
N GLU A 13 19.38 2.14 2.87
CA GLU A 13 19.67 3.56 2.69
C GLU A 13 18.53 4.41 3.25
N THR A 14 18.89 5.28 4.19
CA THR A 14 17.91 6.15 4.82
C THR A 14 18.45 7.58 4.89
N VAL A 15 17.53 8.53 4.76
CA VAL A 15 17.90 9.94 4.81
C VAL A 15 16.66 10.77 5.14
N PRO A 16 16.88 11.81 5.99
CA PRO A 16 15.80 12.69 6.40
C PRO A 16 15.41 13.65 5.26
N LEU A 17 14.12 13.69 4.98
CA LEU A 17 13.62 14.55 3.92
C LEU A 17 13.18 15.88 4.53
N GLU A 18 12.71 16.77 3.66
CA GLU A 18 12.26 18.07 4.10
C GLU A 18 11.07 18.54 3.26
N ARG A 19 11.33 18.69 1.97
CA ARG A 19 10.29 19.13 1.04
C ARG A 19 8.96 18.48 1.40
N LYS A 20 7.89 19.18 1.06
CA LYS A 20 6.54 18.69 1.35
C LYS A 20 5.70 18.75 0.07
N LYS A 21 5.37 17.58 -0.43
CA LYS A 21 4.57 17.48 -1.64
C LYS A 21 4.31 16.01 -1.97
N ARG A 22 5.40 15.30 -2.24
CA ARG A 22 5.30 13.89 -2.56
C ARG A 22 6.01 13.05 -1.49
N GLU A 23 7.26 13.40 -1.24
CA GLU A 23 8.04 12.69 -0.24
C GLU A 23 7.27 12.58 1.07
N LYS A 24 6.68 13.70 1.46
CA LYS A 24 5.90 13.75 2.70
C LYS A 24 4.61 12.96 2.51
N GLU A 25 4.18 12.87 1.25
CA GLU A 25 2.96 12.16 0.93
C GLU A 25 3.15 10.66 1.13
N GLN A 26 4.04 10.09 0.33
CA GLN A 26 4.33 8.67 0.41
C GLN A 26 4.83 8.31 1.82
N PHE A 27 5.56 9.25 2.40
CA PHE A 27 6.10 9.04 3.74
C PHE A 27 5.02 8.54 4.70
N ARG A 28 3.88 9.20 4.66
CA ARG A 28 2.76 8.84 5.52
C ARG A 28 1.77 7.97 4.75
N LYS A 29 1.81 8.10 3.43
CA LYS A 29 0.92 7.33 2.58
C LYS A 29 1.55 5.97 2.27
N LEU A 30 0.90 4.93 2.76
CA LEU A 30 1.38 3.57 2.56
C LEU A 30 0.45 2.85 1.59
N PHE A 31 1.06 2.11 0.68
CA PHE A 31 0.30 1.36 -0.31
C PHE A 31 0.11 -0.10 0.14
N ILE A 32 -1.13 -0.42 0.46
CA ILE A 32 -1.46 -1.77 0.90
C ILE A 32 -1.63 -2.67 -0.32
N GLY A 33 -0.96 -3.81 -0.27
CA GLY A 33 -1.02 -4.78 -1.37
C GLY A 33 -1.58 -6.12 -0.89
N GLY A 34 -2.53 -6.64 -1.65
CA GLY A 34 -3.15 -7.91 -1.32
C GLY A 34 -4.26 -7.73 -0.28
N LEU A 35 -5.38 -7.20 -0.75
CA LEU A 35 -6.51 -6.97 0.12
C LEU A 35 -7.52 -8.12 -0.04
N SER A 36 -7.15 -9.06 -0.90
CA SER A 36 -8.01 -10.21 -1.14
C SER A 36 -9.23 -9.79 -1.97
N PHE A 37 -9.30 -8.49 -2.22
CA PHE A 37 -10.41 -7.94 -2.98
C PHE A 37 -11.71 -7.98 -2.17
N GLU A 38 -11.60 -8.51 -0.96
CA GLU A 38 -12.76 -8.61 -0.09
C GLU A 38 -12.54 -7.76 1.17
N THR A 39 -11.65 -6.79 1.04
CA THR A 39 -11.34 -5.89 2.15
C THR A 39 -11.67 -4.44 1.78
N THR A 40 -12.75 -3.95 2.37
CA THR A 40 -13.18 -2.59 2.11
C THR A 40 -12.45 -1.60 3.03
N GLU A 41 -12.71 -0.32 2.81
CA GLU A 41 -12.08 0.71 3.62
C GLU A 41 -12.27 0.42 5.10
N GLU A 42 -13.52 0.36 5.52
CA GLU A 42 -13.85 0.09 6.91
C GLU A 42 -13.03 -1.10 7.41
N SER A 43 -13.00 -2.15 6.59
CA SER A 43 -12.27 -3.36 6.95
C SER A 43 -10.77 -3.05 7.05
N LEU A 44 -10.24 -2.47 5.98
CA LEU A 44 -8.84 -2.12 5.93
C LEU A 44 -8.51 -1.19 7.10
N ARG A 45 -9.43 -0.28 7.37
CA ARG A 45 -9.26 0.68 8.44
C ARG A 45 -9.33 -0.03 9.80
N ASN A 46 -10.43 -0.75 10.00
CA ASN A 46 -10.64 -1.48 11.24
C ASN A 46 -9.36 -2.22 11.60
N TYR A 47 -8.58 -2.52 10.57
CA TYR A 47 -7.32 -3.24 10.78
C TYR A 47 -6.17 -2.27 11.04
N TYR A 48 -6.06 -1.28 10.16
CA TYR A 48 -5.01 -0.28 10.27
C TYR A 48 -5.48 0.90 11.15
N GLU A 49 -6.44 0.61 12.01
CA GLU A 49 -6.98 1.62 12.90
C GLU A 49 -6.35 1.49 14.29
N GLN A 50 -5.89 0.28 14.59
CA GLN A 50 -5.26 0.02 15.87
C GLN A 50 -3.86 0.63 15.92
N TRP A 51 -3.24 0.69 14.75
CA TRP A 51 -1.90 1.23 14.63
C TRP A 51 -2.02 2.76 14.59
N GLY A 52 -3.07 3.22 13.94
CA GLY A 52 -3.31 4.65 13.82
C GLY A 52 -4.57 4.92 12.99
N LYS A 53 -5.06 6.16 13.11
CA LYS A 53 -6.26 6.56 12.39
C LYS A 53 -5.86 7.03 10.99
N LEU A 54 -6.29 6.26 10.00
CA LEU A 54 -5.99 6.58 8.62
C LEU A 54 -6.78 7.83 8.21
N THR A 55 -6.05 8.89 7.96
CA THR A 55 -6.66 10.15 7.56
C THR A 55 -7.15 10.07 6.11
N ASP A 56 -6.69 9.03 5.42
CA ASP A 56 -7.07 8.83 4.03
C ASP A 56 -6.84 7.36 3.66
N CYS A 57 -7.93 6.69 3.35
CA CYS A 57 -7.88 5.29 2.98
C CYS A 57 -8.62 5.11 1.65
N VAL A 58 -7.88 4.65 0.65
CA VAL A 58 -8.44 4.42 -0.67
C VAL A 58 -8.12 3.01 -1.14
N VAL A 59 -9.15 2.31 -1.57
CA VAL A 59 -8.99 0.95 -2.05
C VAL A 59 -9.35 0.88 -3.54
N MET A 60 -8.35 0.58 -4.35
CA MET A 60 -8.56 0.48 -5.78
C MET A 60 -9.42 -0.74 -6.13
N ARG A 61 -10.25 -0.55 -7.15
CA ARG A 61 -11.13 -1.62 -7.60
C ARG A 61 -10.93 -1.88 -9.09
N ASP A 62 -10.96 -3.17 -9.43
CA ASP A 62 -10.78 -3.57 -10.82
C ASP A 62 -11.54 -2.60 -11.73
N PRO A 63 -10.94 -2.35 -12.93
CA PRO A 63 -11.55 -1.44 -13.89
C PRO A 63 -12.75 -2.10 -14.58
N ALA A 64 -12.69 -3.42 -14.66
CA ALA A 64 -13.76 -4.17 -15.29
C ALA A 64 -14.47 -5.03 -14.24
N SER A 65 -13.68 -5.74 -13.45
CA SER A 65 -14.21 -6.59 -12.41
C SER A 65 -14.87 -5.73 -11.33
N LYS A 66 -14.44 -4.48 -11.26
CA LYS A 66 -14.99 -3.55 -10.29
C LYS A 66 -15.30 -4.31 -8.99
N ARG A 67 -14.47 -5.31 -8.71
CA ARG A 67 -14.64 -6.11 -7.51
C ARG A 67 -13.39 -6.03 -6.63
N SER A 68 -12.90 -4.81 -6.45
CA SER A 68 -11.71 -4.60 -5.64
C SER A 68 -10.48 -5.11 -6.37
N ARG A 69 -9.45 -4.28 -6.40
CA ARG A 69 -8.21 -4.63 -7.06
C ARG A 69 -7.36 -5.53 -6.15
N GLY A 70 -7.36 -5.18 -4.86
CA GLY A 70 -6.61 -5.94 -3.89
C GLY A 70 -5.47 -5.09 -3.29
N PHE A 71 -5.56 -3.79 -3.55
CA PHE A 71 -4.56 -2.87 -3.06
C PHE A 71 -5.12 -1.45 -2.96
N GLY A 72 -4.59 -0.70 -1.99
CA GLY A 72 -5.03 0.67 -1.77
C GLY A 72 -3.95 1.49 -1.08
N PHE A 73 -4.38 2.57 -0.45
CA PHE A 73 -3.46 3.45 0.26
C PHE A 73 -4.01 3.81 1.64
N VAL A 74 -3.09 3.94 2.59
CA VAL A 74 -3.46 4.29 3.95
C VAL A 74 -2.55 5.40 4.46
N THR A 75 -3.15 6.56 4.71
CA THR A 75 -2.40 7.70 5.20
C THR A 75 -2.68 7.92 6.68
N PHE A 76 -1.70 7.56 7.50
CA PHE A 76 -1.83 7.72 8.93
C PHE A 76 -1.82 9.20 9.33
N SER A 77 -2.14 9.45 10.59
CA SER A 77 -2.17 10.80 11.11
C SER A 77 -0.76 11.24 11.52
N SER A 78 -0.05 10.32 12.16
CA SER A 78 1.30 10.60 12.60
C SER A 78 2.29 9.66 11.90
N MET A 79 3.55 10.07 11.92
CA MET A 79 4.59 9.28 11.29
C MET A 79 4.96 8.08 12.15
N ALA A 80 4.67 8.20 13.44
CA ALA A 80 4.97 7.12 14.38
C ALA A 80 4.09 5.91 14.05
N GLU A 81 2.79 6.13 14.16
CA GLU A 81 1.83 5.07 13.89
C GLU A 81 2.23 4.30 12.63
N VAL A 82 2.27 5.03 11.52
CA VAL A 82 2.64 4.43 10.25
C VAL A 82 3.90 3.60 10.42
N ASP A 83 4.81 4.11 11.25
CA ASP A 83 6.06 3.43 11.52
C ASP A 83 5.77 2.08 12.18
N ALA A 84 4.74 2.08 13.01
CA ALA A 84 4.35 0.87 13.72
C ALA A 84 3.97 -0.21 12.70
N ALA A 85 3.03 0.14 11.83
CA ALA A 85 2.57 -0.77 10.80
C ALA A 85 3.77 -1.29 10.01
N MET A 86 4.68 -0.37 9.71
CA MET A 86 5.87 -0.72 8.95
C MET A 86 6.65 -1.84 9.65
N ALA A 87 6.61 -1.81 10.97
CA ALA A 87 7.31 -2.81 11.76
C ALA A 87 6.29 -3.61 12.57
N ALA A 88 5.26 -4.08 11.88
CA ALA A 88 4.22 -4.86 12.52
C ALA A 88 3.82 -6.02 11.61
N ARG A 89 4.79 -6.48 10.83
CA ARG A 89 4.55 -7.58 9.91
C ARG A 89 4.76 -8.92 10.62
N PRO A 90 4.20 -9.99 10.01
CA PRO A 90 3.45 -9.84 8.78
C PRO A 90 2.07 -9.21 9.04
N HIS A 91 1.34 -9.02 7.96
CA HIS A 91 0.01 -8.43 8.06
C HIS A 91 -1.03 -9.40 7.47
N SER A 92 -2.06 -9.66 8.25
CA SER A 92 -3.12 -10.56 7.83
C SER A 92 -4.47 -9.84 7.87
N ILE A 93 -5.11 -9.77 6.72
CA ILE A 93 -6.41 -9.12 6.62
C ILE A 93 -7.34 -9.96 5.75
N ASP A 94 -8.61 -9.89 6.06
CA ASP A 94 -9.62 -10.65 5.32
C ASP A 94 -9.34 -12.14 5.49
N GLY A 95 -8.51 -12.45 6.46
CA GLY A 95 -8.16 -13.84 6.73
C GLY A 95 -7.04 -14.31 5.80
N ARG A 96 -6.44 -13.35 5.12
CA ARG A 96 -5.35 -13.66 4.20
C ARG A 96 -4.09 -12.90 4.60
N VAL A 97 -2.98 -13.29 3.98
CA VAL A 97 -1.70 -12.66 4.26
C VAL A 97 -1.45 -11.55 3.25
N VAL A 98 -1.60 -10.32 3.71
CA VAL A 98 -1.39 -9.15 2.86
C VAL A 98 0.07 -8.69 2.98
N GLU A 99 0.34 -7.55 2.38
CA GLU A 99 1.68 -6.99 2.41
C GLU A 99 1.63 -5.49 2.14
N PRO A 100 1.91 -4.69 3.22
CA PRO A 100 1.90 -3.25 3.11
C PRO A 100 3.15 -2.74 2.37
N LYS A 101 3.03 -1.55 1.81
CA LYS A 101 4.12 -0.95 1.08
C LYS A 101 4.25 0.52 1.47
N ARG A 102 5.47 1.03 1.35
CA ARG A 102 5.73 2.42 1.70
C ARG A 102 4.94 3.35 0.78
N ALA A 103 4.81 2.92 -0.47
CA ALA A 103 4.08 3.71 -1.46
C ALA A 103 5.02 4.77 -2.05
N VAL A 104 6.26 4.38 -2.25
CA VAL A 104 7.25 5.28 -2.80
C VAL A 104 7.57 4.86 -4.25
N ALA A 105 7.79 3.57 -4.42
CA ALA A 105 8.11 3.04 -5.74
C ALA A 105 8.55 1.58 -5.59
N ARG A 106 7.63 0.68 -5.93
CA ARG A 106 7.90 -0.74 -5.85
C ARG A 106 8.54 -1.09 -4.50
N GLU A 107 9.01 -2.31 -4.39
CA GLU A 107 9.65 -2.78 -3.17
C GLU A 107 11.15 -2.50 -3.20
N GLU A 108 11.57 -1.59 -2.34
CA GLU A 108 12.97 -1.23 -2.27
C GLU A 108 13.47 -0.75 -3.64
N SER A 109 13.52 0.56 -3.80
CA SER A 109 13.97 1.14 -5.05
C SER A 109 15.49 1.06 -5.15
N GLY A 110 16.15 1.73 -4.21
CA GLY A 110 17.61 1.74 -4.18
C GLY A 110 18.17 2.43 -5.43
N SER A 111 18.69 3.63 -5.20
CA SER A 111 19.27 4.42 -6.29
C SER A 111 20.04 5.61 -5.72
N GLY A 112 21.30 5.36 -5.40
CA GLY A 112 22.15 6.40 -4.84
C GLY A 112 22.18 7.62 -5.76
N PRO A 113 21.75 8.78 -5.19
CA PRO A 113 21.72 10.02 -5.94
C PRO A 113 23.13 10.59 -6.11
N SER A 114 23.21 11.66 -6.89
CA SER A 114 24.49 12.31 -7.14
C SER A 114 24.54 13.66 -6.43
N SER A 115 25.63 13.88 -5.71
CA SER A 115 25.82 15.12 -4.98
C SER A 115 27.30 15.32 -4.67
N GLY A 116 27.75 16.55 -4.88
CA GLY A 116 29.14 16.90 -4.63
C GLY A 116 29.84 17.33 -5.92
N GLY A 1 23.50 -44.76 -0.63
CA GLY A 1 22.77 -43.51 -0.60
C GLY A 1 23.72 -42.32 -0.50
N SER A 2 23.75 -41.72 0.69
CA SER A 2 24.61 -40.57 0.92
C SER A 2 24.14 -39.37 0.09
N SER A 3 23.81 -38.30 0.79
CA SER A 3 23.34 -37.09 0.13
C SER A 3 23.24 -35.95 1.14
N GLY A 4 23.15 -34.74 0.61
CA GLY A 4 23.05 -33.55 1.45
C GLY A 4 22.92 -32.28 0.61
N SER A 5 24.06 -31.63 0.41
CA SER A 5 24.09 -30.40 -0.37
C SER A 5 23.18 -29.35 0.26
N SER A 6 23.44 -28.10 -0.08
CA SER A 6 22.66 -26.99 0.45
C SER A 6 23.16 -25.67 -0.13
N GLY A 7 22.39 -24.63 0.12
CA GLY A 7 22.74 -23.30 -0.37
C GLY A 7 21.50 -22.43 -0.54
N MET A 8 21.67 -21.15 -0.24
CA MET A 8 20.58 -20.20 -0.35
C MET A 8 21.09 -18.76 -0.30
N GLU A 9 20.35 -17.89 -0.96
CA GLU A 9 20.71 -16.48 -1.01
C GLU A 9 19.67 -15.68 -1.79
N LYS A 10 19.24 -14.58 -1.18
CA LYS A 10 18.25 -13.72 -1.81
C LYS A 10 18.22 -12.37 -1.07
N THR A 11 17.37 -11.49 -1.57
CA THR A 11 17.22 -10.17 -0.98
C THR A 11 18.58 -9.46 -0.91
N LEU A 12 18.73 -8.46 -1.77
CA LEU A 12 19.96 -7.70 -1.82
C LEU A 12 19.86 -6.66 -2.93
N GLU A 13 19.54 -5.44 -2.53
CA GLU A 13 19.40 -4.34 -3.47
C GLU A 13 19.34 -3.01 -2.73
N THR A 14 19.42 -1.93 -3.50
CA THR A 14 19.37 -0.60 -2.93
C THR A 14 19.13 0.45 -4.02
N VAL A 15 18.57 1.57 -3.62
CA VAL A 15 18.28 2.64 -4.55
C VAL A 15 17.59 3.78 -3.81
N PRO A 16 18.08 5.03 -4.06
CA PRO A 16 17.52 6.20 -3.43
C PRO A 16 16.18 6.58 -4.05
N LEU A 17 15.43 7.38 -3.31
CA LEU A 17 14.13 7.82 -3.78
C LEU A 17 14.16 9.33 -4.05
N GLU A 18 13.08 9.82 -4.65
CA GLU A 18 12.98 11.23 -4.97
C GLU A 18 11.69 11.82 -4.39
N ARG A 19 11.64 13.14 -4.36
CA ARG A 19 10.48 13.83 -3.83
C ARG A 19 9.50 14.15 -4.95
N LYS A 20 8.33 14.65 -4.56
CA LYS A 20 7.30 15.01 -5.53
C LYS A 20 6.29 15.94 -4.86
N LYS A 21 5.24 16.26 -5.62
CA LYS A 21 4.20 17.13 -5.12
C LYS A 21 3.68 16.60 -3.78
N ARG A 22 3.22 17.52 -2.95
CA ARG A 22 2.69 17.16 -1.65
C ARG A 22 3.59 16.12 -0.98
N GLU A 23 4.60 16.62 -0.30
CA GLU A 23 5.55 15.74 0.38
C GLU A 23 4.93 15.20 1.68
N LYS A 24 4.13 16.06 2.31
CA LYS A 24 3.49 15.68 3.56
C LYS A 24 2.51 14.53 3.28
N GLU A 25 2.00 14.50 2.07
CA GLU A 25 1.06 13.46 1.67
C GLU A 25 1.78 12.12 1.54
N GLN A 26 2.65 12.05 0.55
CA GLN A 26 3.41 10.84 0.30
C GLN A 26 4.12 10.39 1.59
N PHE A 27 4.55 11.37 2.36
CA PHE A 27 5.24 11.09 3.61
C PHE A 27 4.44 10.12 4.47
N ARG A 28 3.18 10.45 4.67
CA ARG A 28 2.30 9.62 5.48
C ARG A 28 1.29 8.90 4.58
N LYS A 29 1.82 8.25 3.55
CA LYS A 29 0.97 7.52 2.62
C LYS A 29 1.64 6.19 2.27
N LEU A 30 0.95 5.11 2.62
CA LEU A 30 1.47 3.78 2.36
C LEU A 30 0.58 3.10 1.31
N PHE A 31 1.12 2.04 0.72
CA PHE A 31 0.40 1.29 -0.29
C PHE A 31 0.17 -0.16 0.15
N ILE A 32 -1.04 -0.42 0.61
CA ILE A 32 -1.39 -1.76 1.05
C ILE A 32 -1.59 -2.66 -0.16
N GLY A 33 -0.97 -3.83 -0.10
CA GLY A 33 -1.07 -4.80 -1.17
C GLY A 33 -1.32 -6.20 -0.63
N GLY A 34 -2.51 -6.72 -0.93
CA GLY A 34 -2.87 -8.04 -0.47
C GLY A 34 -4.21 -8.03 0.28
N LEU A 35 -5.12 -7.20 -0.23
CA LEU A 35 -6.43 -7.07 0.38
C LEU A 35 -7.34 -8.19 -0.12
N SER A 36 -6.73 -9.11 -0.86
CA SER A 36 -7.46 -10.24 -1.41
C SER A 36 -8.44 -9.75 -2.48
N PHE A 37 -9.41 -8.96 -2.04
CA PHE A 37 -10.41 -8.43 -2.93
C PHE A 37 -11.62 -7.88 -2.16
N GLU A 38 -11.82 -8.46 -0.99
CA GLU A 38 -12.93 -8.03 -0.14
C GLU A 38 -12.51 -6.86 0.74
N THR A 39 -11.41 -7.06 1.45
CA THR A 39 -10.90 -6.04 2.34
C THR A 39 -11.07 -4.65 1.71
N THR A 40 -12.13 -3.97 2.15
CA THR A 40 -12.41 -2.64 1.64
C THR A 40 -11.61 -1.58 2.41
N GLU A 41 -12.10 -0.35 2.34
CA GLU A 41 -11.44 0.74 3.02
C GLU A 41 -11.55 0.57 4.54
N GLU A 42 -12.77 0.35 4.99
CA GLU A 42 -13.03 0.16 6.42
C GLU A 42 -12.31 -1.09 6.92
N SER A 43 -12.73 -2.22 6.38
CA SER A 43 -12.14 -3.50 6.77
C SER A 43 -10.63 -3.34 6.97
N LEU A 44 -10.02 -2.61 6.05
CA LEU A 44 -8.59 -2.37 6.11
C LEU A 44 -8.28 -1.45 7.28
N ARG A 45 -8.97 -0.31 7.29
CA ARG A 45 -8.78 0.67 8.35
C ARG A 45 -8.96 0.02 9.72
N ASN A 46 -10.08 -0.67 9.86
CA ASN A 46 -10.39 -1.35 11.11
C ASN A 46 -9.13 -2.03 11.64
N TYR A 47 -8.26 -2.40 10.72
CA TYR A 47 -7.02 -3.07 11.07
C TYR A 47 -5.88 -2.06 11.21
N TYR A 48 -5.82 -1.14 10.24
CA TYR A 48 -4.79 -0.12 10.24
C TYR A 48 -5.22 1.09 11.07
N GLU A 49 -6.16 0.85 11.95
CA GLU A 49 -6.67 1.91 12.80
C GLU A 49 -6.03 1.84 14.19
N GLN A 50 -5.94 0.62 14.71
CA GLN A 50 -5.35 0.39 16.01
C GLN A 50 -3.99 1.10 16.11
N TRP A 51 -3.20 0.93 15.06
CA TRP A 51 -1.88 1.55 15.01
C TRP A 51 -2.07 3.07 14.99
N GLY A 52 -2.99 3.50 14.15
CA GLY A 52 -3.27 4.93 14.02
C GLY A 52 -4.47 5.17 13.11
N LYS A 53 -5.14 6.29 13.34
CA LYS A 53 -6.30 6.65 12.55
C LYS A 53 -5.84 7.19 11.19
N LEU A 54 -6.27 6.51 10.14
CA LEU A 54 -5.91 6.93 8.79
C LEU A 54 -6.77 8.11 8.37
N THR A 55 -6.12 9.25 8.22
CA THR A 55 -6.82 10.47 7.83
C THR A 55 -7.62 10.24 6.55
N ASP A 56 -7.14 9.28 5.76
CA ASP A 56 -7.81 8.94 4.51
C ASP A 56 -7.37 7.56 4.06
N CYS A 57 -8.34 6.75 3.66
CA CYS A 57 -8.06 5.40 3.21
C CYS A 57 -8.73 5.21 1.84
N VAL A 58 -7.91 4.86 0.86
CA VAL A 58 -8.39 4.65 -0.49
C VAL A 58 -8.11 3.20 -0.91
N VAL A 59 -9.10 2.60 -1.55
CA VAL A 59 -8.97 1.22 -2.00
C VAL A 59 -9.25 1.16 -3.51
N MET A 60 -8.21 0.83 -4.26
CA MET A 60 -8.33 0.73 -5.70
C MET A 60 -9.30 -0.39 -6.10
N ARG A 61 -9.99 -0.16 -7.20
CA ARG A 61 -10.94 -1.15 -7.69
C ARG A 61 -10.71 -1.42 -9.18
N ASP A 62 -10.70 -2.69 -9.53
CA ASP A 62 -10.49 -3.09 -10.91
C ASP A 62 -11.38 -2.25 -11.83
N PRO A 63 -10.74 -1.72 -12.91
CA PRO A 63 -11.46 -0.90 -13.86
C PRO A 63 -12.36 -1.76 -14.76
N ALA A 64 -12.18 -3.07 -14.64
CA ALA A 64 -12.97 -4.00 -15.43
C ALA A 64 -13.96 -4.72 -14.51
N SER A 65 -13.44 -5.21 -13.40
CA SER A 65 -14.27 -5.92 -12.44
C SER A 65 -15.06 -4.92 -11.59
N LYS A 66 -14.35 -3.89 -11.15
CA LYS A 66 -14.96 -2.86 -10.33
C LYS A 66 -15.32 -3.45 -8.97
N ARG A 67 -14.55 -4.45 -8.57
CA ARG A 67 -14.77 -5.11 -7.29
C ARG A 67 -13.47 -5.13 -6.47
N SER A 68 -12.94 -3.93 -6.25
CA SER A 68 -11.71 -3.80 -5.48
C SER A 68 -10.56 -4.48 -6.22
N ARG A 69 -9.46 -3.76 -6.32
CA ARG A 69 -8.28 -4.27 -7.01
C ARG A 69 -7.49 -5.20 -6.07
N GLY A 70 -7.77 -5.05 -4.78
CA GLY A 70 -7.11 -5.87 -3.77
C GLY A 70 -5.94 -5.09 -3.14
N PHE A 71 -5.94 -3.79 -3.37
CA PHE A 71 -4.91 -2.94 -2.82
C PHE A 71 -5.35 -1.48 -2.81
N GLY A 72 -4.75 -0.72 -1.89
CA GLY A 72 -5.08 0.69 -1.75
C GLY A 72 -3.98 1.43 -0.97
N PHE A 73 -4.36 2.59 -0.46
CA PHE A 73 -3.43 3.40 0.30
C PHE A 73 -4.02 3.79 1.66
N VAL A 74 -3.13 3.94 2.64
CA VAL A 74 -3.55 4.30 3.97
C VAL A 74 -2.74 5.50 4.46
N THR A 75 -3.43 6.59 4.72
CA THR A 75 -2.79 7.81 5.18
C THR A 75 -2.98 7.98 6.69
N PHE A 76 -1.95 7.61 7.43
CA PHE A 76 -1.99 7.71 8.88
C PHE A 76 -1.99 9.18 9.33
N SER A 77 -2.26 9.38 10.61
CA SER A 77 -2.29 10.71 11.17
C SER A 77 -0.87 11.20 11.45
N SER A 78 -0.14 10.37 12.18
CA SER A 78 1.24 10.70 12.52
C SER A 78 2.21 9.74 11.82
N MET A 79 3.49 10.05 11.94
CA MET A 79 4.51 9.23 11.32
C MET A 79 4.85 8.03 12.20
N ALA A 80 4.54 8.16 13.47
CA ALA A 80 4.81 7.10 14.42
C ALA A 80 3.92 5.89 14.09
N GLU A 81 2.62 6.10 14.21
CA GLU A 81 1.66 5.04 13.93
C GLU A 81 2.07 4.28 12.67
N VAL A 82 2.10 5.00 11.56
CA VAL A 82 2.47 4.41 10.29
C VAL A 82 3.78 3.61 10.46
N ASP A 83 4.75 4.26 11.09
CA ASP A 83 6.03 3.63 11.32
C ASP A 83 5.82 2.28 12.01
N ALA A 84 4.78 2.23 12.83
CA ALA A 84 4.45 1.02 13.56
C ALA A 84 3.91 -0.03 12.59
N ALA A 85 2.95 0.40 11.79
CA ALA A 85 2.34 -0.49 10.82
C ALA A 85 3.44 -1.10 9.93
N MET A 86 4.31 -0.22 9.44
CA MET A 86 5.40 -0.65 8.59
C MET A 86 6.14 -1.85 9.20
N ALA A 87 6.32 -1.78 10.51
CA ALA A 87 7.01 -2.85 11.22
C ALA A 87 5.99 -3.60 12.09
N ALA A 88 4.89 -3.99 11.46
CA ALA A 88 3.85 -4.71 12.16
C ALA A 88 3.44 -5.93 11.33
N ARG A 89 4.39 -6.46 10.59
CA ARG A 89 4.15 -7.62 9.76
C ARG A 89 4.43 -8.90 10.54
N PRO A 90 3.87 -10.03 10.02
CA PRO A 90 3.07 -9.97 8.81
C PRO A 90 1.69 -9.37 9.08
N HIS A 91 0.92 -9.23 8.02
CA HIS A 91 -0.42 -8.67 8.13
C HIS A 91 -1.44 -9.65 7.55
N SER A 92 -2.50 -9.87 8.31
CA SER A 92 -3.55 -10.78 7.88
C SER A 92 -4.90 -10.04 7.81
N ILE A 93 -5.42 -9.97 6.60
CA ILE A 93 -6.69 -9.29 6.38
C ILE A 93 -7.61 -10.19 5.56
N ASP A 94 -8.90 -10.09 5.85
CA ASP A 94 -9.89 -10.90 5.15
C ASP A 94 -9.58 -12.38 5.36
N GLY A 95 -8.74 -12.64 6.34
CA GLY A 95 -8.35 -14.01 6.66
C GLY A 95 -7.28 -14.50 5.69
N ARG A 96 -6.55 -13.56 5.12
CA ARG A 96 -5.50 -13.89 4.17
C ARG A 96 -4.22 -13.12 4.51
N VAL A 97 -3.11 -13.63 4.00
CA VAL A 97 -1.82 -13.01 4.24
C VAL A 97 -1.61 -11.88 3.23
N VAL A 98 -1.69 -10.66 3.72
CA VAL A 98 -1.51 -9.49 2.87
C VAL A 98 -0.04 -9.05 2.92
N GLU A 99 0.21 -7.87 2.38
CA GLU A 99 1.56 -7.33 2.36
C GLU A 99 1.51 -5.81 2.21
N PRO A 100 1.89 -5.12 3.32
CA PRO A 100 1.89 -3.67 3.34
C PRO A 100 3.10 -3.12 2.56
N LYS A 101 2.85 -2.04 1.84
CA LYS A 101 3.89 -1.41 1.05
C LYS A 101 3.85 0.10 1.27
N ARG A 102 4.79 0.79 0.64
CA ARG A 102 4.88 2.24 0.75
C ARG A 102 4.29 2.90 -0.49
N ALA A 103 4.01 4.18 -0.36
CA ALA A 103 3.45 4.95 -1.46
C ALA A 103 4.38 6.13 -1.78
N VAL A 104 5.62 5.80 -2.07
CA VAL A 104 6.61 6.82 -2.40
C VAL A 104 7.28 6.46 -3.72
N ALA A 105 7.88 7.48 -4.33
CA ALA A 105 8.55 7.29 -5.61
C ALA A 105 7.54 6.84 -6.66
N ARG A 106 7.25 7.75 -7.58
CA ARG A 106 6.31 7.47 -8.65
C ARG A 106 6.78 8.10 -9.96
N GLU A 107 6.34 7.50 -11.06
CA GLU A 107 6.71 7.98 -12.38
C GLU A 107 5.47 8.36 -13.18
N GLU A 108 5.67 9.24 -14.14
CA GLU A 108 4.57 9.69 -14.98
C GLU A 108 5.09 10.63 -16.07
N SER A 109 4.43 10.58 -17.22
CA SER A 109 4.81 11.42 -18.34
C SER A 109 3.64 11.56 -19.31
N GLY A 110 3.81 12.46 -20.27
CA GLY A 110 2.78 12.71 -21.26
C GLY A 110 2.94 14.08 -21.90
N SER A 111 3.56 14.09 -23.06
CA SER A 111 3.78 15.33 -23.79
C SER A 111 3.79 15.07 -25.30
N GLY A 112 3.39 16.08 -26.05
CA GLY A 112 3.35 15.97 -27.49
C GLY A 112 2.44 17.04 -28.10
N PRO A 113 2.99 18.29 -28.17
CA PRO A 113 2.25 19.41 -28.73
C PRO A 113 2.17 19.31 -30.25
N SER A 114 1.47 20.28 -30.84
CA SER A 114 1.32 20.31 -32.29
C SER A 114 0.51 21.54 -32.69
N SER A 115 0.71 21.95 -33.93
CA SER A 115 0.00 23.11 -34.45
C SER A 115 -0.50 22.83 -35.87
N GLY A 116 0.45 22.52 -36.75
CA GLY A 116 0.13 22.23 -38.13
C GLY A 116 -0.29 20.76 -38.30
N GLY A 1 17.56 -35.95 -1.26
CA GLY A 1 18.16 -34.66 -0.94
C GLY A 1 17.10 -33.56 -0.91
N SER A 2 17.39 -32.49 -1.65
CA SER A 2 16.48 -31.37 -1.72
C SER A 2 16.73 -30.56 -3.00
N SER A 3 15.74 -29.75 -3.35
CA SER A 3 15.84 -28.93 -4.55
C SER A 3 14.96 -27.69 -4.40
N GLY A 4 15.37 -26.63 -5.08
CA GLY A 4 14.62 -25.38 -5.04
C GLY A 4 15.42 -24.25 -5.71
N SER A 5 16.01 -23.42 -4.87
CA SER A 5 16.80 -22.30 -5.38
C SER A 5 15.91 -21.36 -6.20
N SER A 6 15.71 -20.17 -5.66
CA SER A 6 14.89 -19.17 -6.33
C SER A 6 15.36 -17.76 -5.95
N GLY A 7 15.22 -16.86 -6.90
CA GLY A 7 15.62 -15.48 -6.68
C GLY A 7 15.62 -14.68 -8.00
N MET A 8 15.93 -13.41 -7.88
CA MET A 8 15.97 -12.53 -9.04
C MET A 8 16.99 -11.42 -8.86
N GLU A 9 16.83 -10.67 -7.76
CA GLU A 9 17.73 -9.57 -7.46
C GLU A 9 17.64 -8.50 -8.54
N LYS A 10 17.00 -7.40 -8.19
CA LYS A 10 16.83 -6.29 -9.12
C LYS A 10 17.28 -5.00 -8.45
N THR A 11 18.05 -4.21 -9.19
CA THR A 11 18.55 -2.95 -8.68
C THR A 11 18.37 -1.85 -9.72
N LEU A 12 17.85 -0.72 -9.27
CA LEU A 12 17.62 0.42 -10.14
C LEU A 12 18.06 1.70 -9.44
N GLU A 13 18.03 2.79 -10.19
CA GLU A 13 18.42 4.08 -9.65
C GLU A 13 17.24 4.72 -8.91
N THR A 14 17.56 5.29 -7.75
CA THR A 14 16.54 5.95 -6.95
C THR A 14 16.51 7.45 -7.24
N VAL A 15 15.40 7.88 -7.85
CA VAL A 15 15.23 9.28 -8.19
C VAL A 15 13.79 9.70 -7.88
N PRO A 16 13.63 11.02 -7.61
CA PRO A 16 12.32 11.57 -7.30
C PRO A 16 11.46 11.68 -8.56
N LEU A 17 12.06 12.23 -9.60
CA LEU A 17 11.35 12.41 -10.86
C LEU A 17 10.32 13.52 -10.72
N GLU A 18 9.29 13.23 -9.92
CA GLU A 18 8.23 14.18 -9.70
C GLU A 18 8.81 15.54 -9.32
N ARG A 19 8.24 16.58 -9.90
CA ARG A 19 8.69 17.94 -9.63
C ARG A 19 8.00 18.49 -8.38
N LYS A 20 8.31 17.88 -7.25
CA LYS A 20 7.73 18.31 -5.99
C LYS A 20 6.20 18.25 -6.09
N LYS A 21 5.67 17.05 -5.96
CA LYS A 21 4.23 16.84 -6.04
C LYS A 21 3.79 15.88 -4.92
N ARG A 22 2.97 16.41 -4.03
CA ARG A 22 2.47 15.61 -2.92
C ARG A 22 3.59 14.77 -2.33
N GLU A 23 4.43 15.42 -1.53
CA GLU A 23 5.54 14.74 -0.89
C GLU A 23 5.14 14.24 0.49
N LYS A 24 4.63 15.17 1.30
CA LYS A 24 4.20 14.83 2.65
C LYS A 24 3.13 13.74 2.58
N GLU A 25 2.34 13.79 1.52
CA GLU A 25 1.28 12.83 1.33
C GLU A 25 1.86 11.43 1.09
N GLN A 26 2.69 11.35 0.06
CA GLN A 26 3.32 10.09 -0.28
C GLN A 26 4.27 9.64 0.82
N PHE A 27 4.51 10.57 1.75
CA PHE A 27 5.40 10.29 2.86
C PHE A 27 4.68 9.53 3.98
N ARG A 28 3.45 9.94 4.22
CA ARG A 28 2.64 9.31 5.25
C ARG A 28 1.63 8.35 4.61
N LYS A 29 1.56 8.39 3.29
CA LYS A 29 0.65 7.54 2.56
C LYS A 29 1.33 6.18 2.29
N LEU A 30 0.76 5.14 2.90
CA LEU A 30 1.30 3.81 2.73
C LEU A 30 0.46 3.04 1.71
N PHE A 31 1.15 2.26 0.90
CA PHE A 31 0.48 1.47 -0.12
C PHE A 31 0.31 0.02 0.32
N ILE A 32 -0.94 -0.33 0.62
CA ILE A 32 -1.25 -1.69 1.06
C ILE A 32 -1.51 -2.57 -0.16
N GLY A 33 -0.82 -3.71 -0.17
CA GLY A 33 -0.96 -4.65 -1.28
C GLY A 33 -1.29 -6.04 -0.75
N GLY A 34 -2.35 -6.62 -1.32
CA GLY A 34 -2.78 -7.95 -0.93
C GLY A 34 -4.00 -7.87 0.00
N LEU A 35 -5.11 -7.46 -0.57
CA LEU A 35 -6.35 -7.34 0.19
C LEU A 35 -7.30 -8.46 -0.22
N SER A 36 -6.83 -9.29 -1.14
CA SER A 36 -7.63 -10.40 -1.64
C SER A 36 -8.88 -9.87 -2.34
N PHE A 37 -8.89 -8.56 -2.57
CA PHE A 37 -10.01 -7.92 -3.24
C PHE A 37 -11.21 -7.81 -2.29
N GLU A 38 -11.04 -8.35 -1.09
CA GLU A 38 -12.09 -8.31 -0.10
C GLU A 38 -11.91 -7.10 0.83
N THR A 39 -10.89 -7.18 1.65
CA THR A 39 -10.60 -6.10 2.59
C THR A 39 -10.89 -4.74 1.96
N THR A 40 -12.06 -4.22 2.28
CA THR A 40 -12.47 -2.92 1.75
C THR A 40 -11.77 -1.79 2.50
N GLU A 41 -12.28 -0.58 2.28
CA GLU A 41 -11.72 0.59 2.93
C GLU A 41 -11.85 0.47 4.45
N GLU A 42 -13.07 0.25 4.90
CA GLU A 42 -13.34 0.12 6.32
C GLU A 42 -12.54 -1.05 6.90
N SER A 43 -12.86 -2.25 6.41
CA SER A 43 -12.18 -3.45 6.88
C SER A 43 -10.68 -3.16 7.06
N LEU A 44 -10.10 -2.57 6.04
CA LEU A 44 -8.68 -2.24 6.07
C LEU A 44 -8.42 -1.29 7.25
N ARG A 45 -9.29 -0.30 7.38
CA ARG A 45 -9.15 0.68 8.45
C ARG A 45 -9.29 -0.01 9.80
N ASN A 46 -10.42 -0.66 10.00
CA ASN A 46 -10.69 -1.36 11.24
C ASN A 46 -9.43 -2.10 11.68
N TYR A 47 -8.63 -2.48 10.70
CA TYR A 47 -7.40 -3.19 10.97
C TYR A 47 -6.22 -2.22 11.14
N TYR A 48 -6.13 -1.29 10.21
CA TYR A 48 -5.07 -0.30 10.24
C TYR A 48 -5.47 0.91 11.07
N GLU A 49 -6.41 0.68 11.98
CA GLU A 49 -6.90 1.74 12.85
C GLU A 49 -6.23 1.65 14.23
N GLN A 50 -5.63 0.49 14.48
CA GLN A 50 -4.96 0.26 15.74
C GLN A 50 -3.67 1.08 15.82
N TRP A 51 -2.78 0.79 14.89
CA TRP A 51 -1.50 1.49 14.83
C TRP A 51 -1.79 3.00 14.90
N GLY A 52 -2.76 3.41 14.11
CA GLY A 52 -3.14 4.81 14.06
C GLY A 52 -4.44 5.01 13.28
N LYS A 53 -4.96 6.22 13.35
CA LYS A 53 -6.19 6.55 12.64
C LYS A 53 -5.84 7.02 11.23
N LEU A 54 -6.38 6.31 10.25
CA LEU A 54 -6.14 6.64 8.85
C LEU A 54 -7.02 7.84 8.46
N THR A 55 -6.35 8.93 8.13
CA THR A 55 -7.04 10.15 7.75
C THR A 55 -7.62 9.99 6.33
N ASP A 56 -7.09 9.03 5.60
CA ASP A 56 -7.54 8.77 4.25
C ASP A 56 -7.25 7.31 3.88
N CYS A 57 -8.31 6.58 3.59
CA CYS A 57 -8.18 5.18 3.22
C CYS A 57 -8.87 4.97 1.87
N VAL A 58 -8.07 4.58 0.90
CA VAL A 58 -8.59 4.34 -0.43
C VAL A 58 -8.19 2.94 -0.90
N VAL A 59 -9.11 2.28 -1.57
CA VAL A 59 -8.86 0.93 -2.08
C VAL A 59 -9.08 0.91 -3.59
N MET A 60 -7.99 0.70 -4.32
CA MET A 60 -8.06 0.65 -5.77
C MET A 60 -8.89 -0.55 -6.23
N ARG A 61 -9.47 -0.39 -7.41
CA ARG A 61 -10.30 -1.45 -7.99
C ARG A 61 -10.05 -1.56 -9.48
N ASP A 62 -10.38 -2.72 -10.03
CA ASP A 62 -10.21 -2.97 -11.45
C ASP A 62 -11.15 -2.07 -12.24
N PRO A 63 -10.56 -1.33 -13.23
CA PRO A 63 -11.34 -0.44 -14.06
C PRO A 63 -12.16 -1.21 -15.09
N ALA A 64 -11.72 -2.44 -15.34
CA ALA A 64 -12.40 -3.30 -16.30
C ALA A 64 -13.38 -4.20 -15.56
N SER A 65 -12.91 -4.74 -14.44
CA SER A 65 -13.74 -5.63 -13.63
C SER A 65 -14.74 -4.81 -12.82
N LYS A 66 -14.23 -3.73 -12.23
CA LYS A 66 -15.07 -2.87 -11.41
C LYS A 66 -15.33 -3.53 -10.06
N ARG A 67 -14.35 -4.29 -9.61
CA ARG A 67 -14.46 -4.98 -8.34
C ARG A 67 -13.43 -4.43 -7.34
N SER A 68 -12.24 -5.01 -7.39
CA SER A 68 -11.17 -4.59 -6.50
C SER A 68 -9.81 -5.01 -7.08
N ARG A 69 -8.80 -4.21 -6.78
CA ARG A 69 -7.46 -4.48 -7.26
C ARG A 69 -6.69 -5.33 -6.25
N GLY A 70 -7.08 -5.18 -4.98
CA GLY A 70 -6.43 -5.91 -3.91
C GLY A 70 -5.36 -5.07 -3.24
N PHE A 71 -5.42 -3.78 -3.49
CA PHE A 71 -4.47 -2.85 -2.90
C PHE A 71 -5.04 -1.44 -2.84
N GLY A 72 -4.53 -0.67 -1.89
CA GLY A 72 -4.97 0.70 -1.72
C GLY A 72 -3.96 1.52 -0.92
N PHE A 73 -4.41 2.67 -0.43
CA PHE A 73 -3.54 3.54 0.35
C PHE A 73 -4.17 3.84 1.72
N VAL A 74 -3.30 4.16 2.67
CA VAL A 74 -3.75 4.47 4.01
C VAL A 74 -2.87 5.57 4.60
N THR A 75 -3.46 6.76 4.72
CA THR A 75 -2.73 7.89 5.26
C THR A 75 -3.00 8.04 6.75
N PHE A 76 -2.00 7.69 7.54
CA PHE A 76 -2.11 7.77 8.98
C PHE A 76 -2.07 9.22 9.46
N SER A 77 -2.34 9.41 10.74
CA SER A 77 -2.34 10.73 11.33
C SER A 77 -0.91 11.16 11.68
N SER A 78 -0.11 10.17 12.08
CA SER A 78 1.27 10.43 12.42
C SER A 78 2.20 9.51 11.63
N MET A 79 3.50 9.76 11.75
CA MET A 79 4.48 8.97 11.06
C MET A 79 4.90 7.76 11.90
N ALA A 80 4.80 7.92 13.21
CA ALA A 80 5.16 6.85 14.13
C ALA A 80 4.26 5.65 13.87
N GLU A 81 2.97 5.85 14.13
CA GLU A 81 1.99 4.79 13.93
C GLU A 81 2.25 4.06 12.62
N VAL A 82 2.16 4.80 11.53
CA VAL A 82 2.39 4.23 10.21
C VAL A 82 3.73 3.48 10.21
N ASP A 83 4.74 4.14 10.74
CA ASP A 83 6.06 3.55 10.81
C ASP A 83 5.99 2.20 11.55
N ALA A 84 4.99 2.11 12.42
CA ALA A 84 4.79 0.91 13.20
C ALA A 84 4.27 -0.20 12.29
N ALA A 85 3.11 0.04 11.70
CA ALA A 85 2.51 -0.92 10.80
C ALA A 85 3.57 -1.51 9.88
N MET A 86 4.40 -0.62 9.35
CA MET A 86 5.48 -1.03 8.46
C MET A 86 6.29 -2.17 9.08
N ALA A 87 6.72 -1.94 10.32
CA ALA A 87 7.52 -2.93 11.02
C ALA A 87 6.59 -3.76 11.92
N ALA A 88 5.52 -4.26 11.33
CA ALA A 88 4.56 -5.06 12.07
C ALA A 88 4.08 -6.21 11.18
N ARG A 89 5.03 -6.79 10.45
CA ARG A 89 4.70 -7.90 9.56
C ARG A 89 4.88 -9.23 10.29
N PRO A 90 4.17 -10.27 9.76
CA PRO A 90 3.32 -10.08 8.59
C PRO A 90 2.03 -9.33 8.97
N HIS A 91 1.14 -9.24 7.99
CA HIS A 91 -0.13 -8.55 8.21
C HIS A 91 -1.28 -9.46 7.75
N SER A 92 -2.06 -9.89 8.73
CA SER A 92 -3.19 -10.76 8.45
C SER A 92 -4.50 -9.98 8.60
N ILE A 93 -5.26 -9.96 7.51
CA ILE A 93 -6.54 -9.25 7.50
C ILE A 93 -7.61 -10.15 6.89
N ASP A 94 -8.68 -10.35 7.65
CA ASP A 94 -9.78 -11.18 7.18
C ASP A 94 -9.27 -12.60 6.93
N GLY A 95 -8.09 -12.88 7.48
CA GLY A 95 -7.48 -14.19 7.32
C GLY A 95 -6.61 -14.24 6.06
N ARG A 96 -6.29 -13.06 5.55
CA ARG A 96 -5.47 -12.96 4.37
C ARG A 96 -4.08 -12.42 4.72
N VAL A 97 -3.07 -12.98 4.06
CA VAL A 97 -1.70 -12.57 4.30
C VAL A 97 -1.39 -11.34 3.44
N VAL A 98 -1.90 -10.21 3.89
CA VAL A 98 -1.68 -8.96 3.17
C VAL A 98 -0.24 -8.51 3.38
N GLU A 99 0.21 -7.64 2.47
CA GLU A 99 1.56 -7.11 2.54
C GLU A 99 1.56 -5.59 2.36
N PRO A 100 1.84 -4.89 3.49
CA PRO A 100 1.87 -3.43 3.47
C PRO A 100 3.14 -2.92 2.79
N LYS A 101 3.02 -1.75 2.17
CA LYS A 101 4.14 -1.14 1.49
C LYS A 101 4.21 0.34 1.85
N ARG A 102 5.44 0.85 1.92
CA ARG A 102 5.66 2.24 2.25
C ARG A 102 5.12 3.14 1.13
N ALA A 103 4.75 2.51 0.03
CA ALA A 103 4.22 3.22 -1.11
C ALA A 103 5.39 3.74 -1.96
N VAL A 104 6.23 4.55 -1.34
CA VAL A 104 7.38 5.11 -2.03
C VAL A 104 8.30 3.98 -2.47
N ALA A 105 9.36 3.79 -1.69
CA ALA A 105 10.32 2.74 -2.00
C ALA A 105 10.76 2.87 -3.46
N ARG A 106 11.60 1.93 -3.87
CA ARG A 106 12.11 1.93 -5.24
C ARG A 106 10.94 2.04 -6.23
N GLU A 107 11.25 2.60 -7.38
CA GLU A 107 10.25 2.78 -8.43
C GLU A 107 9.61 1.43 -8.77
N GLU A 108 8.36 1.51 -9.21
CA GLU A 108 7.63 0.30 -9.57
C GLU A 108 6.75 0.57 -10.80
N SER A 109 6.92 -0.28 -11.80
CA SER A 109 6.15 -0.15 -13.03
C SER A 109 6.47 1.19 -13.70
N GLY A 110 5.80 2.23 -13.23
CA GLY A 110 6.01 3.56 -13.77
C GLY A 110 4.77 4.45 -13.55
N SER A 111 4.67 5.49 -14.35
CA SER A 111 3.55 6.41 -14.25
C SER A 111 3.33 7.11 -15.59
N GLY A 112 2.51 8.15 -15.54
CA GLY A 112 2.20 8.91 -16.74
C GLY A 112 2.46 10.40 -16.54
N PRO A 113 3.63 10.86 -17.05
CA PRO A 113 4.01 12.26 -16.93
C PRO A 113 3.20 13.14 -17.89
N SER A 114 2.78 14.29 -17.38
CA SER A 114 2.00 15.22 -18.16
C SER A 114 2.64 16.61 -18.13
N SER A 115 3.43 16.88 -19.17
CA SER A 115 4.11 18.16 -19.26
C SER A 115 3.28 19.13 -20.10
N GLY A 116 3.34 20.39 -19.72
CA GLY A 116 2.60 21.43 -20.43
C GLY A 116 3.54 22.28 -21.29
N GLY A 1 9.12 -21.57 -12.73
CA GLY A 1 9.34 -20.18 -13.12
C GLY A 1 10.01 -19.39 -11.98
N SER A 2 9.24 -19.20 -10.91
CA SER A 2 9.73 -18.48 -9.76
C SER A 2 10.16 -17.06 -10.17
N SER A 3 9.41 -16.09 -9.67
CA SER A 3 9.70 -14.70 -9.98
C SER A 3 8.72 -13.79 -9.23
N GLY A 4 9.30 -12.86 -8.47
CA GLY A 4 8.49 -11.92 -7.71
C GLY A 4 8.81 -12.02 -6.21
N SER A 5 8.61 -13.22 -5.67
CA SER A 5 8.87 -13.45 -4.27
C SER A 5 10.32 -13.10 -3.93
N SER A 6 11.23 -13.77 -4.63
CA SER A 6 12.65 -13.53 -4.42
C SER A 6 12.93 -12.02 -4.40
N GLY A 7 13.92 -11.65 -3.60
CA GLY A 7 14.31 -10.26 -3.48
C GLY A 7 15.82 -10.11 -3.37
N MET A 8 16.24 -8.99 -2.81
CA MET A 8 17.66 -8.71 -2.65
C MET A 8 18.37 -8.69 -4.00
N GLU A 9 19.53 -8.06 -4.01
CA GLU A 9 20.32 -7.97 -5.23
C GLU A 9 21.67 -7.32 -4.93
N LYS A 10 21.61 -6.09 -4.42
CA LYS A 10 22.82 -5.35 -4.10
C LYS A 10 22.85 -5.09 -2.59
N THR A 11 24.07 -5.00 -2.07
CA THR A 11 24.26 -4.75 -0.65
C THR A 11 24.26 -3.25 -0.37
N LEU A 12 23.24 -2.58 -0.90
CA LEU A 12 23.10 -1.15 -0.70
C LEU A 12 21.66 -0.74 -1.00
N GLU A 13 20.84 -0.78 0.03
CA GLU A 13 19.45 -0.41 -0.10
C GLU A 13 19.28 1.11 0.03
N THR A 14 19.96 1.83 -0.84
CA THR A 14 19.91 3.28 -0.84
C THR A 14 19.64 3.80 -2.26
N VAL A 15 18.36 3.89 -2.59
CA VAL A 15 17.96 4.38 -3.89
C VAL A 15 18.25 5.88 -3.99
N PRO A 16 18.42 6.35 -5.25
CA PRO A 16 18.70 7.76 -5.49
C PRO A 16 17.44 8.60 -5.31
N LEU A 17 17.66 9.90 -5.09
CA LEU A 17 16.55 10.82 -4.91
C LEU A 17 16.68 11.96 -5.91
N GLU A 18 15.60 12.18 -6.65
CA GLU A 18 15.59 13.25 -7.65
C GLU A 18 14.14 13.53 -8.08
N ARG A 19 13.42 14.23 -7.22
CA ARG A 19 12.04 14.57 -7.51
C ARG A 19 11.45 15.42 -6.36
N LYS A 20 10.29 15.99 -6.64
CA LYS A 20 9.62 16.81 -5.65
C LYS A 20 8.11 16.78 -5.90
N LYS A 21 7.54 15.59 -5.76
CA LYS A 21 6.12 15.41 -5.97
C LYS A 21 5.51 14.67 -4.76
N ARG A 22 4.66 15.38 -4.04
CA ARG A 22 4.02 14.81 -2.88
C ARG A 22 5.00 13.92 -2.11
N GLU A 23 5.79 14.58 -1.26
CA GLU A 23 6.78 13.87 -0.46
C GLU A 23 6.19 13.51 0.91
N LYS A 24 5.76 14.55 1.63
CA LYS A 24 5.19 14.36 2.94
C LYS A 24 3.95 13.47 2.83
N GLU A 25 3.39 13.44 1.63
CA GLU A 25 2.20 12.64 1.38
C GLU A 25 2.58 11.16 1.23
N GLN A 26 3.34 10.87 0.19
CA GLN A 26 3.78 9.52 -0.07
C GLN A 26 4.54 8.96 1.14
N PHE A 27 5.00 9.88 1.98
CA PHE A 27 5.75 9.50 3.16
C PHE A 27 4.83 8.85 4.20
N ARG A 28 3.66 9.45 4.38
CA ARG A 28 2.69 8.94 5.33
C ARG A 28 1.66 8.07 4.62
N LYS A 29 1.70 8.12 3.30
CA LYS A 29 0.77 7.34 2.49
C LYS A 29 1.42 6.00 2.11
N LEU A 30 0.84 4.94 2.64
CA LEU A 30 1.35 3.61 2.36
C LEU A 30 0.43 2.90 1.36
N PHE A 31 0.94 1.81 0.81
CA PHE A 31 0.18 1.04 -0.16
C PHE A 31 -0.04 -0.40 0.32
N ILE A 32 -1.29 -0.69 0.64
CA ILE A 32 -1.66 -2.01 1.12
C ILE A 32 -1.85 -2.94 -0.09
N GLY A 33 -1.14 -4.06 -0.05
CA GLY A 33 -1.22 -5.03 -1.12
C GLY A 33 -1.50 -6.44 -0.58
N GLY A 34 -2.63 -6.98 -0.98
CA GLY A 34 -3.03 -8.31 -0.53
C GLY A 34 -4.37 -8.27 0.19
N LEU A 35 -5.23 -7.37 -0.26
CA LEU A 35 -6.55 -7.22 0.32
C LEU A 35 -7.46 -8.35 -0.17
N SER A 36 -6.88 -9.18 -1.02
CA SER A 36 -7.62 -10.32 -1.57
C SER A 36 -8.87 -9.81 -2.30
N PHE A 37 -8.88 -8.52 -2.57
CA PHE A 37 -10.00 -7.90 -3.26
C PHE A 37 -11.20 -7.75 -2.31
N GLU A 38 -11.02 -8.25 -1.10
CA GLU A 38 -12.08 -8.17 -0.10
C GLU A 38 -11.87 -6.96 0.81
N THR A 39 -10.81 -7.04 1.61
CA THR A 39 -10.48 -5.96 2.53
C THR A 39 -10.78 -4.60 1.89
N THR A 40 -11.95 -4.08 2.21
CA THR A 40 -12.36 -2.79 1.67
C THR A 40 -11.67 -1.65 2.43
N GLU A 41 -12.17 -0.45 2.20
CA GLU A 41 -11.62 0.73 2.85
C GLU A 41 -11.72 0.59 4.37
N GLU A 42 -12.94 0.33 4.84
CA GLU A 42 -13.17 0.17 6.26
C GLU A 42 -12.40 -1.04 6.79
N SER A 43 -12.79 -2.21 6.30
CA SER A 43 -12.15 -3.44 6.72
C SER A 43 -10.64 -3.22 6.89
N LEU A 44 -10.05 -2.58 5.89
CA LEU A 44 -8.63 -2.31 5.92
C LEU A 44 -8.31 -1.42 7.12
N ARG A 45 -9.04 -0.31 7.22
CA ARG A 45 -8.84 0.62 8.31
C ARG A 45 -9.05 -0.09 9.65
N ASN A 46 -10.15 -0.81 9.74
CA ASN A 46 -10.47 -1.54 10.96
C ASN A 46 -9.22 -2.25 11.46
N TYR A 47 -8.34 -2.59 10.53
CA TYR A 47 -7.11 -3.28 10.87
C TYR A 47 -5.96 -2.29 11.04
N TYR A 48 -5.89 -1.34 10.11
CA TYR A 48 -4.84 -0.33 10.15
C TYR A 48 -5.28 0.86 11.02
N GLU A 49 -6.22 0.59 11.90
CA GLU A 49 -6.73 1.63 12.79
C GLU A 49 -6.07 1.51 14.17
N GLN A 50 -5.76 0.28 14.54
CA GLN A 50 -5.13 0.01 15.82
C GLN A 50 -3.74 0.65 15.87
N TRP A 51 -3.12 0.71 14.70
CA TRP A 51 -1.79 1.29 14.61
C TRP A 51 -1.94 2.82 14.58
N GLY A 52 -2.91 3.28 13.83
CA GLY A 52 -3.17 4.70 13.72
C GLY A 52 -4.43 4.96 12.89
N LYS A 53 -4.97 6.17 13.05
CA LYS A 53 -6.16 6.56 12.33
C LYS A 53 -5.77 7.05 10.92
N LEU A 54 -6.23 6.32 9.93
CA LEU A 54 -5.94 6.67 8.54
C LEU A 54 -6.81 7.85 8.12
N THR A 55 -6.20 9.03 8.10
CA THR A 55 -6.92 10.24 7.72
C THR A 55 -7.36 10.14 6.25
N ASP A 56 -6.80 9.17 5.56
CA ASP A 56 -7.13 8.97 4.15
C ASP A 56 -6.92 7.50 3.79
N CYS A 57 -8.03 6.82 3.53
CA CYS A 57 -7.97 5.42 3.16
C CYS A 57 -8.73 5.22 1.85
N VAL A 58 -8.00 4.73 0.86
CA VAL A 58 -8.59 4.50 -0.45
C VAL A 58 -8.29 3.07 -0.89
N VAL A 59 -9.26 2.48 -1.58
CA VAL A 59 -9.11 1.12 -2.06
C VAL A 59 -9.35 1.08 -3.57
N MET A 60 -8.27 0.80 -4.31
CA MET A 60 -8.35 0.74 -5.75
C MET A 60 -9.23 -0.43 -6.21
N ARG A 61 -9.85 -0.25 -7.36
CA ARG A 61 -10.72 -1.28 -7.91
C ARG A 61 -10.53 -1.37 -9.43
N ASP A 62 -10.29 -2.58 -9.90
CA ASP A 62 -10.09 -2.82 -11.32
C ASP A 62 -11.08 -1.97 -12.11
N PRO A 63 -10.52 -1.08 -12.97
CA PRO A 63 -11.34 -0.21 -13.79
C PRO A 63 -11.98 -0.98 -14.95
N ALA A 64 -11.39 -2.14 -15.24
CA ALA A 64 -11.88 -2.99 -16.31
C ALA A 64 -12.85 -4.02 -15.74
N SER A 65 -12.42 -4.64 -14.65
CA SER A 65 -13.23 -5.66 -14.00
C SER A 65 -14.30 -4.99 -13.12
N LYS A 66 -13.85 -4.04 -12.32
CA LYS A 66 -14.75 -3.32 -11.44
C LYS A 66 -15.09 -4.20 -10.24
N ARG A 67 -14.13 -5.04 -9.86
CA ARG A 67 -14.32 -5.94 -8.74
C ARG A 67 -13.15 -5.83 -7.77
N SER A 68 -12.84 -4.59 -7.40
CA SER A 68 -11.74 -4.33 -6.48
C SER A 68 -10.43 -4.84 -7.07
N ARG A 69 -9.36 -4.12 -6.77
CA ARG A 69 -8.05 -4.50 -7.25
C ARG A 69 -7.33 -5.38 -6.23
N GLY A 70 -7.68 -5.17 -4.97
CA GLY A 70 -7.07 -5.93 -3.89
C GLY A 70 -5.94 -5.15 -3.23
N PHE A 71 -5.98 -3.85 -3.40
CA PHE A 71 -4.96 -2.98 -2.83
C PHE A 71 -5.45 -1.53 -2.76
N GLY A 72 -4.92 -0.81 -1.79
CA GLY A 72 -5.29 0.58 -1.60
C GLY A 72 -4.18 1.36 -0.89
N PHE A 73 -4.56 2.49 -0.32
CA PHE A 73 -3.61 3.33 0.38
C PHE A 73 -4.14 3.74 1.76
N VAL A 74 -3.21 3.90 2.69
CA VAL A 74 -3.58 4.27 4.05
C VAL A 74 -2.71 5.46 4.49
N THR A 75 -3.39 6.54 4.83
CA THR A 75 -2.69 7.75 5.27
C THR A 75 -2.87 7.95 6.77
N PHE A 76 -1.85 7.52 7.51
CA PHE A 76 -1.89 7.64 8.96
C PHE A 76 -1.88 9.11 9.39
N SER A 77 -2.16 9.32 10.67
CA SER A 77 -2.18 10.67 11.22
C SER A 77 -0.76 11.11 11.57
N SER A 78 -0.06 10.23 12.25
CA SER A 78 1.31 10.51 12.67
C SER A 78 2.28 9.57 11.96
N MET A 79 3.55 9.93 11.99
CA MET A 79 4.59 9.13 11.37
C MET A 79 4.93 7.91 12.22
N ALA A 80 4.67 8.04 13.51
CA ALA A 80 4.94 6.96 14.45
C ALA A 80 4.05 5.76 14.11
N GLU A 81 2.76 5.96 14.29
CA GLU A 81 1.79 4.91 14.00
C GLU A 81 2.17 4.17 12.72
N VAL A 82 2.18 4.90 11.62
CA VAL A 82 2.52 4.33 10.34
C VAL A 82 3.82 3.52 10.48
N ASP A 83 4.83 4.18 11.05
CA ASP A 83 6.11 3.53 11.24
C ASP A 83 5.91 2.19 11.96
N ALA A 84 4.84 2.13 12.73
CA ALA A 84 4.52 0.92 13.46
C ALA A 84 4.10 -0.17 12.47
N ALA A 85 2.98 0.06 11.81
CA ALA A 85 2.46 -0.90 10.84
C ALA A 85 3.61 -1.38 9.95
N MET A 86 4.43 -0.43 9.55
CA MET A 86 5.57 -0.74 8.69
C MET A 86 6.41 -1.87 9.28
N ALA A 87 6.66 -1.76 10.58
CA ALA A 87 7.45 -2.76 11.28
C ALA A 87 6.53 -3.62 12.14
N ALA A 88 5.48 -4.12 11.51
CA ALA A 88 4.51 -4.96 12.21
C ALA A 88 4.04 -6.07 11.28
N ARG A 89 4.93 -6.47 10.38
CA ARG A 89 4.61 -7.52 9.43
C ARG A 89 4.86 -8.89 10.05
N PRO A 90 4.21 -9.92 9.45
CA PRO A 90 3.34 -9.70 8.30
C PRO A 90 2.02 -9.06 8.73
N HIS A 91 1.16 -8.84 7.76
CA HIS A 91 -0.15 -8.25 8.02
C HIS A 91 -1.25 -9.23 7.62
N SER A 92 -2.05 -9.61 8.61
CA SER A 92 -3.14 -10.53 8.39
C SER A 92 -4.47 -9.80 8.50
N ILE A 93 -5.21 -9.79 7.41
CA ILE A 93 -6.50 -9.14 7.37
C ILE A 93 -7.51 -10.01 6.62
N ASP A 94 -8.68 -10.15 7.21
CA ASP A 94 -9.73 -10.96 6.61
C ASP A 94 -9.20 -12.38 6.38
N GLY A 95 -8.22 -12.76 7.20
CA GLY A 95 -7.63 -14.08 7.10
C GLY A 95 -6.70 -14.18 5.88
N ARG A 96 -6.23 -13.02 5.44
CA ARG A 96 -5.35 -12.96 4.29
C ARG A 96 -3.98 -12.41 4.70
N VAL A 97 -2.95 -12.94 4.05
CA VAL A 97 -1.60 -12.51 4.34
C VAL A 97 -1.26 -11.28 3.48
N VAL A 98 -1.83 -10.15 3.87
CA VAL A 98 -1.60 -8.91 3.16
C VAL A 98 -0.18 -8.42 3.43
N GLU A 99 0.23 -7.43 2.65
CA GLU A 99 1.56 -6.86 2.79
C GLU A 99 1.56 -5.39 2.37
N PRO A 100 1.81 -4.50 3.37
CA PRO A 100 1.84 -3.07 3.12
C PRO A 100 3.12 -2.68 2.40
N LYS A 101 3.10 -1.49 1.82
CA LYS A 101 4.26 -0.98 1.10
C LYS A 101 4.41 0.51 1.40
N ARG A 102 5.64 0.99 1.25
CA ARG A 102 5.94 2.39 1.49
C ARG A 102 5.07 3.28 0.59
N ALA A 103 4.83 2.80 -0.62
CA ALA A 103 4.03 3.54 -1.57
C ALA A 103 4.83 4.74 -2.09
N VAL A 104 6.03 4.44 -2.57
CA VAL A 104 6.89 5.49 -3.09
C VAL A 104 7.18 5.22 -4.57
N ALA A 105 7.82 6.18 -5.21
CA ALA A 105 8.15 6.06 -6.62
C ALA A 105 9.42 5.22 -6.76
N ARG A 106 9.22 3.91 -6.75
CA ARG A 106 10.33 2.98 -6.89
C ARG A 106 10.05 1.97 -8.00
N GLU A 107 11.08 1.68 -8.78
CA GLU A 107 10.96 0.73 -9.87
C GLU A 107 9.74 1.07 -10.72
N GLU A 108 9.94 1.99 -11.65
CA GLU A 108 8.87 2.42 -12.53
C GLU A 108 9.40 2.64 -13.94
N SER A 109 8.48 2.80 -14.88
CA SER A 109 8.85 3.03 -16.27
C SER A 109 7.94 4.11 -16.87
N GLY A 110 8.56 5.26 -17.15
CA GLY A 110 7.82 6.37 -17.73
C GLY A 110 8.77 7.29 -18.51
N SER A 111 8.49 7.40 -19.80
CA SER A 111 9.29 8.23 -20.68
C SER A 111 9.09 9.70 -20.32
N GLY A 112 7.85 10.14 -20.41
CA GLY A 112 7.51 11.52 -20.10
C GLY A 112 8.22 12.48 -21.05
N PRO A 113 8.02 13.81 -20.80
CA PRO A 113 8.62 14.83 -21.63
C PRO A 113 10.12 14.97 -21.31
N SER A 114 10.88 15.30 -22.36
CA SER A 114 12.31 15.46 -22.22
C SER A 114 12.76 16.76 -22.89
N SER A 115 13.77 17.37 -22.30
CA SER A 115 14.30 18.62 -22.83
C SER A 115 15.83 18.57 -22.86
N GLY A 116 16.40 19.45 -23.67
CA GLY A 116 17.84 19.51 -23.80
C GLY A 116 18.28 20.86 -24.40
N GLY A 1 -16.60 -42.73 6.53
CA GLY A 1 -16.04 -41.39 6.62
C GLY A 1 -16.45 -40.53 5.44
N SER A 2 -15.74 -39.43 5.26
CA SER A 2 -16.03 -38.51 4.17
C SER A 2 -14.95 -37.43 4.09
N SER A 3 -14.83 -36.85 2.91
CA SER A 3 -13.84 -35.81 2.68
C SER A 3 -14.12 -35.11 1.34
N GLY A 4 -13.46 -33.97 1.17
CA GLY A 4 -13.62 -33.19 -0.05
C GLY A 4 -12.26 -32.92 -0.71
N SER A 5 -12.15 -31.71 -1.25
CA SER A 5 -10.91 -31.31 -1.90
C SER A 5 -11.05 -29.88 -2.44
N SER A 6 -9.91 -29.26 -2.67
CA SER A 6 -9.89 -27.89 -3.16
C SER A 6 -8.97 -27.80 -4.39
N GLY A 7 -9.06 -26.67 -5.07
CA GLY A 7 -8.25 -26.45 -6.27
C GLY A 7 -7.96 -24.96 -6.45
N MET A 8 -6.68 -24.65 -6.47
CA MET A 8 -6.24 -23.26 -6.64
C MET A 8 -4.72 -23.17 -6.79
N GLU A 9 -4.28 -22.07 -7.37
CA GLU A 9 -2.86 -21.85 -7.57
C GLU A 9 -2.62 -20.52 -8.28
N LYS A 10 -3.45 -20.26 -9.28
CA LYS A 10 -3.34 -19.02 -10.04
C LYS A 10 -1.99 -18.98 -10.76
N THR A 11 -2.01 -18.45 -11.97
CA THR A 11 -0.80 -18.35 -12.77
C THR A 11 -0.78 -17.02 -13.54
N LEU A 12 -0.73 -15.95 -12.77
CA LEU A 12 -0.70 -14.62 -13.35
C LEU A 12 -0.08 -13.63 -12.35
N GLU A 13 0.90 -12.89 -12.83
CA GLU A 13 1.58 -11.91 -11.99
C GLU A 13 1.38 -10.50 -12.55
N THR A 14 1.94 -10.28 -13.73
CA THR A 14 1.84 -8.98 -14.38
C THR A 14 2.46 -7.89 -13.50
N VAL A 15 3.65 -7.47 -13.89
CA VAL A 15 4.36 -6.44 -13.15
C VAL A 15 3.37 -5.33 -12.78
N PRO A 16 3.57 -4.78 -11.56
CA PRO A 16 2.72 -3.70 -11.07
C PRO A 16 3.05 -2.38 -11.75
N LEU A 17 2.13 -1.43 -11.60
CA LEU A 17 2.32 -0.12 -12.20
C LEU A 17 1.82 0.95 -11.23
N GLU A 18 2.30 2.16 -11.45
CA GLU A 18 1.92 3.28 -10.61
C GLU A 18 2.01 4.59 -11.39
N ARG A 19 1.45 5.64 -10.78
CA ARG A 19 1.46 6.95 -11.42
C ARG A 19 0.77 7.97 -10.51
N LYS A 20 1.54 8.56 -9.62
CA LYS A 20 1.02 9.55 -8.70
C LYS A 20 1.91 10.80 -8.73
N LYS A 21 1.44 11.85 -8.07
CA LYS A 21 2.18 13.09 -8.02
C LYS A 21 2.33 13.52 -6.56
N ARG A 22 1.19 13.64 -5.89
CA ARG A 22 1.18 14.04 -4.49
C ARG A 22 2.34 13.38 -3.74
N GLU A 23 3.36 14.19 -3.47
CA GLU A 23 4.53 13.70 -2.76
C GLU A 23 4.40 13.99 -1.27
N LYS A 24 3.36 14.72 -0.93
CA LYS A 24 3.11 15.08 0.46
C LYS A 24 2.39 13.92 1.16
N GLU A 25 1.73 13.10 0.34
CA GLU A 25 1.00 11.96 0.87
C GLU A 25 1.93 10.77 1.04
N GLN A 26 2.59 10.41 -0.05
CA GLN A 26 3.53 9.29 -0.04
C GLN A 26 4.30 9.26 1.28
N PHE A 27 4.49 10.45 1.85
CA PHE A 27 5.21 10.58 3.10
C PHE A 27 4.63 9.64 4.17
N ARG A 28 3.33 9.77 4.36
CA ARG A 28 2.64 8.95 5.35
C ARG A 28 1.63 8.04 4.66
N LYS A 29 1.63 8.09 3.33
CA LYS A 29 0.72 7.27 2.55
C LYS A 29 1.36 5.92 2.26
N LEU A 30 0.77 4.89 2.84
CA LEU A 30 1.28 3.53 2.66
C LEU A 30 0.37 2.79 1.68
N PHE A 31 1.01 2.00 0.82
CA PHE A 31 0.27 1.23 -0.17
C PHE A 31 0.08 -0.21 0.29
N ILE A 32 -1.18 -0.55 0.57
CA ILE A 32 -1.51 -1.89 1.01
C ILE A 32 -1.66 -2.81 -0.19
N GLY A 33 -1.09 -4.00 -0.07
CA GLY A 33 -1.15 -4.97 -1.15
C GLY A 33 -1.88 -6.24 -0.69
N GLY A 34 -2.53 -6.88 -1.66
CA GLY A 34 -3.28 -8.09 -1.37
C GLY A 34 -4.39 -7.84 -0.35
N LEU A 35 -5.52 -7.37 -0.87
CA LEU A 35 -6.66 -7.08 -0.01
C LEU A 35 -7.70 -8.18 -0.17
N SER A 36 -7.37 -9.16 -1.00
CA SER A 36 -8.26 -10.27 -1.25
C SER A 36 -9.42 -9.82 -2.15
N PHE A 37 -9.36 -8.55 -2.55
CA PHE A 37 -10.39 -7.99 -3.41
C PHE A 37 -11.67 -7.71 -2.62
N GLU A 38 -11.62 -8.06 -1.34
CA GLU A 38 -12.77 -7.85 -0.47
C GLU A 38 -12.48 -6.72 0.52
N THR A 39 -11.44 -6.91 1.31
CA THR A 39 -11.06 -5.92 2.30
C THR A 39 -11.28 -4.51 1.75
N THR A 40 -12.39 -3.92 2.16
CA THR A 40 -12.74 -2.57 1.73
C THR A 40 -11.91 -1.54 2.49
N GLU A 41 -12.35 -0.29 2.39
CA GLU A 41 -11.67 0.80 3.07
C GLU A 41 -11.74 0.61 4.58
N GLU A 42 -12.95 0.39 5.06
CA GLU A 42 -13.17 0.20 6.48
C GLU A 42 -12.47 -1.08 6.96
N SER A 43 -12.94 -2.20 6.44
CA SER A 43 -12.36 -3.48 6.79
C SER A 43 -10.85 -3.36 6.93
N LEU A 44 -10.30 -2.45 6.15
CA LEU A 44 -8.86 -2.23 6.17
C LEU A 44 -8.50 -1.36 7.38
N ARG A 45 -9.03 -0.15 7.38
CA ARG A 45 -8.77 0.78 8.47
C ARG A 45 -9.04 0.10 9.82
N ASN A 46 -10.12 -0.64 9.86
CA ASN A 46 -10.49 -1.35 11.08
C ASN A 46 -9.26 -2.06 11.64
N TYR A 47 -8.38 -2.46 10.74
CA TYR A 47 -7.16 -3.15 11.14
C TYR A 47 -6.00 -2.16 11.31
N TYR A 48 -5.92 -1.23 10.37
CA TYR A 48 -4.87 -0.23 10.40
C TYR A 48 -5.28 0.97 11.25
N GLU A 49 -6.25 0.74 12.12
CA GLU A 49 -6.74 1.79 12.99
C GLU A 49 -6.09 1.68 14.37
N GLN A 50 -5.78 0.46 14.76
CA GLN A 50 -5.16 0.20 16.04
C GLN A 50 -3.78 0.86 16.11
N TRP A 51 -3.11 0.85 14.97
CA TRP A 51 -1.79 1.43 14.87
C TRP A 51 -1.94 2.96 14.82
N GLY A 52 -2.87 3.39 13.97
CA GLY A 52 -3.13 4.81 13.82
C GLY A 52 -4.38 5.05 12.96
N LYS A 53 -4.92 6.25 13.08
CA LYS A 53 -6.11 6.62 12.33
C LYS A 53 -5.69 7.08 10.93
N LEU A 54 -6.16 6.33 9.93
CA LEU A 54 -5.85 6.65 8.55
C LEU A 54 -6.67 7.87 8.12
N THR A 55 -6.00 9.03 8.14
CA THR A 55 -6.65 10.27 7.76
C THR A 55 -7.44 10.07 6.46
N ASP A 56 -7.00 9.11 5.67
CA ASP A 56 -7.66 8.81 4.41
C ASP A 56 -7.27 7.40 3.96
N CYS A 57 -8.29 6.64 3.58
CA CYS A 57 -8.07 5.28 3.11
C CYS A 57 -8.76 5.10 1.76
N VAL A 58 -8.02 4.55 0.82
CA VAL A 58 -8.56 4.32 -0.51
C VAL A 58 -8.20 2.91 -0.97
N VAL A 59 -9.16 2.27 -1.62
CA VAL A 59 -8.96 0.92 -2.11
C VAL A 59 -9.21 0.88 -3.63
N MET A 60 -8.13 0.63 -4.36
CA MET A 60 -8.21 0.58 -5.81
C MET A 60 -9.05 -0.60 -6.27
N ARG A 61 -9.63 -0.46 -7.45
CA ARG A 61 -10.48 -1.50 -8.00
C ARG A 61 -10.23 -1.64 -9.50
N ASP A 62 -10.26 -2.88 -9.97
CA ASP A 62 -10.04 -3.15 -11.38
C ASP A 62 -10.76 -2.08 -12.22
N PRO A 63 -9.97 -1.43 -13.12
CA PRO A 63 -10.52 -0.39 -13.98
C PRO A 63 -11.35 -1.01 -15.10
N ALA A 64 -11.17 -2.31 -15.30
CA ALA A 64 -11.89 -3.02 -16.33
C ALA A 64 -13.03 -3.82 -15.70
N SER A 65 -12.71 -4.46 -14.59
CA SER A 65 -13.69 -5.26 -13.87
C SER A 65 -14.59 -4.36 -13.03
N LYS A 66 -14.00 -3.26 -12.57
CA LYS A 66 -14.74 -2.30 -11.76
C LYS A 66 -15.22 -3.00 -10.49
N ARG A 67 -14.35 -3.81 -9.91
CA ARG A 67 -14.67 -4.53 -8.70
C ARG A 67 -13.66 -4.22 -7.60
N SER A 68 -12.51 -4.87 -7.70
CA SER A 68 -11.45 -4.67 -6.73
C SER A 68 -10.11 -5.10 -7.32
N ARG A 69 -9.06 -4.37 -6.96
CA ARG A 69 -7.73 -4.66 -7.44
C ARG A 69 -6.98 -5.54 -6.43
N GLY A 70 -7.17 -5.23 -5.16
CA GLY A 70 -6.53 -5.98 -4.10
C GLY A 70 -5.44 -5.16 -3.43
N PHE A 71 -5.52 -3.85 -3.62
CA PHE A 71 -4.55 -2.94 -3.03
C PHE A 71 -5.09 -1.52 -2.97
N GLY A 72 -4.60 -0.77 -1.99
CA GLY A 72 -5.04 0.61 -1.80
C GLY A 72 -3.98 1.41 -1.06
N PHE A 73 -4.42 2.51 -0.47
CA PHE A 73 -3.52 3.38 0.27
C PHE A 73 -4.09 3.72 1.65
N VAL A 74 -3.19 3.99 2.58
CA VAL A 74 -3.59 4.32 3.93
C VAL A 74 -2.68 5.42 4.47
N THR A 75 -3.26 6.60 4.65
CA THR A 75 -2.51 7.74 5.16
C THR A 75 -2.78 7.94 6.65
N PHE A 76 -1.74 7.71 7.44
CA PHE A 76 -1.85 7.85 8.88
C PHE A 76 -1.78 9.33 9.29
N SER A 77 -2.13 9.57 10.54
CA SER A 77 -2.12 10.92 11.07
C SER A 77 -0.71 11.28 11.55
N SER A 78 -0.06 10.30 12.18
CA SER A 78 1.28 10.50 12.69
C SER A 78 2.26 9.59 11.97
N MET A 79 3.52 9.99 11.97
CA MET A 79 4.56 9.22 11.32
C MET A 79 5.05 8.08 12.22
N ALA A 80 4.63 8.14 13.47
CA ALA A 80 5.02 7.13 14.45
C ALA A 80 4.13 5.90 14.26
N GLU A 81 2.83 6.15 14.14
CA GLU A 81 1.87 5.08 13.97
C GLU A 81 2.18 4.29 12.69
N VAL A 82 2.29 5.04 11.60
CA VAL A 82 2.59 4.42 10.31
C VAL A 82 3.84 3.56 10.43
N ASP A 83 4.89 4.16 10.97
CA ASP A 83 6.15 3.45 11.15
C ASP A 83 5.89 2.13 11.86
N ALA A 84 4.89 2.15 12.72
CA ALA A 84 4.52 0.97 13.48
C ALA A 84 4.04 -0.12 12.52
N ALA A 85 2.92 0.17 11.88
CA ALA A 85 2.33 -0.77 10.93
C ALA A 85 3.45 -1.38 10.08
N MET A 86 4.31 -0.52 9.58
CA MET A 86 5.42 -0.96 8.74
C MET A 86 6.18 -2.11 9.41
N ALA A 87 6.61 -1.85 10.64
CA ALA A 87 7.34 -2.86 11.40
C ALA A 87 6.36 -3.66 12.26
N ALA A 88 5.31 -4.15 11.61
CA ALA A 88 4.31 -4.94 12.29
C ALA A 88 3.80 -6.04 11.36
N ARG A 89 4.73 -6.58 10.58
CA ARG A 89 4.39 -7.64 9.64
C ARG A 89 4.55 -9.01 10.31
N PRO A 90 3.88 -10.02 9.69
CA PRO A 90 3.10 -9.79 8.49
C PRO A 90 1.78 -9.09 8.83
N HIS A 91 0.98 -8.89 7.80
CA HIS A 91 -0.31 -8.23 7.96
C HIS A 91 -1.43 -9.16 7.48
N SER A 92 -2.20 -9.64 8.45
CA SER A 92 -3.30 -10.54 8.13
C SER A 92 -4.62 -9.78 8.17
N ILE A 93 -5.37 -9.89 7.08
CA ILE A 93 -6.64 -9.21 6.96
C ILE A 93 -7.69 -10.20 6.45
N ASP A 94 -8.73 -10.39 7.26
CA ASP A 94 -9.79 -11.29 6.91
C ASP A 94 -9.23 -12.70 6.74
N GLY A 95 -8.02 -12.89 7.24
CA GLY A 95 -7.35 -14.17 7.14
C GLY A 95 -6.45 -14.24 5.90
N ARG A 96 -6.20 -13.07 5.33
CA ARG A 96 -5.37 -12.99 4.14
C ARG A 96 -4.00 -12.41 4.51
N VAL A 97 -2.97 -12.99 3.90
CA VAL A 97 -1.61 -12.53 4.14
C VAL A 97 -1.30 -11.35 3.23
N VAL A 98 -1.83 -10.19 3.62
CA VAL A 98 -1.61 -8.98 2.84
C VAL A 98 -0.17 -8.51 3.01
N GLU A 99 0.24 -7.62 2.14
CA GLU A 99 1.59 -7.08 2.18
C GLU A 99 1.57 -5.56 2.03
N PRO A 100 1.85 -4.86 3.16
CA PRO A 100 1.88 -3.40 3.16
C PRO A 100 3.13 -2.88 2.46
N LYS A 101 3.03 -1.64 2.00
CA LYS A 101 4.15 -1.00 1.32
C LYS A 101 4.18 0.49 1.69
N ARG A 102 5.37 1.07 1.54
CA ARG A 102 5.55 2.47 1.86
C ARG A 102 4.81 3.34 0.85
N ALA A 103 4.78 2.86 -0.39
CA ALA A 103 4.10 3.59 -1.46
C ALA A 103 5.06 4.63 -2.04
N VAL A 104 6.35 4.37 -1.87
CA VAL A 104 7.35 5.29 -2.37
C VAL A 104 7.89 4.77 -3.71
N ALA A 105 8.90 5.46 -4.21
CA ALA A 105 9.50 5.09 -5.48
C ALA A 105 8.50 5.34 -6.61
N ARG A 106 8.82 6.33 -7.43
CA ARG A 106 7.95 6.69 -8.54
C ARG A 106 8.76 7.40 -9.63
N GLU A 107 9.19 8.61 -9.29
CA GLU A 107 9.97 9.41 -10.23
C GLU A 107 9.13 9.78 -11.45
N GLU A 108 9.18 11.05 -11.81
CA GLU A 108 8.43 11.53 -12.96
C GLU A 108 9.19 12.64 -13.67
N SER A 109 9.89 12.26 -14.73
CA SER A 109 10.67 13.22 -15.50
C SER A 109 9.77 13.92 -16.52
N GLY A 110 10.30 15.02 -17.06
CA GLY A 110 9.56 15.79 -18.04
C GLY A 110 10.42 16.10 -19.26
N SER A 111 10.06 17.16 -19.95
CA SER A 111 10.78 17.58 -21.14
C SER A 111 10.78 19.10 -21.27
N GLY A 112 11.91 19.64 -21.70
CA GLY A 112 12.04 21.08 -21.86
C GLY A 112 13.44 21.54 -21.49
N PRO A 113 13.82 22.73 -22.04
CA PRO A 113 15.13 23.30 -21.76
C PRO A 113 15.19 23.90 -20.36
N SER A 114 16.40 24.24 -19.95
CA SER A 114 16.60 24.82 -18.63
C SER A 114 17.98 25.50 -18.56
N SER A 115 19.01 24.69 -18.80
CA SER A 115 20.37 25.19 -18.76
C SER A 115 21.35 24.07 -19.07
N GLY A 116 22.54 24.46 -19.51
CA GLY A 116 23.57 23.49 -19.84
C GLY A 116 24.94 24.16 -19.88
#